data_7SVG
#
_entry.id   7SVG
#
_cell.length_a   59.147
_cell.length_b   153.115
_cell.length_c   94.979
_cell.angle_alpha   90.000
_cell.angle_beta   105.795
_cell.angle_gamma   90.000
#
_symmetry.space_group_name_H-M   'P 1 21 1'
#
loop_
_entity.id
_entity.type
_entity.pdbx_description
1 polymer 'Choloylglycine hydrolase'
2 non-polymer '2-AMINOETHANESULFONIC ACID'
3 non-polymer 'CHENODEOXYCHOLIC ACID'
4 water water
#
_entity_poly.entity_id   1
_entity_poly.type   'polypeptide(L)'
_entity_poly.pdbx_seq_one_letter_code
;M(OCS)TGLRFTDDQGNLYFGRNLDVGQDYGEGVIITPRNYPLPYKFLDNTTTKKAVIGMGIVVDGYPSYFDCFNEDGLG
IAGLNFPHFAKFSDGPIDGKINLASYEIMLWVTQNFTKVSDVKEALKNVNLVNEAINSSFAVAPLHWIISDKDEAIIVEV
SKQYGMKVFDDKLGVLTNSPDFNWHLTNLGNYTGLDPHDATAQSWNGQKVAPWGVGTGSLGLPGDSIPADRFVKAAYLNV
NYPTVKGEKANVAKFFNILKSVAMIKGSVVNKLGSDEYTVYTACYSAATKTYYCNFENDFELKTYKLDDETMNADKLITY
HHHHHH
;
_entity_poly.pdbx_strand_id   A,B,C,D
#
loop_
_chem_comp.id
_chem_comp.type
_chem_comp.name
_chem_comp.formula
JN3 non-polymer 'CHENODEOXYCHOLIC ACID' 'C24 H40 O4'
TAU non-polymer '2-AMINOETHANESULFONIC ACID' 'C2 H7 N O3 S'
#
# COMPACT_ATOMS: atom_id res chain seq x y z
N OCS A 2 4.47 -18.77 -8.56
CA OCS A 2 3.37 -19.67 -8.92
CB OCS A 2 3.72 -21.14 -8.66
SG OCS A 2 5.28 -21.73 -9.31
C OCS A 2 2.10 -19.38 -8.12
O OCS A 2 2.17 -18.97 -6.95
OD1 OCS A 2 6.30 -21.43 -8.36
OD2 OCS A 2 5.20 -23.15 -9.39
OD3 OCS A 2 5.56 -21.18 -10.58
N THR A 3 0.96 -19.64 -8.74
CA THR A 3 -0.32 -19.55 -8.03
C THR A 3 -1.20 -20.74 -8.39
N GLY A 4 -1.69 -21.47 -7.39
CA GLY A 4 -2.64 -22.54 -7.61
C GLY A 4 -4.04 -22.08 -7.25
N LEU A 5 -5.03 -22.62 -7.96
CA LEU A 5 -6.40 -22.15 -7.84
C LEU A 5 -7.35 -23.33 -8.05
N ARG A 6 -8.37 -23.42 -7.20
CA ARG A 6 -9.48 -24.35 -7.43
C ARG A 6 -10.80 -23.75 -6.96
N PHE A 7 -11.88 -24.16 -7.63
CA PHE A 7 -13.25 -23.86 -7.23
C PHE A 7 -14.16 -24.82 -7.98
N THR A 8 -15.45 -24.78 -7.63
CA THR A 8 -16.46 -25.58 -8.32
C THR A 8 -17.57 -24.69 -8.85
N ASP A 9 -18.37 -25.26 -9.74
CA ASP A 9 -19.59 -24.60 -10.17
C ASP A 9 -20.73 -25.00 -9.24
N ASP A 10 -21.98 -24.78 -9.68
CA ASP A 10 -23.15 -25.08 -8.87
C ASP A 10 -23.42 -26.58 -8.80
N GLN A 11 -22.88 -27.36 -9.73
CA GLN A 11 -23.15 -28.79 -9.86
C GLN A 11 -22.03 -29.66 -9.33
N GLY A 12 -21.06 -29.10 -8.62
CA GLY A 12 -19.95 -29.88 -8.13
C GLY A 12 -18.88 -30.20 -9.13
N ASN A 13 -18.81 -29.46 -10.24
CA ASN A 13 -17.78 -29.66 -11.24
C ASN A 13 -16.55 -28.83 -10.86
N LEU A 14 -15.39 -29.50 -10.79
CA LEU A 14 -14.16 -28.90 -10.30
C LEU A 14 -13.36 -28.28 -11.44
N TYR A 15 -12.86 -27.07 -11.19
CA TYR A 15 -11.90 -26.39 -12.05
C TYR A 15 -10.68 -26.10 -11.20
N PHE A 16 -9.51 -26.62 -11.61
CA PHE A 16 -8.34 -26.66 -10.75
C PHE A 16 -7.10 -26.56 -11.62
N GLY A 17 -6.19 -25.65 -11.28
CA GLY A 17 -4.97 -25.52 -12.04
C GLY A 17 -4.02 -24.50 -11.46
N ARG A 18 -3.16 -23.91 -12.29
CA ARG A 18 -2.07 -23.10 -11.75
C ARG A 18 -1.45 -22.22 -12.82
N ASN A 19 -0.79 -21.15 -12.35
CA ASN A 19 0.25 -20.44 -13.09
C ASN A 19 1.60 -21.04 -12.75
N LEU A 20 2.47 -21.16 -13.76
CA LEU A 20 3.88 -21.49 -13.52
C LEU A 20 4.67 -20.20 -13.71
N ASP A 21 5.29 -19.72 -12.63
CA ASP A 21 6.04 -18.46 -12.64
C ASP A 21 7.51 -18.79 -12.47
N VAL A 22 8.32 -18.54 -13.50
CA VAL A 22 9.70 -18.98 -13.52
C VAL A 22 10.55 -17.99 -14.30
N GLY A 23 11.87 -18.18 -14.23
CA GLY A 23 12.86 -17.34 -14.86
C GLY A 23 13.34 -17.79 -16.21
N GLN A 24 12.75 -18.86 -16.76
CA GLN A 24 13.13 -19.41 -18.05
C GLN A 24 12.11 -20.49 -18.38
N ASP A 25 12.00 -20.82 -19.66
CA ASP A 25 11.23 -22.00 -20.05
C ASP A 25 12.10 -23.24 -19.88
N TYR A 26 11.45 -24.34 -19.48
CA TYR A 26 12.14 -25.59 -19.19
C TYR A 26 11.89 -26.67 -20.23
N GLY A 27 11.22 -26.34 -21.33
CA GLY A 27 10.91 -27.33 -22.34
C GLY A 27 9.74 -28.22 -21.99
N GLU A 28 8.95 -27.85 -20.98
CA GLU A 28 7.84 -28.68 -20.55
C GLU A 28 6.73 -28.67 -21.60
N GLY A 29 5.85 -29.66 -21.50
CA GLY A 29 4.72 -29.79 -22.42
C GLY A 29 3.66 -30.65 -21.76
N VAL A 30 2.52 -30.75 -22.43
CA VAL A 30 1.41 -31.55 -21.90
C VAL A 30 1.70 -33.02 -22.13
N ILE A 31 1.49 -33.83 -21.10
CA ILE A 31 1.75 -35.26 -21.14
C ILE A 31 0.49 -35.98 -20.67
N ILE A 32 0.00 -36.90 -21.49
CA ILE A 32 -1.03 -37.85 -21.04
C ILE A 32 -0.33 -39.17 -20.74
N THR A 33 -0.49 -39.64 -19.51
CA THR A 33 0.00 -40.96 -19.14
C THR A 33 -1.20 -41.89 -19.13
N PRO A 34 -1.25 -42.89 -20.00
CA PRO A 34 -2.45 -43.72 -20.09
C PRO A 34 -2.48 -44.76 -18.98
N ARG A 35 -3.60 -45.47 -18.90
CA ARG A 35 -3.72 -46.58 -17.98
C ARG A 35 -2.70 -47.67 -18.30
N ASN A 36 -2.29 -48.41 -17.26
CA ASN A 36 -1.41 -49.56 -17.39
C ASN A 36 0.00 -49.18 -17.85
N TYR A 37 0.45 -47.97 -17.54
CA TYR A 37 1.78 -47.56 -17.95
C TYR A 37 2.79 -47.89 -16.84
N PRO A 38 4.01 -48.31 -17.18
CA PRO A 38 4.97 -48.70 -16.13
C PRO A 38 5.21 -47.57 -15.15
N LEU A 39 5.21 -47.91 -13.87
CA LEU A 39 5.33 -46.91 -12.80
C LEU A 39 6.32 -47.43 -11.76
N PRO A 40 7.60 -47.16 -11.93
CA PRO A 40 8.58 -47.59 -10.94
C PRO A 40 8.60 -46.63 -9.75
N TYR A 41 9.00 -47.18 -8.59
CA TYR A 41 9.18 -46.41 -7.38
C TYR A 41 10.56 -46.68 -6.79
N LYS A 42 11.10 -45.68 -6.08
CA LYS A 42 12.41 -45.84 -5.47
C LYS A 42 12.37 -46.70 -4.22
N PHE A 43 11.30 -46.61 -3.44
CA PHE A 43 11.20 -47.29 -2.16
C PHE A 43 10.00 -48.22 -2.04
N LEU A 44 8.96 -48.02 -2.84
CA LEU A 44 7.82 -48.93 -2.90
C LEU A 44 8.02 -49.92 -4.05
N ASP A 45 7.17 -50.94 -4.09
CA ASP A 45 7.19 -51.89 -5.19
C ASP A 45 6.89 -51.16 -6.49
N ASN A 46 7.53 -51.61 -7.58
CA ASN A 46 7.17 -51.12 -8.90
C ASN A 46 5.76 -51.60 -9.26
N THR A 47 5.08 -50.82 -10.08
CA THR A 47 3.69 -51.16 -10.43
C THR A 47 3.39 -50.59 -11.81
N THR A 48 2.11 -50.43 -12.11
CA THR A 48 1.66 -49.75 -13.32
C THR A 48 0.60 -48.73 -12.92
N THR A 49 0.40 -47.72 -13.77
CA THR A 49 -0.68 -46.78 -13.51
C THR A 49 -2.03 -47.49 -13.63
N LYS A 50 -2.95 -47.11 -12.75
CA LYS A 50 -4.32 -47.60 -12.80
C LYS A 50 -5.30 -46.56 -13.29
N LYS A 51 -4.90 -45.28 -13.34
CA LYS A 51 -5.76 -44.19 -13.74
C LYS A 51 -5.02 -43.34 -14.75
N ALA A 52 -5.70 -42.96 -15.82
CA ALA A 52 -5.07 -42.04 -16.76
C ALA A 52 -4.93 -40.69 -16.08
N VAL A 53 -3.82 -40.00 -16.38
CA VAL A 53 -3.59 -38.65 -15.88
C VAL A 53 -3.14 -37.74 -17.01
N ILE A 54 -3.33 -36.44 -16.80
CA ILE A 54 -2.95 -35.41 -17.75
C ILE A 54 -2.36 -34.26 -16.96
N GLY A 55 -1.39 -33.56 -17.56
CA GLY A 55 -0.82 -32.39 -16.92
C GLY A 55 0.42 -31.94 -17.67
N MET A 56 1.10 -30.95 -17.10
CA MET A 56 2.29 -30.41 -17.74
C MET A 56 3.53 -31.02 -17.09
N GLY A 57 4.54 -31.33 -17.89
CA GLY A 57 5.77 -31.82 -17.31
C GLY A 57 6.86 -32.15 -18.32
N ILE A 58 7.81 -32.97 -17.85
CA ILE A 58 8.98 -33.37 -18.61
C ILE A 58 9.07 -34.89 -18.51
N VAL A 59 9.42 -35.55 -19.61
CA VAL A 59 9.62 -37.00 -19.59
C VAL A 59 11.11 -37.26 -19.40
N VAL A 60 11.44 -38.07 -18.39
CA VAL A 60 12.81 -38.42 -18.08
C VAL A 60 12.92 -39.93 -18.16
N ASP A 61 13.55 -40.43 -19.23
CA ASP A 61 13.79 -41.87 -19.39
C ASP A 61 12.49 -42.65 -19.22
N GLY A 62 11.44 -42.18 -19.89
CA GLY A 62 10.15 -42.83 -19.87
C GLY A 62 9.27 -42.53 -18.67
N TYR A 63 9.78 -41.78 -17.68
CA TYR A 63 8.99 -41.43 -16.50
C TYR A 63 8.40 -40.04 -16.69
N PRO A 64 7.06 -39.88 -16.71
CA PRO A 64 6.45 -38.55 -16.85
C PRO A 64 6.58 -37.82 -15.51
N SER A 65 7.37 -36.75 -15.51
CA SER A 65 7.67 -35.99 -14.30
C SER A 65 6.81 -34.73 -14.35
N TYR A 66 5.73 -34.72 -13.57
CA TYR A 66 4.70 -33.69 -13.72
C TYR A 66 4.94 -32.48 -12.83
N PHE A 67 4.71 -31.29 -13.40
CA PHE A 67 4.61 -30.06 -12.61
C PHE A 67 3.23 -29.94 -11.97
N ASP A 68 2.20 -30.45 -12.64
CA ASP A 68 0.83 -30.55 -12.19
C ASP A 68 0.24 -31.78 -12.89
N CYS A 69 -0.70 -32.45 -12.22
CA CYS A 69 -1.14 -33.78 -12.67
C CYS A 69 -2.58 -33.98 -12.20
N PHE A 70 -3.47 -34.44 -13.10
CA PHE A 70 -4.89 -34.58 -12.80
C PHE A 70 -5.39 -35.92 -13.32
N ASN A 71 -6.06 -36.68 -12.45
CA ASN A 71 -6.48 -38.01 -12.88
C ASN A 71 -7.91 -38.02 -13.47
N GLU A 72 -8.22 -39.12 -14.17
CA GLU A 72 -9.52 -39.25 -14.83
C GLU A 72 -10.69 -39.24 -13.85
N ASP A 73 -10.45 -39.42 -12.55
CA ASP A 73 -11.50 -39.42 -11.55
C ASP A 73 -11.69 -38.07 -10.86
N GLY A 74 -11.01 -37.03 -11.34
CA GLY A 74 -11.25 -35.69 -10.86
C GLY A 74 -10.41 -35.24 -9.69
N LEU A 75 -9.32 -35.93 -9.40
CA LEU A 75 -8.43 -35.52 -8.32
C LEU A 75 -7.09 -35.12 -8.91
N GLY A 76 -6.54 -34.00 -8.43
CA GLY A 76 -5.30 -33.49 -8.97
C GLY A 76 -4.37 -32.95 -7.91
N ILE A 77 -3.17 -32.63 -8.35
CA ILE A 77 -2.11 -32.11 -7.49
C ILE A 77 -1.22 -31.20 -8.33
N ALA A 78 -0.76 -30.09 -7.75
CA ALA A 78 0.20 -29.23 -8.41
C ALA A 78 1.35 -28.96 -7.45
N GLY A 79 2.58 -29.02 -7.95
CA GLY A 79 3.76 -28.71 -7.17
C GLY A 79 4.25 -27.30 -7.46
N LEU A 80 4.34 -26.48 -6.43
CA LEU A 80 4.70 -25.08 -6.54
C LEU A 80 5.96 -24.84 -5.71
N ASN A 81 6.71 -23.80 -6.10
CA ASN A 81 7.99 -23.53 -5.44
C ASN A 81 7.78 -23.15 -3.98
N PHE A 82 8.67 -23.63 -3.12
CA PHE A 82 8.60 -23.39 -1.68
C PHE A 82 10.01 -23.17 -1.16
N PRO A 83 10.70 -22.16 -1.69
CA PRO A 83 12.12 -21.97 -1.37
C PRO A 83 12.28 -21.47 0.06
N HIS A 84 13.47 -21.74 0.62
CA HIS A 84 13.83 -21.37 1.99
C HIS A 84 13.03 -22.11 3.05
N PHE A 85 12.27 -23.14 2.66
CA PHE A 85 11.41 -23.88 3.56
C PHE A 85 11.47 -25.37 3.26
N ALA A 86 11.20 -25.75 2.01
CA ALA A 86 11.08 -27.17 1.69
C ALA A 86 12.36 -27.93 2.06
N LYS A 87 12.21 -29.03 2.79
CA LYS A 87 13.34 -29.89 3.14
C LYS A 87 12.79 -31.28 3.38
N PHE A 88 13.30 -32.26 2.65
CA PHE A 88 12.81 -33.64 2.73
C PHE A 88 13.84 -34.50 3.47
N SER A 89 13.47 -35.74 3.74
CA SER A 89 14.30 -36.56 4.63
C SER A 89 15.55 -37.06 3.92
N ASP A 90 16.59 -37.34 4.70
CA ASP A 90 17.85 -37.76 4.10
C ASP A 90 17.74 -39.12 3.43
N GLY A 91 17.00 -40.03 4.05
CA GLY A 91 16.76 -41.32 3.44
C GLY A 91 15.39 -41.80 3.82
N PRO A 92 15.06 -43.03 3.44
CA PRO A 92 13.76 -43.59 3.83
C PRO A 92 13.74 -43.89 5.31
N ILE A 93 12.52 -43.91 5.87
CA ILE A 93 12.32 -44.18 7.29
C ILE A 93 11.53 -45.47 7.42
N ASP A 94 12.01 -46.37 8.28
CA ASP A 94 11.35 -47.66 8.44
C ASP A 94 9.91 -47.47 8.90
N GLY A 95 9.00 -48.22 8.28
CA GLY A 95 7.60 -48.20 8.64
C GLY A 95 6.76 -47.19 7.88
N LYS A 96 7.37 -46.18 7.26
CA LYS A 96 6.62 -45.18 6.52
C LYS A 96 6.42 -45.64 5.07
N ILE A 97 5.46 -45.00 4.40
CA ILE A 97 5.37 -45.04 2.95
C ILE A 97 6.38 -44.02 2.43
N ASN A 98 7.51 -44.50 1.92
CA ASN A 98 8.61 -43.62 1.55
C ASN A 98 8.50 -43.26 0.08
N LEU A 99 8.47 -41.96 -0.23
CA LEU A 99 8.41 -41.46 -1.59
C LEU A 99 9.56 -40.49 -1.80
N ALA A 100 10.32 -40.68 -2.85
CA ALA A 100 11.14 -39.56 -3.30
C ALA A 100 10.18 -38.42 -3.66
N SER A 101 10.56 -37.18 -3.35
CA SER A 101 9.55 -36.13 -3.38
C SER A 101 8.88 -36.02 -4.75
N TYR A 102 9.62 -36.25 -5.83
CA TYR A 102 9.02 -36.17 -7.17
C TYR A 102 7.96 -37.24 -7.40
N GLU A 103 8.00 -38.33 -6.63
CA GLU A 103 7.03 -39.42 -6.81
C GLU A 103 5.65 -39.07 -6.25
N ILE A 104 5.51 -37.99 -5.49
CA ILE A 104 4.21 -37.67 -4.91
C ILE A 104 3.16 -37.43 -5.98
N MET A 105 3.57 -36.91 -7.15
CA MET A 105 2.59 -36.52 -8.16
C MET A 105 1.78 -37.73 -8.63
N LEU A 106 2.48 -38.81 -8.97
CA LEU A 106 1.79 -40.00 -9.44
C LEU A 106 1.29 -40.86 -8.30
N TRP A 107 1.93 -40.81 -7.13
CA TRP A 107 1.40 -41.57 -6.01
C TRP A 107 0.02 -41.09 -5.63
N VAL A 108 -0.17 -39.77 -5.55
CA VAL A 108 -1.47 -39.21 -5.22
C VAL A 108 -2.49 -39.52 -6.32
N THR A 109 -2.14 -39.26 -7.58
CA THR A 109 -3.14 -39.39 -8.64
C THR A 109 -3.44 -40.84 -9.01
N GLN A 110 -2.55 -41.78 -8.70
CA GLN A 110 -2.83 -43.17 -9.05
C GLN A 110 -3.62 -43.90 -7.99
N ASN A 111 -3.55 -43.47 -6.74
CA ASN A 111 -4.03 -44.28 -5.63
C ASN A 111 -5.29 -43.74 -4.97
N PHE A 112 -5.79 -42.57 -5.38
CA PHE A 112 -6.87 -41.93 -4.67
C PHE A 112 -7.83 -41.24 -5.62
N THR A 113 -9.08 -41.13 -5.20
CA THR A 113 -10.06 -40.26 -5.83
C THR A 113 -10.63 -39.22 -4.88
N LYS A 114 -10.38 -39.35 -3.58
CA LYS A 114 -10.89 -38.41 -2.58
C LYS A 114 -9.75 -37.83 -1.76
N VAL A 115 -9.77 -36.51 -1.58
CA VAL A 115 -8.79 -35.86 -0.70
C VAL A 115 -8.90 -36.40 0.72
N SER A 116 -10.10 -36.76 1.18
CA SER A 116 -10.22 -37.32 2.52
C SER A 116 -9.36 -38.57 2.68
N ASP A 117 -9.30 -39.40 1.63
CA ASP A 117 -8.44 -40.58 1.67
C ASP A 117 -6.97 -40.20 1.59
N VAL A 118 -6.62 -39.21 0.77
CA VAL A 118 -5.23 -38.75 0.72
C VAL A 118 -4.78 -38.28 2.09
N LYS A 119 -5.60 -37.46 2.74
CA LYS A 119 -5.21 -36.90 4.02
C LYS A 119 -4.92 -38.00 5.04
N GLU A 120 -5.74 -39.05 5.04
CA GLU A 120 -5.51 -40.15 5.97
C GLU A 120 -4.22 -40.89 5.64
N ALA A 121 -3.97 -41.16 4.36
CA ALA A 121 -2.78 -41.90 3.97
C ALA A 121 -1.51 -41.10 4.24
N LEU A 122 -1.57 -39.77 4.10
CA LEU A 122 -0.38 -38.95 4.30
C LEU A 122 0.14 -39.02 5.73
N LYS A 123 -0.69 -39.44 6.68
CA LYS A 123 -0.24 -39.56 8.06
C LYS A 123 0.94 -40.52 8.19
N ASN A 124 1.12 -41.45 7.24
CA ASN A 124 2.25 -42.38 7.29
C ASN A 124 3.20 -42.23 6.10
N VAL A 125 3.17 -41.08 5.41
CA VAL A 125 4.05 -40.86 4.27
C VAL A 125 5.28 -40.09 4.73
N ASN A 126 6.43 -40.46 4.18
CA ASN A 126 7.69 -39.75 4.40
C ASN A 126 8.25 -39.37 3.04
N LEU A 127 8.46 -38.07 2.81
CA LEU A 127 9.06 -37.60 1.57
C LEU A 127 10.58 -37.55 1.72
N VAL A 128 11.27 -38.13 0.74
CA VAL A 128 12.72 -38.31 0.77
C VAL A 128 13.39 -37.35 -0.20
N ASN A 129 14.53 -36.81 0.21
CA ASN A 129 15.35 -35.89 -0.57
C ASN A 129 16.19 -36.68 -1.58
N GLU A 130 15.51 -37.15 -2.62
CA GLU A 130 16.15 -37.88 -3.71
C GLU A 130 15.47 -37.52 -5.02
N ALA A 131 16.29 -37.26 -6.03
CA ALA A 131 15.77 -36.97 -7.36
C ALA A 131 15.65 -38.25 -8.18
N ILE A 132 15.12 -38.12 -9.40
CA ILE A 132 14.92 -39.28 -10.26
C ILE A 132 16.25 -39.97 -10.52
N ASN A 133 17.31 -39.20 -10.74
CA ASN A 133 18.66 -39.76 -10.76
C ASN A 133 19.64 -38.68 -10.32
N SER A 134 20.87 -39.11 -10.03
CA SER A 134 21.87 -38.23 -9.43
C SER A 134 22.25 -37.06 -10.32
N SER A 135 21.79 -37.02 -11.57
CA SER A 135 22.05 -35.88 -12.42
C SER A 135 21.20 -34.68 -12.05
N PHE A 136 20.04 -34.92 -11.43
CA PHE A 136 19.02 -33.89 -11.26
C PHE A 136 19.07 -33.30 -9.85
N ALA A 137 18.68 -32.02 -9.75
CA ALA A 137 18.44 -31.40 -8.47
C ALA A 137 17.06 -31.79 -7.96
N VAL A 138 16.91 -31.78 -6.64
CA VAL A 138 15.59 -31.96 -6.03
C VAL A 138 14.89 -30.60 -6.00
N ALA A 139 13.64 -30.57 -6.45
CA ALA A 139 12.91 -29.30 -6.44
C ALA A 139 12.36 -29.01 -5.05
N PRO A 140 12.50 -27.79 -4.56
CA PRO A 140 12.01 -27.46 -3.20
C PRO A 140 10.54 -27.05 -3.25
N LEU A 141 9.64 -28.03 -3.32
CA LEU A 141 8.22 -27.79 -3.61
C LEU A 141 7.34 -27.94 -2.37
N HIS A 142 6.17 -27.33 -2.47
CA HIS A 142 5.00 -27.70 -1.68
C HIS A 142 3.86 -27.95 -2.65
N TRP A 143 2.76 -28.56 -2.17
CA TRP A 143 1.74 -29.06 -3.07
C TRP A 143 0.35 -28.63 -2.64
N ILE A 144 -0.50 -28.39 -3.62
CA ILE A 144 -1.95 -28.27 -3.43
C ILE A 144 -2.62 -29.48 -4.09
N ILE A 145 -3.50 -30.14 -3.35
CA ILE A 145 -4.21 -31.33 -3.81
C ILE A 145 -5.70 -31.06 -3.66
N SER A 146 -6.48 -31.36 -4.69
CA SER A 146 -7.90 -31.03 -4.62
C SER A 146 -8.75 -32.07 -5.34
N ASP A 147 -9.94 -32.30 -4.80
CA ASP A 147 -11.05 -32.91 -5.49
C ASP A 147 -12.20 -31.91 -5.52
N LYS A 148 -13.39 -32.38 -5.92
CA LYS A 148 -14.54 -31.48 -6.01
C LYS A 148 -15.05 -31.00 -4.66
N ASP A 149 -14.64 -31.65 -3.57
CA ASP A 149 -15.15 -31.33 -2.24
C ASP A 149 -14.20 -30.46 -1.42
N GLU A 150 -12.89 -30.64 -1.57
CA GLU A 150 -11.98 -29.94 -0.68
C GLU A 150 -10.58 -29.96 -1.26
N ALA A 151 -9.75 -29.06 -0.73
CA ALA A 151 -8.36 -28.98 -1.14
C ALA A 151 -7.51 -29.00 0.13
N ILE A 152 -6.32 -29.58 0.02
CA ILE A 152 -5.35 -29.59 1.11
C ILE A 152 -4.02 -29.09 0.58
N ILE A 153 -3.20 -28.55 1.49
CA ILE A 153 -1.84 -28.15 1.23
C ILE A 153 -0.93 -29.12 1.97
N VAL A 154 0.13 -29.58 1.29
CA VAL A 154 1.16 -30.43 1.89
C VAL A 154 2.47 -29.65 1.88
N GLU A 155 3.04 -29.46 3.06
CA GLU A 155 4.32 -28.76 3.21
C GLU A 155 5.22 -29.60 4.11
N VAL A 156 6.47 -29.77 3.70
CA VAL A 156 7.48 -30.46 4.50
C VAL A 156 8.68 -29.53 4.59
N SER A 157 8.93 -28.98 5.77
CA SER A 157 9.92 -27.93 5.91
C SER A 157 10.91 -28.25 7.03
N LYS A 158 12.07 -27.63 6.91
CA LYS A 158 13.02 -27.66 8.02
C LYS A 158 12.39 -27.07 9.27
N GLN A 159 11.57 -26.03 9.10
CA GLN A 159 11.01 -25.30 10.23
C GLN A 159 9.98 -26.13 10.99
N TYR A 160 9.09 -26.82 10.27
CA TYR A 160 7.89 -27.40 10.88
C TYR A 160 7.69 -28.88 10.61
N GLY A 161 8.59 -29.52 9.87
CA GLY A 161 8.34 -30.90 9.50
C GLY A 161 7.19 -31.00 8.51
N MET A 162 6.53 -32.15 8.50
CA MET A 162 5.43 -32.37 7.57
C MET A 162 4.10 -31.84 8.14
N LYS A 163 3.45 -30.97 7.38
CA LYS A 163 2.16 -30.39 7.75
C LYS A 163 1.17 -30.54 6.60
N VAL A 164 -0.08 -30.83 6.94
CA VAL A 164 -1.16 -30.95 5.97
C VAL A 164 -2.28 -30.04 6.43
N PHE A 165 -2.70 -29.10 5.57
CA PHE A 165 -3.67 -28.08 5.94
C PHE A 165 -4.89 -28.16 5.05
N ASP A 166 -6.08 -27.97 5.64
CA ASP A 166 -7.25 -27.73 4.83
C ASP A 166 -7.16 -26.33 4.20
N ASP A 167 -7.55 -26.22 2.93
CA ASP A 167 -7.43 -24.97 2.18
C ASP A 167 -8.80 -24.54 1.64
N LYS A 168 -9.61 -23.95 2.51
CA LYS A 168 -10.93 -23.46 2.10
C LYS A 168 -10.84 -22.26 1.17
N LEU A 169 -9.71 -21.57 1.12
CA LEU A 169 -9.54 -20.45 0.19
C LEU A 169 -9.36 -20.92 -1.24
N GLY A 170 -8.94 -22.16 -1.44
CA GLY A 170 -8.74 -22.69 -2.77
C GLY A 170 -7.52 -22.15 -3.52
N VAL A 171 -6.54 -21.58 -2.81
CA VAL A 171 -5.36 -20.98 -3.44
C VAL A 171 -4.08 -21.39 -2.71
N LEU A 172 -2.96 -21.24 -3.44
CA LEU A 172 -1.64 -21.46 -2.88
C LEU A 172 -0.66 -20.63 -3.71
N THR A 173 0.37 -20.06 -3.08
CA THR A 173 1.43 -19.42 -3.84
C THR A 173 2.77 -20.04 -3.45
N ASN A 174 3.70 -19.25 -2.92
CA ASN A 174 5.04 -19.69 -2.58
C ASN A 174 5.31 -19.35 -1.11
N SER A 175 6.56 -19.08 -0.77
CA SER A 175 6.93 -18.98 0.64
C SER A 175 6.49 -17.64 1.23
N PRO A 176 6.28 -17.57 2.54
CA PRO A 176 6.52 -18.61 3.56
C PRO A 176 5.45 -19.68 3.66
N ASP A 177 5.39 -20.36 4.82
CA ASP A 177 4.51 -21.50 5.00
C ASP A 177 3.02 -21.10 5.01
N PHE A 178 2.17 -22.12 4.86
CA PHE A 178 0.75 -21.87 4.63
C PHE A 178 0.09 -21.21 5.83
N ASN A 179 0.45 -21.64 7.05
CA ASN A 179 -0.15 -20.99 8.21
C ASN A 179 0.23 -19.52 8.30
N TRP A 180 1.44 -19.17 7.87
CA TRP A 180 1.82 -17.75 7.86
C TRP A 180 0.88 -16.96 6.97
N HIS A 181 0.60 -17.48 5.77
CA HIS A 181 -0.29 -16.77 4.86
C HIS A 181 -1.71 -16.69 5.41
N LEU A 182 -2.22 -17.81 5.95
CA LEU A 182 -3.56 -17.76 6.56
C LEU A 182 -3.63 -16.67 7.62
N THR A 183 -2.60 -16.59 8.46
CA THR A 183 -2.57 -15.57 9.51
C THR A 183 -2.51 -14.17 8.90
N ASN A 184 -1.79 -14.02 7.79
CA ASN A 184 -1.67 -12.71 7.17
C ASN A 184 -3.01 -12.16 6.71
N LEU A 185 -3.94 -13.04 6.31
CA LEU A 185 -5.22 -12.57 5.79
C LEU A 185 -5.97 -11.69 6.80
N GLY A 186 -5.82 -11.95 8.09
CA GLY A 186 -6.48 -11.13 9.09
C GLY A 186 -6.06 -9.67 9.02
N ASN A 187 -4.89 -9.39 8.45
CA ASN A 187 -4.45 -8.00 8.31
C ASN A 187 -5.11 -7.29 7.13
N TYR A 188 -5.90 -8.00 6.33
CA TYR A 188 -6.57 -7.43 5.16
C TYR A 188 -8.09 -7.48 5.28
N THR A 189 -8.60 -7.62 6.51
CA THR A 189 -10.04 -7.60 6.72
C THR A 189 -10.66 -6.25 6.36
N GLY A 190 -9.85 -5.20 6.24
CA GLY A 190 -10.36 -3.92 5.78
C GLY A 190 -10.78 -3.88 4.32
N LEU A 191 -10.39 -4.90 3.55
CA LEU A 191 -10.84 -4.98 2.15
C LEU A 191 -12.34 -5.22 2.09
N ASP A 192 -13.01 -4.57 1.13
CA ASP A 192 -14.47 -4.75 0.92
C ASP A 192 -14.76 -4.54 -0.57
N PRO A 193 -15.43 -5.50 -1.22
CA PRO A 193 -15.80 -5.27 -2.62
C PRO A 193 -16.71 -4.08 -2.82
N HIS A 194 -17.47 -3.69 -1.81
CA HIS A 194 -18.43 -2.60 -1.96
C HIS A 194 -17.72 -1.25 -2.05
N ASP A 195 -18.09 -0.46 -3.05
CA ASP A 195 -17.48 0.86 -3.21
C ASP A 195 -17.78 1.75 -2.00
N ALA A 196 -16.81 2.61 -1.67
CA ALA A 196 -17.07 3.71 -0.76
C ALA A 196 -18.01 4.71 -1.42
N THR A 197 -18.53 5.64 -0.65
CA THR A 197 -19.36 6.71 -1.21
C THR A 197 -18.83 8.06 -0.76
N ALA A 198 -19.49 9.11 -1.25
CA ALA A 198 -19.02 10.47 -1.01
C ALA A 198 -18.99 10.77 0.49
N GLN A 199 -17.94 11.46 0.91
CA GLN A 199 -17.72 11.79 2.30
C GLN A 199 -17.51 13.29 2.44
N SER A 200 -17.65 13.76 3.68
CA SER A 200 -17.39 15.15 4.04
C SER A 200 -16.26 15.16 5.06
N TRP A 201 -15.08 15.64 4.62
CA TRP A 201 -13.92 15.74 5.49
C TRP A 201 -13.88 17.20 5.96
N ASN A 202 -14.45 17.43 7.15
CA ASN A 202 -14.63 18.79 7.68
C ASN A 202 -15.23 19.73 6.65
N GLY A 203 -16.21 19.24 5.90
CA GLY A 203 -16.90 20.03 4.93
C GLY A 203 -16.32 20.00 3.53
N GLN A 204 -15.11 19.46 3.36
CA GLN A 204 -14.57 19.25 2.03
C GLN A 204 -15.17 17.98 1.45
N LYS A 205 -15.83 18.10 0.30
CA LYS A 205 -16.41 16.94 -0.35
C LYS A 205 -15.29 16.05 -0.89
N VAL A 206 -15.21 14.82 -0.40
CA VAL A 206 -14.22 13.85 -0.82
C VAL A 206 -14.99 12.67 -1.35
N ALA A 207 -14.95 12.46 -2.66
CA ALA A 207 -15.80 11.44 -3.26
C ALA A 207 -15.00 10.61 -4.25
N PRO A 208 -15.35 9.33 -4.40
CA PRO A 208 -14.64 8.48 -5.35
C PRO A 208 -14.68 9.08 -6.75
N TRP A 209 -13.60 8.85 -7.50
CA TRP A 209 -13.60 9.22 -8.91
C TRP A 209 -14.09 8.10 -9.81
N GLY A 210 -14.05 6.85 -9.33
CA GLY A 210 -14.53 5.72 -10.08
C GLY A 210 -14.78 4.58 -9.11
N VAL A 211 -15.18 3.44 -9.66
CA VAL A 211 -15.44 2.26 -8.83
C VAL A 211 -14.12 1.62 -8.40
N GLY A 212 -14.23 0.78 -7.37
CA GLY A 212 -13.10 0.01 -6.84
C GLY A 212 -12.59 0.48 -5.48
N THR A 213 -13.16 1.53 -4.90
CA THR A 213 -12.56 2.18 -3.73
C THR A 213 -12.58 1.31 -2.48
N GLY A 214 -13.44 0.29 -2.40
CA GLY A 214 -13.47 -0.53 -1.19
C GLY A 214 -12.26 -1.43 -1.02
N SER A 215 -11.50 -1.67 -2.09
CA SER A 215 -10.36 -2.56 -2.05
C SER A 215 -9.03 -1.80 -1.93
N LEU A 216 -9.08 -0.54 -1.49
CA LEU A 216 -7.88 0.19 -1.10
C LEU A 216 -6.97 -0.71 -0.26
N GLY A 217 -5.69 -0.76 -0.64
CA GLY A 217 -4.73 -1.59 0.06
C GLY A 217 -4.52 -2.98 -0.49
N LEU A 218 -5.28 -3.38 -1.50
CA LEU A 218 -5.06 -4.70 -2.11
C LEU A 218 -3.74 -4.64 -2.88
N PRO A 219 -2.76 -5.48 -2.56
CA PRO A 219 -1.45 -5.38 -3.25
C PRO A 219 -1.48 -5.97 -4.66
N GLY A 220 -0.77 -5.31 -5.57
CA GLY A 220 -0.73 -5.74 -6.95
C GLY A 220 0.62 -6.23 -7.45
N ASP A 221 1.61 -6.30 -6.56
CA ASP A 221 2.93 -6.81 -6.87
C ASP A 221 2.94 -8.34 -6.77
N SER A 222 4.08 -8.93 -7.14
CA SER A 222 4.20 -10.39 -7.27
C SER A 222 4.85 -11.06 -6.07
N ILE A 223 5.13 -10.35 -4.98
CA ILE A 223 5.62 -11.00 -3.78
C ILE A 223 4.66 -12.13 -3.41
N PRO A 224 5.13 -13.33 -3.02
CA PRO A 224 4.17 -14.43 -2.83
C PRO A 224 3.06 -14.13 -1.83
N ALA A 225 3.37 -13.45 -0.72
CA ALA A 225 2.33 -13.11 0.24
C ALA A 225 1.26 -12.22 -0.38
N ASP A 226 1.66 -11.35 -1.28
CA ASP A 226 0.71 -10.41 -1.87
C ASP A 226 -0.17 -11.10 -2.90
N ARG A 227 0.42 -11.98 -3.71
CA ARG A 227 -0.41 -12.76 -4.63
C ARG A 227 -1.35 -13.69 -3.88
N PHE A 228 -0.93 -14.19 -2.71
CA PHE A 228 -1.82 -15.04 -1.92
C PHE A 228 -3.05 -14.27 -1.45
N VAL A 229 -2.84 -13.07 -0.88
CA VAL A 229 -3.96 -12.23 -0.44
C VAL A 229 -4.90 -11.94 -1.60
N LYS A 230 -4.37 -11.50 -2.73
CA LYS A 230 -5.24 -11.11 -3.83
C LYS A 230 -5.95 -12.33 -4.44
N ALA A 231 -5.23 -13.43 -4.63
CA ALA A 231 -5.87 -14.61 -5.20
C ALA A 231 -6.98 -15.12 -4.29
N ALA A 232 -6.73 -15.19 -2.98
CA ALA A 232 -7.77 -15.61 -2.04
C ALA A 232 -8.96 -14.67 -2.11
N TYR A 233 -8.70 -13.36 -2.06
CA TYR A 233 -9.78 -12.37 -2.09
C TYR A 233 -10.62 -12.50 -3.37
N LEU A 234 -9.96 -12.68 -4.50
CA LEU A 234 -10.68 -12.84 -5.76
C LEU A 234 -11.47 -14.14 -5.80
N ASN A 235 -10.87 -15.23 -5.33
CA ASN A 235 -11.56 -16.52 -5.43
C ASN A 235 -12.79 -16.55 -4.55
N VAL A 236 -12.69 -16.06 -3.30
CA VAL A 236 -13.85 -16.19 -2.42
C VAL A 236 -14.96 -15.22 -2.78
N ASN A 237 -14.66 -14.14 -3.51
CA ASN A 237 -15.67 -13.17 -3.90
C ASN A 237 -16.19 -13.34 -5.32
N TYR A 238 -15.56 -14.18 -6.13
CA TYR A 238 -16.05 -14.41 -7.49
C TYR A 238 -17.31 -15.28 -7.39
N PRO A 239 -18.42 -14.86 -7.99
CA PRO A 239 -19.64 -15.65 -7.88
C PRO A 239 -19.47 -17.02 -8.53
N THR A 240 -20.30 -17.95 -8.12
CA THR A 240 -20.36 -19.22 -8.82
C THR A 240 -21.00 -18.99 -10.18
N VAL A 241 -20.45 -19.62 -11.21
CA VAL A 241 -20.92 -19.43 -12.57
C VAL A 241 -21.33 -20.78 -13.15
N LYS A 242 -22.06 -20.74 -14.27
CA LYS A 242 -22.70 -21.92 -14.83
C LYS A 242 -22.07 -22.29 -16.17
N GLY A 243 -21.73 -23.57 -16.32
CA GLY A 243 -21.31 -24.10 -17.59
C GLY A 243 -19.81 -24.11 -17.78
N GLU A 244 -19.36 -24.96 -18.70
CA GLU A 244 -17.94 -25.17 -18.92
C GLU A 244 -17.24 -23.89 -19.37
N LYS A 245 -17.77 -23.22 -20.40
CA LYS A 245 -17.09 -22.03 -20.91
C LYS A 245 -16.96 -20.97 -19.82
N ALA A 246 -18.04 -20.72 -19.07
CA ALA A 246 -18.02 -19.66 -18.07
C ALA A 246 -17.05 -19.97 -16.93
N ASN A 247 -16.97 -21.24 -16.52
CA ASN A 247 -16.09 -21.59 -15.40
C ASN A 247 -14.63 -21.58 -15.83
N VAL A 248 -14.34 -22.07 -17.04
CA VAL A 248 -12.97 -21.98 -17.54
C VAL A 248 -12.56 -20.51 -17.66
N ALA A 249 -13.49 -19.66 -18.13
CA ALA A 249 -13.18 -18.25 -18.26
C ALA A 249 -12.94 -17.62 -16.89
N LYS A 250 -13.84 -17.89 -15.93
CA LYS A 250 -13.63 -17.43 -14.55
C LYS A 250 -12.25 -17.84 -14.04
N PHE A 251 -11.88 -19.10 -14.28
CA PHE A 251 -10.58 -19.59 -13.83
C PHE A 251 -9.42 -18.76 -14.39
N PHE A 252 -9.40 -18.59 -15.72
CA PHE A 252 -8.34 -17.80 -16.35
C PHE A 252 -8.42 -16.33 -15.97
N ASN A 253 -9.62 -15.80 -15.73
CA ASN A 253 -9.74 -14.41 -15.28
C ASN A 253 -8.99 -14.19 -13.98
N ILE A 254 -9.15 -15.11 -13.02
CA ILE A 254 -8.50 -14.97 -11.73
C ILE A 254 -6.99 -15.17 -11.86
N LEU A 255 -6.57 -16.27 -12.49
CA LEU A 255 -5.14 -16.53 -12.55
C LEU A 255 -4.40 -15.50 -13.42
N LYS A 256 -5.04 -14.95 -14.46
CA LYS A 256 -4.36 -13.92 -15.24
C LYS A 256 -4.30 -12.60 -14.49
N SER A 257 -5.23 -12.38 -13.55
CA SER A 257 -5.19 -11.18 -12.72
C SER A 257 -3.96 -11.17 -11.82
N VAL A 258 -3.57 -12.34 -11.32
CA VAL A 258 -2.42 -12.46 -10.41
C VAL A 258 -1.18 -13.00 -11.13
N ALA A 259 -1.16 -13.01 -12.45
CA ALA A 259 0.02 -13.47 -13.16
C ALA A 259 1.20 -12.54 -12.91
N MET A 260 2.39 -13.11 -13.08
CA MET A 260 3.65 -12.37 -12.94
C MET A 260 4.02 -11.88 -14.34
N ILE A 261 3.99 -10.56 -14.54
CA ILE A 261 4.03 -9.99 -15.89
C ILE A 261 5.48 -9.76 -16.33
N LYS A 262 5.82 -10.23 -17.53
CA LYS A 262 7.21 -10.20 -17.95
C LYS A 262 7.75 -8.78 -18.01
N GLY A 263 8.96 -8.59 -17.49
CA GLY A 263 9.59 -7.29 -17.36
C GLY A 263 9.32 -6.59 -16.05
N SER A 264 8.29 -7.01 -15.32
CA SER A 264 7.95 -6.39 -14.05
C SER A 264 8.72 -6.99 -12.87
N VAL A 265 9.34 -8.17 -13.04
CA VAL A 265 10.12 -8.83 -12.00
C VAL A 265 11.44 -9.26 -12.61
N VAL A 266 12.54 -8.74 -12.08
CA VAL A 266 13.88 -9.19 -12.47
C VAL A 266 14.56 -9.79 -11.23
N ASN A 267 14.89 -11.08 -11.30
CA ASN A 267 15.46 -11.74 -10.12
C ASN A 267 16.90 -11.27 -9.88
N LYS A 268 17.45 -11.67 -8.72
CA LYS A 268 18.77 -11.19 -8.34
C LYS A 268 19.86 -11.65 -9.28
N LEU A 269 19.59 -12.64 -10.14
CA LEU A 269 20.53 -13.10 -11.16
C LEU A 269 20.32 -12.42 -12.51
N GLY A 270 19.41 -11.44 -12.59
CA GLY A 270 19.22 -10.67 -13.79
C GLY A 270 18.22 -11.19 -14.80
N SER A 271 17.49 -12.28 -14.50
CA SER A 271 16.51 -12.83 -15.42
C SER A 271 15.10 -12.36 -15.09
N ASP A 272 14.28 -12.14 -16.13
CA ASP A 272 12.87 -11.86 -15.93
C ASP A 272 12.19 -13.12 -15.37
N GLU A 273 11.39 -12.94 -14.32
CA GLU A 273 10.51 -13.97 -13.81
C GLU A 273 9.08 -13.65 -14.21
N TYR A 274 8.36 -14.62 -14.76
CA TYR A 274 7.05 -14.33 -15.30
C TYR A 274 6.22 -15.60 -15.41
N THR A 275 4.92 -15.41 -15.58
CA THR A 275 4.00 -16.54 -15.78
C THR A 275 4.20 -17.12 -17.17
N VAL A 276 4.87 -18.27 -17.24
CA VAL A 276 5.16 -18.88 -18.54
C VAL A 276 3.93 -19.60 -19.10
N TYR A 277 3.10 -20.18 -18.24
CA TYR A 277 1.83 -20.76 -18.68
C TYR A 277 0.80 -20.67 -17.57
N THR A 278 -0.46 -20.74 -17.97
CA THR A 278 -1.60 -20.86 -17.07
C THR A 278 -2.39 -22.08 -17.55
N ALA A 279 -2.74 -22.98 -16.63
CA ALA A 279 -3.44 -24.20 -17.00
C ALA A 279 -4.64 -24.43 -16.09
N CYS A 280 -5.72 -24.96 -16.65
CA CYS A 280 -6.92 -25.32 -15.92
C CYS A 280 -7.34 -26.72 -16.33
N TYR A 281 -7.56 -27.61 -15.35
CA TYR A 281 -8.16 -28.91 -15.62
C TYR A 281 -9.63 -28.86 -15.24
N SER A 282 -10.52 -29.19 -16.19
CA SER A 282 -11.93 -29.32 -15.90
C SER A 282 -12.26 -30.79 -15.69
N ALA A 283 -12.57 -31.16 -14.45
CA ALA A 283 -12.87 -32.56 -14.17
C ALA A 283 -14.07 -33.05 -14.99
N ALA A 284 -15.07 -32.18 -15.18
CA ALA A 284 -16.31 -32.61 -15.84
C ALA A 284 -16.06 -33.07 -17.27
N THR A 285 -15.16 -32.40 -17.99
CA THR A 285 -14.87 -32.74 -19.38
C THR A 285 -13.53 -33.45 -19.54
N LYS A 286 -12.84 -33.75 -18.43
CA LYS A 286 -11.50 -34.34 -18.46
C LYS A 286 -10.58 -33.59 -19.42
N THR A 287 -10.69 -32.26 -19.45
CA THR A 287 -9.95 -31.46 -20.40
C THR A 287 -8.96 -30.56 -19.68
N TYR A 288 -7.73 -30.53 -20.16
CA TYR A 288 -6.68 -29.65 -19.69
C TYR A 288 -6.56 -28.48 -20.67
N TYR A 289 -6.83 -27.26 -20.18
CA TYR A 289 -6.74 -26.04 -20.98
C TYR A 289 -5.47 -25.29 -20.59
N CYS A 290 -4.76 -24.75 -21.57
CA CYS A 290 -3.59 -23.95 -21.21
C CYS A 290 -3.30 -22.89 -22.26
N ASN A 291 -2.64 -21.83 -21.82
CA ASN A 291 -1.99 -20.88 -22.72
C ASN A 291 -0.64 -20.47 -22.14
N PHE A 292 0.12 -19.72 -22.93
CA PHE A 292 1.52 -19.44 -22.63
C PHE A 292 1.77 -17.94 -22.76
N GLU A 293 2.87 -17.47 -22.16
CA GLU A 293 3.19 -16.04 -22.18
C GLU A 293 3.26 -15.51 -23.61
N ASN A 294 3.71 -16.33 -24.56
CA ASN A 294 3.92 -15.88 -25.93
C ASN A 294 2.90 -16.43 -26.92
N ASP A 295 1.80 -17.02 -26.43
CA ASP A 295 0.75 -17.54 -27.31
C ASP A 295 -0.51 -17.65 -26.45
N PHE A 296 -1.44 -16.72 -26.65
CA PHE A 296 -2.58 -16.60 -25.75
C PHE A 296 -3.72 -17.55 -26.08
N GLU A 297 -3.70 -18.18 -27.25
CA GLU A 297 -4.77 -19.08 -27.65
C GLU A 297 -4.91 -20.19 -26.62
N LEU A 298 -6.15 -20.46 -26.23
CA LEU A 298 -6.42 -21.54 -25.27
C LEU A 298 -6.30 -22.87 -26.00
N LYS A 299 -5.30 -23.66 -25.64
CA LYS A 299 -5.15 -25.00 -26.22
C LYS A 299 -5.81 -26.02 -25.29
N THR A 300 -6.35 -27.08 -25.88
CA THR A 300 -7.06 -28.10 -25.11
C THR A 300 -6.54 -29.48 -25.42
N TYR A 301 -6.44 -30.30 -24.37
CA TYR A 301 -6.00 -31.69 -24.42
C TYR A 301 -6.92 -32.50 -23.52
N LYS A 302 -7.23 -33.74 -23.92
CA LYS A 302 -8.35 -34.41 -23.29
C LYS A 302 -8.03 -35.87 -22.97
N LEU A 303 -8.47 -36.31 -21.79
CA LEU A 303 -8.51 -37.74 -21.47
C LEU A 303 -9.79 -38.31 -22.07
N ASP A 304 -9.66 -39.19 -23.05
CA ASP A 304 -10.82 -39.81 -23.67
C ASP A 304 -10.51 -41.26 -23.94
N ASP A 305 -11.43 -41.94 -24.62
CA ASP A 305 -11.29 -43.37 -24.81
C ASP A 305 -10.03 -43.72 -25.59
N GLU A 306 -9.58 -42.83 -26.47
CA GLU A 306 -8.33 -43.06 -27.19
C GLU A 306 -7.11 -42.80 -26.31
N THR A 307 -7.02 -41.60 -25.72
CA THR A 307 -5.79 -41.25 -25.01
C THR A 307 -5.62 -42.01 -23.70
N MET A 308 -6.72 -42.32 -23.00
CA MET A 308 -6.62 -43.03 -21.73
C MET A 308 -6.12 -44.44 -21.90
N ASN A 309 -6.32 -45.02 -23.09
CA ASN A 309 -6.03 -46.43 -23.33
C ASN A 309 -4.85 -46.63 -24.28
N ALA A 310 -4.05 -45.59 -24.50
CA ALA A 310 -2.88 -45.71 -25.35
C ALA A 310 -1.84 -46.61 -24.71
N ASP A 311 -0.88 -47.07 -25.53
CA ASP A 311 0.17 -47.95 -25.04
C ASP A 311 1.48 -47.24 -24.76
N LYS A 312 1.53 -45.92 -24.93
CA LYS A 312 2.73 -45.14 -24.65
C LYS A 312 2.29 -43.77 -24.17
N LEU A 313 3.23 -43.01 -23.60
CA LEU A 313 2.91 -41.64 -23.22
C LEU A 313 2.53 -40.87 -24.47
N ILE A 314 1.57 -39.95 -24.33
CA ILE A 314 1.22 -39.00 -25.37
C ILE A 314 1.77 -37.64 -24.94
N THR A 315 2.63 -37.06 -25.77
CA THR A 315 3.24 -35.77 -25.45
C THR A 315 2.90 -34.76 -26.53
N TYR A 316 2.59 -33.54 -26.11
CA TYR A 316 2.24 -32.48 -27.03
C TYR A 316 3.22 -31.35 -26.84
N HIS A 317 3.78 -30.84 -27.93
CA HIS A 317 4.69 -29.71 -27.84
C HIS A 317 4.37 -28.63 -28.86
N OCS B 2 -12.33 0.84 -17.17
CA OCS B 2 -11.74 0.57 -18.49
CB OCS B 2 -12.36 1.42 -19.59
SG OCS B 2 -14.16 1.48 -19.65
C OCS B 2 -10.25 0.87 -18.47
O OCS B 2 -9.80 1.76 -17.75
OD1 OCS B 2 -14.58 2.54 -18.80
OD2 OCS B 2 -14.55 1.80 -20.98
OD3 OCS B 2 -14.72 0.24 -19.26
N THR B 3 -9.51 0.14 -19.29
CA THR B 3 -8.11 0.38 -19.50
C THR B 3 -7.83 0.29 -21.00
N GLY B 4 -7.18 1.31 -21.53
CA GLY B 4 -6.71 1.27 -22.91
C GLY B 4 -5.21 1.06 -22.94
N LEU B 5 -4.75 0.36 -23.99
CA LEU B 5 -3.34 -0.01 -24.06
C LEU B 5 -2.88 0.00 -25.51
N ARG B 6 -1.69 0.54 -25.76
CA ARG B 6 -1.05 0.40 -27.05
C ARG B 6 0.46 0.21 -26.87
N PHE B 7 1.06 -0.49 -27.82
CA PHE B 7 2.50 -0.62 -27.95
C PHE B 7 2.79 -1.15 -29.36
N THR B 8 4.08 -1.17 -29.71
CA THR B 8 4.50 -1.73 -31.00
C THR B 8 5.53 -2.83 -30.78
N ASP B 9 5.76 -3.59 -31.84
CA ASP B 9 6.83 -4.58 -31.87
C ASP B 9 8.12 -3.93 -32.37
N ASP B 10 9.10 -4.75 -32.74
CA ASP B 10 10.39 -4.27 -33.20
C ASP B 10 10.32 -3.61 -34.58
N GLN B 11 9.22 -3.79 -35.31
CA GLN B 11 9.11 -3.35 -36.70
C GLN B 11 7.98 -2.35 -36.92
N GLY B 12 7.52 -1.68 -35.87
CA GLY B 12 6.47 -0.70 -36.04
C GLY B 12 5.07 -1.25 -36.24
N ASN B 13 4.83 -2.51 -35.87
CA ASN B 13 3.50 -3.08 -35.93
C ASN B 13 2.77 -2.78 -34.62
N LEU B 14 1.61 -2.13 -34.74
CA LEU B 14 0.87 -1.61 -33.59
C LEU B 14 -0.10 -2.66 -33.06
N TYR B 15 -0.14 -2.77 -31.72
CA TYR B 15 -1.14 -3.55 -31.02
C TYR B 15 -1.84 -2.59 -30.07
N PHE B 16 -3.18 -2.48 -30.19
CA PHE B 16 -3.91 -1.39 -29.56
C PHE B 16 -5.32 -1.87 -29.24
N GLY B 17 -5.76 -1.67 -28.00
CA GLY B 17 -7.09 -2.13 -27.63
C GLY B 17 -7.42 -1.74 -26.21
N ARG B 18 -8.34 -2.50 -25.59
CA ARG B 18 -8.88 -2.02 -24.31
C ARG B 18 -9.63 -3.13 -23.59
N ASN B 19 -9.76 -2.94 -22.28
CA ASN B 19 -10.76 -3.63 -21.46
C ASN B 19 -11.99 -2.74 -21.37
N LEU B 20 -13.17 -3.33 -21.50
CA LEU B 20 -14.43 -2.64 -21.22
C LEU B 20 -14.92 -3.10 -19.86
N ASP B 21 -14.92 -2.19 -18.90
CA ASP B 21 -15.29 -2.50 -17.51
C ASP B 21 -16.60 -1.78 -17.23
N VAL B 22 -17.66 -2.55 -16.95
CA VAL B 22 -18.99 -1.97 -16.81
C VAL B 22 -19.80 -2.74 -15.79
N GLY B 23 -20.95 -2.17 -15.42
CA GLY B 23 -21.84 -2.75 -14.43
C GLY B 23 -23.24 -3.00 -14.95
N GLN B 24 -23.39 -3.06 -16.28
CA GLN B 24 -24.66 -3.37 -16.91
C GLN B 24 -24.36 -3.87 -18.32
N ASP B 25 -25.39 -4.43 -18.95
CA ASP B 25 -25.24 -4.99 -20.29
C ASP B 25 -25.59 -3.95 -21.34
N TYR B 26 -24.79 -3.89 -22.39
CA TYR B 26 -25.03 -2.98 -23.50
C TYR B 26 -25.34 -3.70 -24.81
N GLY B 27 -25.31 -5.02 -24.84
CA GLY B 27 -25.58 -5.74 -26.07
C GLY B 27 -24.60 -5.43 -27.18
N GLU B 28 -23.35 -5.15 -26.85
CA GLU B 28 -22.35 -4.85 -27.85
C GLU B 28 -21.88 -6.12 -28.56
N GLY B 29 -21.33 -5.93 -29.76
CA GLY B 29 -20.76 -7.01 -30.55
C GLY B 29 -19.82 -6.41 -31.56
N VAL B 30 -19.10 -7.28 -32.26
CA VAL B 30 -18.09 -6.82 -33.23
C VAL B 30 -18.79 -6.37 -34.49
N ILE B 31 -18.39 -5.21 -35.01
CA ILE B 31 -19.00 -4.63 -36.21
C ILE B 31 -17.89 -4.26 -37.18
N ILE B 32 -18.03 -4.68 -38.43
CA ILE B 32 -17.19 -4.17 -39.51
C ILE B 32 -18.02 -3.17 -40.31
N THR B 33 -17.51 -1.94 -40.44
CA THR B 33 -18.10 -0.96 -41.34
C THR B 33 -17.30 -0.94 -42.61
N PRO B 34 -17.90 -1.23 -43.77
CA PRO B 34 -17.10 -1.34 -45.00
C PRO B 34 -16.88 0.01 -45.66
N ARG B 35 -16.08 0.01 -46.73
CA ARG B 35 -15.86 1.22 -47.51
C ARG B 35 -17.14 1.64 -48.23
N ASN B 36 -17.28 2.94 -48.44
CA ASN B 36 -18.38 3.50 -49.23
C ASN B 36 -19.75 3.30 -48.57
N TYR B 37 -19.78 3.20 -47.21
CA TYR B 37 -21.00 3.00 -46.46
C TYR B 37 -21.56 4.34 -46.00
N PRO B 38 -22.88 4.50 -45.94
CA PRO B 38 -23.47 5.79 -45.55
C PRO B 38 -22.98 6.23 -44.18
N LEU B 39 -22.62 7.51 -44.08
CA LEU B 39 -22.05 8.06 -42.85
C LEU B 39 -22.67 9.42 -42.58
N PRO B 40 -23.77 9.48 -41.83
CA PRO B 40 -24.39 10.77 -41.52
C PRO B 40 -23.70 11.46 -40.35
N TYR B 41 -23.82 12.79 -40.36
CA TYR B 41 -23.34 13.63 -39.28
C TYR B 41 -24.46 14.59 -38.87
N LYS B 42 -24.46 14.94 -37.58
CA LYS B 42 -25.48 15.86 -37.06
C LYS B 42 -25.23 17.30 -37.52
N PHE B 43 -23.97 17.73 -37.57
CA PHE B 43 -23.62 19.12 -37.80
C PHE B 43 -22.68 19.30 -38.99
N LEU B 44 -22.43 18.24 -39.74
CA LEU B 44 -21.61 18.27 -40.94
C LEU B 44 -22.41 17.62 -42.06
N ASP B 45 -21.94 17.82 -43.29
CA ASP B 45 -22.57 17.16 -44.44
C ASP B 45 -22.47 15.65 -44.28
N ASN B 46 -23.56 14.95 -44.58
CA ASN B 46 -23.51 13.50 -44.65
C ASN B 46 -22.58 13.06 -45.78
N THR B 47 -21.99 11.89 -45.62
CA THR B 47 -21.02 11.44 -46.62
C THR B 47 -21.03 9.91 -46.63
N THR B 48 -19.97 9.32 -47.17
CA THR B 48 -19.78 7.87 -47.14
C THR B 48 -18.40 7.59 -46.57
N THR B 49 -18.23 6.37 -46.07
CA THR B 49 -16.95 6.03 -45.46
C THR B 49 -15.84 6.01 -46.49
N LYS B 50 -14.72 6.64 -46.13
CA LYS B 50 -13.50 6.59 -46.93
C LYS B 50 -12.75 5.27 -46.79
N LYS B 51 -12.93 4.55 -45.69
CA LYS B 51 -12.17 3.32 -45.49
C LYS B 51 -12.94 2.42 -44.55
N ALA B 52 -12.49 1.17 -44.45
CA ALA B 52 -13.15 0.21 -43.58
C ALA B 52 -12.64 0.35 -42.16
N VAL B 53 -13.52 0.05 -41.20
CA VAL B 53 -13.15 0.01 -39.79
C VAL B 53 -13.76 -1.22 -39.13
N ILE B 54 -13.14 -1.62 -38.02
CA ILE B 54 -13.60 -2.75 -37.23
C ILE B 54 -13.51 -2.35 -35.77
N GLY B 55 -14.42 -2.90 -34.96
CA GLY B 55 -14.39 -2.65 -33.53
C GLY B 55 -15.63 -3.19 -32.86
N MET B 56 -15.75 -2.89 -31.57
CA MET B 56 -16.92 -3.26 -30.79
C MET B 56 -17.92 -2.13 -30.62
N GLY B 57 -19.20 -2.45 -30.76
CA GLY B 57 -20.20 -1.41 -30.62
C GLY B 57 -21.62 -1.93 -30.74
N ILE B 58 -22.54 -0.98 -30.95
CA ILE B 58 -23.95 -1.28 -31.18
C ILE B 58 -24.37 -0.57 -32.45
N VAL B 59 -25.35 -1.14 -33.15
CA VAL B 59 -25.91 -0.53 -34.35
C VAL B 59 -27.23 0.13 -33.99
N VAL B 60 -27.36 1.40 -34.35
CA VAL B 60 -28.58 2.18 -34.08
C VAL B 60 -29.04 2.75 -35.41
N ASP B 61 -30.12 2.19 -35.96
CA ASP B 61 -30.68 2.67 -37.22
C ASP B 61 -29.64 2.70 -38.33
N GLY B 62 -28.90 1.58 -38.46
CA GLY B 62 -27.86 1.48 -39.46
C GLY B 62 -26.61 2.29 -39.19
N TYR B 63 -26.51 2.93 -38.02
CA TYR B 63 -25.29 3.67 -37.65
C TYR B 63 -24.48 2.83 -36.68
N PRO B 64 -23.23 2.49 -37.00
CA PRO B 64 -22.41 1.72 -36.07
C PRO B 64 -21.81 2.64 -35.02
N SER B 65 -22.30 2.52 -33.78
CA SER B 65 -21.84 3.33 -32.66
C SER B 65 -20.80 2.53 -31.88
N TYR B 66 -19.53 2.92 -32.03
CA TYR B 66 -18.42 2.11 -31.56
C TYR B 66 -17.98 2.49 -30.14
N PHE B 67 -17.66 1.47 -29.36
CA PHE B 67 -16.92 1.67 -28.10
C PHE B 67 -15.43 1.81 -28.36
N ASP B 68 -14.94 1.16 -29.42
CA ASP B 68 -13.57 1.27 -29.91
C ASP B 68 -13.60 0.92 -31.39
N CYS B 69 -12.75 1.59 -32.18
CA CYS B 69 -12.85 1.65 -33.63
C CYS B 69 -11.42 1.67 -34.18
N PHE B 70 -11.13 0.86 -35.22
CA PHE B 70 -9.80 0.78 -35.81
C PHE B 70 -9.92 0.72 -37.33
N ASN B 71 -9.18 1.60 -38.03
CA ASN B 71 -9.31 1.61 -39.48
C ASN B 71 -8.26 0.73 -40.18
N GLU B 72 -8.54 0.41 -41.44
CA GLU B 72 -7.65 -0.42 -42.25
C GLU B 72 -6.26 0.18 -42.43
N ASP B 73 -6.07 1.47 -42.12
CA ASP B 73 -4.76 2.10 -42.27
C ASP B 73 -3.98 2.16 -40.96
N GLY B 74 -4.46 1.50 -39.91
CA GLY B 74 -3.72 1.34 -38.68
C GLY B 74 -3.96 2.37 -37.60
N LEU B 75 -4.98 3.21 -37.74
CA LEU B 75 -5.31 4.24 -36.75
C LEU B 75 -6.57 3.84 -35.99
N GLY B 76 -6.54 3.93 -34.65
CA GLY B 76 -7.68 3.54 -33.86
C GLY B 76 -8.01 4.54 -32.77
N ILE B 77 -9.18 4.35 -32.17
CA ILE B 77 -9.67 5.19 -31.07
C ILE B 77 -10.50 4.32 -30.13
N ALA B 78 -10.38 4.55 -28.82
CA ALA B 78 -11.25 3.91 -27.85
C ALA B 78 -11.84 4.98 -26.94
N GLY B 79 -13.14 4.87 -26.67
CA GLY B 79 -13.81 5.74 -25.72
C GLY B 79 -13.97 5.05 -24.38
N LEU B 80 -13.46 5.71 -23.33
CA LEU B 80 -13.45 5.17 -21.98
C LEU B 80 -14.22 6.10 -21.05
N ASN B 81 -14.76 5.55 -19.96
CA ASN B 81 -15.55 6.37 -19.05
C ASN B 81 -14.70 7.48 -18.41
N PHE B 82 -15.31 8.66 -18.26
CA PHE B 82 -14.64 9.84 -17.71
C PHE B 82 -15.64 10.58 -16.83
N PRO B 83 -16.19 9.89 -15.82
CA PRO B 83 -17.26 10.49 -15.02
C PRO B 83 -16.73 11.61 -14.13
N HIS B 84 -17.64 12.50 -13.77
CA HIS B 84 -17.33 13.65 -12.92
C HIS B 84 -16.44 14.67 -13.61
N PHE B 85 -16.16 14.50 -14.90
CA PHE B 85 -15.27 15.39 -15.63
C PHE B 85 -15.84 15.72 -17.00
N ALA B 86 -16.16 14.70 -17.79
CA ALA B 86 -16.58 14.95 -19.16
C ALA B 86 -17.75 15.93 -19.23
N LYS B 87 -17.63 16.93 -20.09
CA LYS B 87 -18.73 17.84 -20.34
C LYS B 87 -18.54 18.40 -21.73
N PHE B 88 -19.58 18.30 -22.55
CA PHE B 88 -19.53 18.78 -23.92
C PHE B 88 -20.43 20.00 -24.09
N SER B 89 -20.36 20.62 -25.27
CA SER B 89 -21.03 21.91 -25.45
C SER B 89 -22.55 21.73 -25.59
N ASP B 90 -23.29 22.77 -25.20
CA ASP B 90 -24.74 22.67 -25.27
C ASP B 90 -25.23 22.51 -26.70
N GLY B 91 -24.66 23.27 -27.63
CA GLY B 91 -24.98 23.10 -29.02
C GLY B 91 -23.74 23.29 -29.87
N PRO B 92 -23.91 23.25 -31.18
CA PRO B 92 -22.77 23.53 -32.06
C PRO B 92 -22.33 24.96 -31.94
N ILE B 93 -21.06 25.20 -32.25
CA ILE B 93 -20.45 26.52 -32.18
C ILE B 93 -20.01 26.93 -33.58
N ASP B 94 -20.37 28.14 -33.98
CA ASP B 94 -20.05 28.59 -35.34
C ASP B 94 -18.54 28.64 -35.53
N GLY B 95 -18.10 28.25 -36.72
CA GLY B 95 -16.69 28.25 -37.06
C GLY B 95 -15.94 26.99 -36.68
N LYS B 96 -16.54 26.12 -35.88
CA LYS B 96 -15.89 24.89 -35.45
C LYS B 96 -16.39 23.71 -36.29
N ILE B 97 -15.56 22.66 -36.33
CA ILE B 97 -16.01 21.36 -36.80
C ILE B 97 -16.77 20.76 -35.63
N ASN B 98 -18.11 20.74 -35.72
CA ASN B 98 -18.94 20.30 -34.60
C ASN B 98 -19.28 18.83 -34.72
N LEU B 99 -19.03 18.08 -33.65
CA LEU B 99 -19.34 16.66 -33.60
C LEU B 99 -20.14 16.39 -32.34
N ALA B 100 -21.28 15.71 -32.47
CA ALA B 100 -21.83 15.08 -31.28
C ALA B 100 -20.76 14.14 -30.74
N SER B 101 -20.66 14.00 -29.42
CA SER B 101 -19.50 13.31 -28.87
C SER B 101 -19.36 11.90 -29.44
N TYR B 102 -20.49 11.21 -29.68
CA TYR B 102 -20.41 9.84 -30.21
C TYR B 102 -19.83 9.80 -31.62
N GLU B 103 -19.89 10.92 -32.36
CA GLU B 103 -19.41 10.96 -33.73
C GLU B 103 -17.88 11.00 -33.83
N ILE B 104 -17.18 11.23 -32.71
CA ILE B 104 -15.73 11.32 -32.81
C ILE B 104 -15.13 10.01 -33.29
N MET B 105 -15.78 8.88 -32.98
CA MET B 105 -15.17 7.59 -33.29
C MET B 105 -14.96 7.43 -34.79
N LEU B 106 -16.01 7.69 -35.57
CA LEU B 106 -15.86 7.55 -37.02
C LEU B 106 -15.24 8.78 -37.67
N TRP B 107 -15.37 9.95 -37.06
CA TRP B 107 -14.70 11.12 -37.63
C TRP B 107 -13.19 10.91 -37.64
N VAL B 108 -12.64 10.42 -36.53
CA VAL B 108 -11.20 10.16 -36.45
C VAL B 108 -10.80 9.04 -37.41
N THR B 109 -11.48 7.89 -37.35
CA THR B 109 -11.02 6.73 -38.11
C THR B 109 -11.31 6.84 -39.60
N GLN B 110 -12.28 7.65 -40.00
CA GLN B 110 -12.59 7.74 -41.42
C GLN B 110 -11.70 8.75 -42.13
N ASN B 111 -11.24 9.79 -41.42
CA ASN B 111 -10.63 10.93 -42.08
C ASN B 111 -9.10 10.97 -41.99
N PHE B 112 -8.48 10.08 -41.21
CA PHE B 112 -7.05 10.21 -40.98
C PHE B 112 -6.37 8.84 -40.99
N THR B 113 -5.05 8.89 -41.15
CA THR B 113 -4.15 7.76 -40.95
C THR B 113 -3.13 8.01 -39.85
N LYS B 114 -2.67 9.25 -39.69
CA LYS B 114 -1.64 9.58 -38.72
C LYS B 114 -2.22 10.43 -37.59
N VAL B 115 -1.79 10.13 -36.36
CA VAL B 115 -2.21 10.91 -35.21
C VAL B 115 -1.76 12.36 -35.34
N SER B 116 -0.62 12.61 -35.97
CA SER B 116 -0.16 14.00 -36.08
C SER B 116 -1.20 14.84 -36.83
N ASP B 117 -1.86 14.24 -37.81
CA ASP B 117 -2.90 14.96 -38.53
C ASP B 117 -4.17 15.08 -37.70
N VAL B 118 -4.52 14.05 -36.94
CA VAL B 118 -5.66 14.15 -36.04
C VAL B 118 -5.46 15.29 -35.05
N LYS B 119 -4.27 15.36 -34.46
CA LYS B 119 -3.97 16.38 -33.46
C LYS B 119 -4.13 17.78 -34.03
N GLU B 120 -3.66 18.00 -35.26
CA GLU B 120 -3.80 19.32 -35.86
C GLU B 120 -5.26 19.62 -36.16
N ALA B 121 -6.00 18.65 -36.69
CA ALA B 121 -7.41 18.86 -37.00
C ALA B 121 -8.24 19.13 -35.75
N LEU B 122 -7.89 18.49 -34.63
CA LEU B 122 -8.68 18.67 -33.42
C LEU B 122 -8.65 20.10 -32.90
N LYS B 123 -7.68 20.90 -33.32
CA LYS B 123 -7.60 22.30 -32.88
C LYS B 123 -8.87 23.07 -33.20
N ASN B 124 -9.68 22.61 -34.17
CA ASN B 124 -10.90 23.30 -34.53
C ASN B 124 -12.14 22.43 -34.35
N VAL B 125 -12.03 21.36 -33.56
CA VAL B 125 -13.18 20.49 -33.30
C VAL B 125 -13.86 20.93 -32.02
N ASN B 126 -15.19 20.90 -32.02
CA ASN B 126 -15.99 21.14 -30.82
C ASN B 126 -16.93 19.96 -30.62
N LEU B 127 -16.85 19.31 -29.45
CA LEU B 127 -17.72 18.20 -29.15
C LEU B 127 -19.00 18.70 -28.48
N VAL B 128 -20.14 18.22 -28.97
CA VAL B 128 -21.45 18.71 -28.57
C VAL B 128 -22.16 17.66 -27.71
N ASN B 129 -22.89 18.14 -26.70
CA ASN B 129 -23.65 17.30 -25.80
C ASN B 129 -24.98 16.91 -26.45
N GLU B 130 -24.87 15.98 -27.41
CA GLU B 130 -26.06 15.44 -28.06
C GLU B 130 -25.86 13.95 -28.33
N ALA B 131 -26.90 13.16 -28.02
CA ALA B 131 -26.88 11.73 -28.23
C ALA B 131 -27.32 11.37 -29.65
N ILE B 132 -27.16 10.10 -30.00
CA ILE B 132 -27.52 9.68 -31.35
C ILE B 132 -29.00 9.90 -31.62
N ASN B 133 -29.85 9.60 -30.63
CA ASN B 133 -31.25 10.01 -30.66
C ASN B 133 -31.72 10.22 -29.23
N SER B 134 -32.95 10.74 -29.09
CA SER B 134 -33.44 11.13 -27.78
C SER B 134 -33.63 9.96 -26.82
N SER B 135 -33.55 8.72 -27.31
CA SER B 135 -33.71 7.57 -26.43
C SER B 135 -32.42 7.19 -25.72
N PHE B 136 -31.30 7.81 -26.07
CA PHE B 136 -30.01 7.52 -25.45
C PHE B 136 -29.54 8.72 -24.66
N ALA B 137 -28.80 8.46 -23.59
CA ALA B 137 -28.09 9.51 -22.89
C ALA B 137 -26.70 9.67 -23.48
N VAL B 138 -26.10 10.84 -23.24
CA VAL B 138 -24.76 11.11 -23.71
C VAL B 138 -23.77 10.45 -22.76
N ALA B 139 -22.85 9.67 -23.31
CA ALA B 139 -21.88 8.98 -22.47
C ALA B 139 -20.77 9.95 -22.06
N PRO B 140 -20.40 10.02 -20.77
CA PRO B 140 -19.33 10.95 -20.36
C PRO B 140 -17.95 10.31 -20.57
N LEU B 141 -17.45 10.38 -21.79
CA LEU B 141 -16.25 9.66 -22.20
C LEU B 141 -15.04 10.59 -22.36
N HIS B 142 -13.86 9.97 -22.34
CA HIS B 142 -12.64 10.51 -22.91
C HIS B 142 -12.05 9.44 -23.83
N TRP B 143 -11.05 9.82 -24.63
CA TRP B 143 -10.60 8.96 -25.72
C TRP B 143 -9.09 8.84 -25.75
N ILE B 144 -8.62 7.64 -26.12
CA ILE B 144 -7.24 7.40 -26.52
C ILE B 144 -7.24 7.08 -28.02
N ILE B 145 -6.36 7.76 -28.76
CA ILE B 145 -6.22 7.62 -30.20
C ILE B 145 -4.76 7.25 -30.47
N SER B 146 -4.54 6.26 -31.33
CA SER B 146 -3.16 5.84 -31.55
C SER B 146 -2.95 5.37 -32.99
N ASP B 147 -1.76 5.64 -33.49
CA ASP B 147 -1.18 4.99 -34.65
C ASP B 147 0.12 4.29 -34.20
N LYS B 148 0.90 3.82 -35.16
CA LYS B 148 2.13 3.10 -34.82
C LYS B 148 3.21 3.99 -34.23
N ASP B 149 3.08 5.31 -34.35
CA ASP B 149 4.13 6.23 -33.93
C ASP B 149 3.84 6.89 -32.58
N GLU B 150 2.57 7.13 -32.24
CA GLU B 150 2.28 7.92 -31.05
C GLU B 150 0.81 7.75 -30.69
N ALA B 151 0.49 8.08 -29.44
CA ALA B 151 -0.87 8.07 -28.94
C ALA B 151 -1.17 9.42 -28.34
N ILE B 152 -2.44 9.84 -28.45
CA ILE B 152 -2.90 11.06 -27.79
C ILE B 152 -4.14 10.74 -26.97
N ILE B 153 -4.37 11.57 -25.96
CA ILE B 153 -5.57 11.54 -25.15
C ILE B 153 -6.38 12.80 -25.45
N VAL B 154 -7.69 12.63 -25.67
CA VAL B 154 -8.61 13.74 -25.84
C VAL B 154 -9.55 13.78 -24.64
N GLU B 155 -9.56 14.91 -23.94
CA GLU B 155 -10.44 15.11 -22.79
C GLU B 155 -11.12 16.47 -22.93
N VAL B 156 -12.44 16.49 -22.75
CA VAL B 156 -13.21 17.73 -22.73
C VAL B 156 -13.97 17.73 -21.43
N SER B 157 -13.59 18.64 -20.54
CA SER B 157 -14.13 18.65 -19.19
C SER B 157 -14.68 20.02 -18.84
N LYS B 158 -15.60 20.01 -17.87
CA LYS B 158 -16.00 21.26 -17.25
C LYS B 158 -14.81 21.94 -16.61
N GLN B 159 -13.91 21.16 -16.02
CA GLN B 159 -12.78 21.73 -15.28
C GLN B 159 -11.80 22.44 -16.19
N TYR B 160 -11.46 21.84 -17.33
CA TYR B 160 -10.34 22.30 -18.14
C TYR B 160 -10.66 22.59 -19.59
N GLY B 161 -11.90 22.41 -20.02
CA GLY B 161 -12.19 22.57 -21.43
C GLY B 161 -11.58 21.42 -22.22
N MET B 162 -11.28 21.70 -23.48
CA MET B 162 -10.77 20.65 -24.36
C MET B 162 -9.25 20.59 -24.30
N LYS B 163 -8.73 19.40 -24.02
CA LYS B 163 -7.30 19.18 -23.87
C LYS B 163 -6.88 17.98 -24.70
N VAL B 164 -5.72 18.08 -25.33
CA VAL B 164 -5.15 16.98 -26.12
C VAL B 164 -3.73 16.75 -25.62
N PHE B 165 -3.44 15.52 -25.15
CA PHE B 165 -2.18 15.20 -24.52
C PHE B 165 -1.46 14.12 -25.30
N ASP B 166 -0.14 14.25 -25.42
CA ASP B 166 0.70 13.13 -25.84
C ASP B 166 0.76 12.07 -24.75
N ASP B 167 0.67 10.80 -25.14
CA ASP B 167 0.61 9.68 -24.19
C ASP B 167 1.72 8.68 -24.50
N LYS B 168 2.94 8.97 -24.03
CA LYS B 168 4.06 8.07 -24.24
C LYS B 168 3.94 6.79 -23.41
N LEU B 169 3.13 6.81 -22.35
CA LEU B 169 2.90 5.60 -21.56
C LEU B 169 2.08 4.58 -22.31
N GLY B 170 1.26 5.02 -23.27
CA GLY B 170 0.44 4.08 -24.03
C GLY B 170 -0.74 3.51 -23.29
N VAL B 171 -1.18 4.15 -22.20
CA VAL B 171 -2.31 3.66 -21.41
C VAL B 171 -3.28 4.79 -21.10
N LEU B 172 -4.52 4.41 -20.75
CA LEU B 172 -5.53 5.33 -20.26
C LEU B 172 -6.49 4.52 -19.42
N THR B 173 -7.01 5.12 -18.33
CA THR B 173 -8.08 4.48 -17.57
C THR B 173 -9.29 5.43 -17.51
N ASN B 174 -9.71 5.83 -16.31
CA ASN B 174 -10.87 6.67 -16.09
C ASN B 174 -10.46 7.90 -15.29
N SER B 175 -11.37 8.45 -14.48
CA SER B 175 -11.12 9.74 -13.86
C SER B 175 -10.15 9.62 -12.68
N PRO B 176 -9.44 10.70 -12.33
CA PRO B 176 -9.58 12.05 -12.90
C PRO B 176 -8.83 12.27 -14.21
N ASP B 177 -8.51 13.53 -14.51
CA ASP B 177 -8.00 13.91 -15.82
C ASP B 177 -6.58 13.37 -16.04
N PHE B 178 -6.15 13.42 -17.30
CA PHE B 178 -4.91 12.74 -17.69
C PHE B 178 -3.70 13.37 -17.05
N ASN B 179 -3.66 14.70 -16.96
CA ASN B 179 -2.50 15.33 -16.31
C ASN B 179 -2.40 14.94 -14.85
N TRP B 180 -3.55 14.75 -14.18
CA TRP B 180 -3.51 14.29 -12.79
C TRP B 180 -2.79 12.94 -12.69
N HIS B 181 -3.14 12.00 -13.58
CA HIS B 181 -2.51 10.68 -13.55
C HIS B 181 -1.03 10.76 -13.88
N LEU B 182 -0.66 11.54 -14.91
CA LEU B 182 0.76 11.69 -15.23
C LEU B 182 1.52 12.20 -14.00
N THR B 183 0.96 13.19 -13.32
CA THR B 183 1.59 13.74 -12.12
C THR B 183 1.68 12.67 -11.03
N ASN B 184 0.65 11.85 -10.89
CA ASN B 184 0.66 10.80 -9.87
C ASN B 184 1.82 9.83 -10.06
N LEU B 185 2.27 9.59 -11.31
CA LEU B 185 3.31 8.60 -11.54
C LEU B 185 4.58 8.93 -10.76
N GLY B 186 4.87 10.23 -10.58
CA GLY B 186 6.07 10.62 -9.84
C GLY B 186 6.09 10.12 -8.42
N ASN B 187 4.92 9.83 -7.83
CA ASN B 187 4.86 9.29 -6.48
C ASN B 187 5.17 7.80 -6.42
N TYR B 188 5.37 7.16 -7.58
CA TYR B 188 5.65 5.73 -7.66
C TYR B 188 7.04 5.44 -8.22
N THR B 189 7.93 6.44 -8.23
CA THR B 189 9.28 6.22 -8.71
C THR B 189 10.06 5.23 -7.85
N GLY B 190 9.58 4.93 -6.65
CA GLY B 190 10.21 3.90 -5.83
C GLY B 190 10.01 2.49 -6.34
N LEU B 191 9.09 2.29 -7.28
CA LEU B 191 8.91 0.98 -7.89
C LEU B 191 10.14 0.60 -8.70
N ASP B 192 10.56 -0.67 -8.60
CA ASP B 192 11.73 -1.16 -9.31
C ASP B 192 11.49 -2.61 -9.68
N PRO B 193 11.58 -2.97 -10.95
CA PRO B 193 11.42 -4.40 -11.30
C PRO B 193 12.44 -5.29 -10.63
N HIS B 194 13.62 -4.76 -10.28
CA HIS B 194 14.69 -5.59 -9.73
C HIS B 194 14.38 -5.98 -8.29
N ASP B 195 14.50 -7.28 -8.01
CA ASP B 195 14.27 -7.78 -6.67
C ASP B 195 15.24 -7.14 -5.69
N ALA B 196 14.76 -6.95 -4.46
CA ALA B 196 15.65 -6.68 -3.35
C ALA B 196 16.47 -7.93 -3.04
N THR B 197 17.51 -7.78 -2.22
CA THR B 197 18.30 -8.91 -1.74
C THR B 197 18.38 -8.87 -0.22
N ALA B 198 19.07 -9.86 0.34
CA ALA B 198 19.12 -10.01 1.79
C ALA B 198 19.76 -8.79 2.44
N GLN B 199 19.22 -8.40 3.59
CA GLN B 199 19.64 -7.20 4.29
C GLN B 199 19.93 -7.56 5.74
N SER B 200 20.67 -6.66 6.41
CA SER B 200 20.94 -6.75 7.84
C SER B 200 20.23 -5.60 8.51
N TRP B 201 19.20 -5.92 9.30
CA TRP B 201 18.48 -4.92 10.09
C TRP B 201 19.03 -5.06 11.50
N ASN B 202 20.07 -4.26 11.78
CA ASN B 202 20.79 -4.33 13.05
C ASN B 202 21.20 -5.76 13.38
N GLY B 203 21.71 -6.49 12.39
CA GLY B 203 22.17 -7.86 12.58
C GLY B 203 21.12 -8.94 12.39
N GLN B 204 19.85 -8.58 12.34
CA GLN B 204 18.80 -9.53 11.99
C GLN B 204 18.81 -9.72 10.47
N LYS B 205 19.00 -10.95 10.01
CA LYS B 205 18.90 -11.20 8.58
C LYS B 205 17.44 -11.05 8.14
N VAL B 206 17.19 -10.12 7.23
CA VAL B 206 15.87 -9.88 6.66
C VAL B 206 16.03 -10.08 5.17
N ALA B 207 15.41 -11.13 4.62
CA ALA B 207 15.64 -11.51 3.24
C ALA B 207 14.33 -11.83 2.55
N PRO B 208 14.24 -11.57 1.25
CA PRO B 208 13.03 -11.92 0.50
C PRO B 208 12.70 -13.41 0.62
N TRP B 209 11.39 -13.69 0.64
CA TRP B 209 10.92 -15.07 0.59
C TRP B 209 10.69 -15.55 -0.84
N GLY B 210 10.49 -14.64 -1.78
CA GLY B 210 10.28 -14.98 -3.18
C GLY B 210 10.59 -13.75 -4.00
N VAL B 211 10.44 -13.88 -5.32
CA VAL B 211 10.70 -12.75 -6.22
C VAL B 211 9.53 -11.76 -6.15
N GLY B 212 9.80 -10.53 -6.62
CA GLY B 212 8.81 -9.48 -6.74
C GLY B 212 8.96 -8.34 -5.77
N THR B 213 9.97 -8.38 -4.89
CA THR B 213 10.04 -7.43 -3.78
C THR B 213 10.28 -5.99 -4.22
N GLY B 214 10.84 -5.76 -5.41
CA GLY B 214 11.12 -4.39 -5.82
C GLY B 214 9.89 -3.57 -6.13
N SER B 215 8.75 -4.23 -6.38
CA SER B 215 7.51 -3.54 -6.69
C SER B 215 6.60 -3.38 -5.49
N LEU B 216 7.15 -3.48 -4.27
CA LEU B 216 6.40 -3.13 -3.07
C LEU B 216 5.69 -1.80 -3.29
N GLY B 217 4.40 -1.76 -2.97
CA GLY B 217 3.60 -0.56 -3.12
C GLY B 217 2.85 -0.45 -4.43
N LEU B 218 3.04 -1.39 -5.34
CA LEU B 218 2.27 -1.38 -6.58
C LEU B 218 0.83 -1.74 -6.23
N PRO B 219 -0.16 -0.89 -6.53
CA PRO B 219 -1.54 -1.21 -6.14
C PRO B 219 -2.20 -2.24 -7.04
N GLY B 220 -3.03 -3.08 -6.43
CA GLY B 220 -3.70 -4.14 -7.15
C GLY B 220 -5.22 -4.02 -7.21
N ASP B 221 -5.76 -2.93 -6.68
CA ASP B 221 -7.20 -2.67 -6.72
C ASP B 221 -7.59 -2.00 -8.04
N SER B 222 -8.90 -1.79 -8.22
CA SER B 222 -9.45 -1.32 -9.48
C SER B 222 -9.74 0.19 -9.52
N ILE B 223 -9.40 0.95 -8.49
CA ILE B 223 -9.53 2.41 -8.54
C ILE B 223 -8.83 2.90 -9.81
N PRO B 224 -9.41 3.83 -10.58
CA PRO B 224 -8.78 4.20 -11.87
C PRO B 224 -7.34 4.66 -11.76
N ALA B 225 -7.02 5.45 -10.73
CA ALA B 225 -5.64 5.90 -10.54
C ALA B 225 -4.70 4.72 -10.35
N ASP B 226 -5.17 3.68 -9.66
CA ASP B 226 -4.30 2.55 -9.36
C ASP B 226 -4.11 1.67 -10.59
N ARG B 227 -5.16 1.42 -11.36
CA ARG B 227 -4.97 0.71 -12.63
C ARG B 227 -4.11 1.50 -13.60
N PHE B 228 -4.17 2.83 -13.54
CA PHE B 228 -3.31 3.63 -14.41
C PHE B 228 -1.85 3.42 -14.09
N VAL B 229 -1.49 3.53 -12.79
CA VAL B 229 -0.12 3.31 -12.37
C VAL B 229 0.36 1.92 -12.79
N LYS B 230 -0.43 0.89 -12.49
CA LYS B 230 0.02 -0.46 -12.79
C LYS B 230 0.10 -0.72 -14.30
N ALA B 231 -0.91 -0.29 -15.06
CA ALA B 231 -0.86 -0.50 -16.51
C ALA B 231 0.33 0.24 -17.12
N ALA B 232 0.58 1.47 -16.69
CA ALA B 232 1.74 2.20 -17.21
C ALA B 232 3.03 1.48 -16.87
N TYR B 233 3.15 1.04 -15.60
CA TYR B 233 4.37 0.36 -15.16
C TYR B 233 4.58 -0.93 -15.94
N LEU B 234 3.52 -1.71 -16.14
CA LEU B 234 3.65 -2.94 -16.91
C LEU B 234 4.02 -2.66 -18.36
N ASN B 235 3.37 -1.67 -18.98
CA ASN B 235 3.60 -1.43 -20.39
C ASN B 235 5.03 -0.97 -20.66
N VAL B 236 5.54 -0.04 -19.85
CA VAL B 236 6.86 0.50 -20.15
C VAL B 236 7.97 -0.48 -19.82
N ASN B 237 7.70 -1.46 -18.95
CA ASN B 237 8.71 -2.44 -18.58
C ASN B 237 8.60 -3.76 -19.32
N TYR B 238 7.51 -4.00 -20.04
CA TYR B 238 7.38 -5.25 -20.81
C TYR B 238 8.32 -5.21 -22.01
N PRO B 239 9.18 -6.22 -22.19
CA PRO B 239 10.10 -6.21 -23.33
C PRO B 239 9.34 -6.10 -24.64
N THR B 240 10.00 -5.52 -25.65
CA THR B 240 9.49 -5.66 -26.99
C THR B 240 9.65 -7.11 -27.44
N VAL B 241 8.59 -7.65 -28.04
CA VAL B 241 8.55 -9.05 -28.48
C VAL B 241 8.32 -9.10 -29.98
N LYS B 242 8.59 -10.27 -30.57
CA LYS B 242 8.61 -10.45 -32.02
C LYS B 242 7.44 -11.33 -32.46
N GLY B 243 6.75 -10.91 -33.52
CA GLY B 243 5.76 -11.74 -34.16
C GLY B 243 4.35 -11.51 -33.64
N GLU B 244 3.39 -11.88 -34.48
CA GLU B 244 1.98 -11.63 -34.19
C GLU B 244 1.51 -12.33 -32.93
N LYS B 245 1.75 -13.65 -32.83
CA LYS B 245 1.27 -14.39 -31.66
C LYS B 245 1.84 -13.84 -30.36
N ALA B 246 3.14 -13.56 -30.33
CA ALA B 246 3.77 -13.11 -29.09
C ALA B 246 3.26 -11.72 -28.70
N ASN B 247 3.03 -10.85 -29.68
CA ASN B 247 2.58 -9.51 -29.35
C ASN B 247 1.13 -9.51 -28.91
N VAL B 248 0.28 -10.30 -29.56
CA VAL B 248 -1.09 -10.42 -29.09
C VAL B 248 -1.12 -10.97 -27.68
N ALA B 249 -0.26 -11.97 -27.40
CA ALA B 249 -0.22 -12.56 -26.06
C ALA B 249 0.25 -11.54 -25.04
N LYS B 250 1.35 -10.83 -25.33
CA LYS B 250 1.80 -9.74 -24.48
C LYS B 250 0.66 -8.77 -24.17
N PHE B 251 -0.11 -8.40 -25.20
CA PHE B 251 -1.19 -7.45 -25.03
C PHE B 251 -2.22 -7.97 -24.02
N PHE B 252 -2.67 -9.22 -24.21
CA PHE B 252 -3.65 -9.78 -23.29
C PHE B 252 -3.04 -10.03 -21.92
N ASN B 253 -1.74 -10.35 -21.85
CA ASN B 253 -1.10 -10.54 -20.55
C ASN B 253 -1.24 -9.27 -19.71
N ILE B 254 -0.97 -8.12 -20.33
CA ILE B 254 -1.02 -6.85 -19.60
C ILE B 254 -2.46 -6.51 -19.22
N LEU B 255 -3.37 -6.53 -20.20
CA LEU B 255 -4.73 -6.10 -19.90
C LEU B 255 -5.44 -7.07 -18.95
N LYS B 256 -5.13 -8.36 -19.00
CA LYS B 256 -5.79 -9.26 -18.06
C LYS B 256 -5.24 -9.07 -16.65
N SER B 257 -4.00 -8.60 -16.55
CA SER B 257 -3.41 -8.30 -15.24
C SER B 257 -4.17 -7.19 -14.53
N VAL B 258 -4.62 -6.18 -15.29
CA VAL B 258 -5.33 -5.03 -14.73
C VAL B 258 -6.84 -5.11 -14.92
N ALA B 259 -7.36 -6.28 -15.28
CA ALA B 259 -8.81 -6.44 -15.44
C ALA B 259 -9.52 -6.26 -14.11
N MET B 260 -10.77 -5.84 -14.19
CA MET B 260 -11.63 -5.68 -13.03
C MET B 260 -12.40 -6.99 -12.85
N ILE B 261 -12.12 -7.71 -11.77
CA ILE B 261 -12.50 -9.11 -11.65
C ILE B 261 -13.89 -9.20 -11.02
N LYS B 262 -14.76 -10.01 -11.63
CA LYS B 262 -16.15 -10.08 -11.19
C LYS B 262 -16.24 -10.51 -9.72
N GLY B 263 -17.07 -9.80 -8.96
CA GLY B 263 -17.23 -10.02 -7.54
C GLY B 263 -16.35 -9.17 -6.66
N SER B 264 -15.27 -8.62 -7.22
CA SER B 264 -14.35 -7.82 -6.41
C SER B 264 -14.74 -6.36 -6.35
N VAL B 265 -15.68 -5.90 -7.18
CA VAL B 265 -16.14 -4.52 -7.19
C VAL B 265 -17.65 -4.52 -7.26
N VAL B 266 -18.31 -3.94 -6.25
CA VAL B 266 -19.76 -3.78 -6.23
C VAL B 266 -20.06 -2.29 -6.14
N ASN B 267 -20.72 -1.75 -7.16
CA ASN B 267 -20.96 -0.31 -7.19
C ASN B 267 -22.07 0.08 -6.19
N LYS B 268 -22.28 1.40 -6.06
CA LYS B 268 -23.22 1.87 -5.05
C LYS B 268 -24.66 1.50 -5.36
N LEU B 269 -24.95 1.05 -6.58
CA LEU B 269 -26.27 0.55 -6.94
C LEU B 269 -26.43 -0.94 -6.67
N GLY B 270 -25.37 -1.61 -6.20
CA GLY B 270 -25.45 -3.02 -5.86
C GLY B 270 -25.01 -3.98 -6.95
N SER B 271 -24.52 -3.48 -8.08
CA SER B 271 -24.18 -4.34 -9.21
C SER B 271 -22.67 -4.55 -9.30
N ASP B 272 -22.29 -5.74 -9.78
CA ASP B 272 -20.89 -6.04 -10.03
C ASP B 272 -20.37 -5.22 -11.21
N GLU B 273 -19.22 -4.60 -11.03
CA GLU B 273 -18.49 -3.95 -12.12
C GLU B 273 -17.30 -4.83 -12.47
N TYR B 274 -17.16 -5.16 -13.75
CA TYR B 274 -16.08 -6.06 -14.14
C TYR B 274 -15.76 -5.92 -15.62
N THR B 275 -14.59 -6.46 -15.98
CA THR B 275 -14.13 -6.46 -17.38
C THR B 275 -14.96 -7.45 -18.18
N VAL B 276 -15.86 -6.91 -19.02
CA VAL B 276 -16.75 -7.78 -19.78
C VAL B 276 -16.07 -8.32 -21.02
N TYR B 277 -15.17 -7.55 -21.63
CA TYR B 277 -14.36 -8.06 -22.72
C TYR B 277 -13.01 -7.37 -22.73
N THR B 278 -12.04 -8.04 -23.35
CA THR B 278 -10.73 -7.49 -23.65
C THR B 278 -10.53 -7.65 -25.15
N ALA B 279 -10.09 -6.58 -25.81
CA ALA B 279 -9.91 -6.60 -27.26
C ALA B 279 -8.56 -6.01 -27.65
N CYS B 280 -7.98 -6.56 -28.73
CA CYS B 280 -6.73 -6.08 -29.29
C CYS B 280 -6.88 -6.01 -30.81
N TYR B 281 -6.54 -4.86 -31.39
CA TYR B 281 -6.43 -4.74 -32.84
C TYR B 281 -4.95 -4.80 -33.23
N SER B 282 -4.61 -5.75 -34.10
CA SER B 282 -3.27 -5.81 -34.70
C SER B 282 -3.34 -5.13 -36.06
N ALA B 283 -2.68 -4.00 -36.18
CA ALA B 283 -2.68 -3.29 -37.46
C ALA B 283 -2.05 -4.12 -38.57
N ALA B 284 -1.02 -4.91 -38.23
CA ALA B 284 -0.30 -5.65 -39.26
C ALA B 284 -1.19 -6.65 -39.98
N THR B 285 -2.07 -7.32 -39.25
CA THR B 285 -2.96 -8.33 -39.80
C THR B 285 -4.39 -7.84 -39.96
N LYS B 286 -4.65 -6.56 -39.67
CA LYS B 286 -6.00 -5.99 -39.68
C LYS B 286 -6.99 -6.90 -38.95
N THR B 287 -6.56 -7.47 -37.82
CA THR B 287 -7.37 -8.43 -37.09
C THR B 287 -7.73 -7.89 -35.72
N TYR B 288 -9.00 -8.02 -35.36
CA TYR B 288 -9.53 -7.66 -34.05
C TYR B 288 -9.67 -8.96 -33.25
N TYR B 289 -8.90 -9.07 -32.17
CA TYR B 289 -8.95 -10.23 -31.28
C TYR B 289 -9.72 -9.85 -30.02
N CYS B 290 -10.53 -10.78 -29.50
CA CYS B 290 -11.26 -10.45 -28.29
C CYS B 290 -11.67 -11.71 -27.54
N ASN B 291 -11.83 -11.57 -26.22
CA ASN B 291 -12.45 -12.60 -25.41
C ASN B 291 -13.31 -11.92 -24.35
N PHE B 292 -14.05 -12.71 -23.58
CA PHE B 292 -15.12 -12.21 -22.74
C PHE B 292 -15.03 -12.82 -21.35
N GLU B 293 -15.67 -12.17 -20.39
CA GLU B 293 -15.61 -12.64 -19.01
C GLU B 293 -16.10 -14.07 -18.89
N ASN B 294 -17.06 -14.48 -19.73
CA ASN B 294 -17.67 -15.81 -19.63
C ASN B 294 -17.28 -16.72 -20.80
N ASP B 295 -16.24 -16.36 -21.55
CA ASP B 295 -15.77 -17.22 -22.65
C ASP B 295 -14.37 -16.73 -23.00
N PHE B 296 -13.36 -17.49 -22.58
CA PHE B 296 -11.97 -17.02 -22.67
C PHE B 296 -11.35 -17.28 -24.03
N GLU B 297 -12.00 -18.04 -24.90
CA GLU B 297 -11.42 -18.34 -26.20
C GLU B 297 -11.18 -17.05 -26.98
N LEU B 298 -9.99 -16.94 -27.56
CA LEU B 298 -9.67 -15.77 -28.38
C LEU B 298 -10.42 -15.86 -29.69
N LYS B 299 -11.37 -14.95 -29.91
CA LYS B 299 -12.09 -14.86 -31.17
C LYS B 299 -11.39 -13.85 -32.06
N THR B 300 -11.44 -14.09 -33.38
CA THR B 300 -10.79 -13.19 -34.33
C THR B 300 -11.76 -12.75 -35.41
N TYR B 301 -11.64 -11.48 -35.80
CA TYR B 301 -12.43 -10.88 -36.86
C TYR B 301 -11.48 -10.02 -37.68
N LYS B 302 -11.65 -10.01 -39.01
CA LYS B 302 -10.63 -9.48 -39.90
C LYS B 302 -11.22 -8.52 -40.93
N LEU B 303 -10.48 -7.44 -41.20
CA LEU B 303 -10.70 -6.60 -42.37
C LEU B 303 -9.93 -7.24 -43.52
N ASP B 304 -10.66 -7.75 -44.52
CA ASP B 304 -10.05 -8.39 -45.67
C ASP B 304 -10.77 -7.93 -46.93
N ASP B 305 -10.37 -8.48 -48.08
CA ASP B 305 -10.95 -8.03 -49.33
C ASP B 305 -12.44 -8.27 -49.38
N GLU B 306 -12.94 -9.27 -48.63
CA GLU B 306 -14.37 -9.51 -48.59
C GLU B 306 -15.06 -8.54 -47.64
N THR B 307 -14.58 -8.42 -46.39
CA THR B 307 -15.31 -7.62 -45.41
C THR B 307 -15.17 -6.13 -45.67
N MET B 308 -14.03 -5.67 -46.18
CA MET B 308 -13.82 -4.25 -46.43
C MET B 308 -14.68 -3.71 -47.56
N ASN B 309 -15.14 -4.57 -48.45
CA ASN B 309 -15.87 -4.18 -49.65
C ASN B 309 -17.33 -4.61 -49.61
N ALA B 310 -17.84 -4.96 -48.44
CA ALA B 310 -19.22 -5.39 -48.31
C ALA B 310 -20.17 -4.23 -48.53
N ASP B 311 -21.43 -4.58 -48.77
CA ASP B 311 -22.46 -3.58 -49.06
C ASP B 311 -23.24 -3.16 -47.82
N LYS B 312 -23.12 -3.89 -46.72
CA LYS B 312 -23.83 -3.60 -45.49
C LYS B 312 -22.87 -3.75 -44.33
N LEU B 313 -23.31 -3.35 -43.15
CA LEU B 313 -22.52 -3.62 -41.94
C LEU B 313 -22.48 -5.12 -41.71
N ILE B 314 -21.32 -5.62 -41.28
CA ILE B 314 -21.15 -7.01 -40.88
C ILE B 314 -21.10 -7.04 -39.36
N THR B 315 -22.06 -7.70 -38.74
CA THR B 315 -22.16 -7.76 -37.28
C THR B 315 -22.00 -9.19 -36.80
N TYR B 316 -21.33 -9.34 -35.66
CA TYR B 316 -21.11 -10.65 -35.07
C TYR B 316 -21.74 -10.74 -33.69
N OCS C 2 7.71 19.07 4.64
CA OCS C 2 7.02 19.89 5.63
CB OCS C 2 7.09 21.39 5.26
SG OCS C 2 8.71 22.06 4.87
C OCS C 2 5.56 19.54 5.72
O OCS C 2 4.95 19.13 4.71
OD1 OCS C 2 9.71 21.40 5.65
OD2 OCS C 2 8.94 21.86 3.48
OD3 OCS C 2 8.73 23.46 5.14
N THR C 3 4.98 19.76 6.88
CA THR C 3 3.54 19.63 7.04
C THR C 3 3.01 20.81 7.85
N GLY C 4 1.98 21.46 7.32
CA GLY C 4 1.27 22.51 8.04
C GLY C 4 -0.06 22.01 8.57
N LEU C 5 -0.46 22.54 9.72
CA LEU C 5 -1.66 22.03 10.37
C LEU C 5 -2.36 23.15 11.13
N ARG C 6 -3.68 23.21 11.03
CA ARG C 6 -4.47 24.09 11.88
C ARG C 6 -5.78 23.42 12.26
N PHE C 7 -6.31 23.81 13.42
CA PHE C 7 -7.64 23.43 13.88
C PHE C 7 -7.99 24.36 15.03
N THR C 8 -9.24 24.27 15.49
CA THR C 8 -9.67 25.03 16.65
C THR C 8 -10.24 24.12 17.73
N ASP C 9 -10.39 24.69 18.93
CA ASP C 9 -11.03 23.98 20.03
C ASP C 9 -12.54 24.24 19.97
N ASP C 10 -13.25 23.96 21.07
CA ASP C 10 -14.69 24.14 21.14
C ASP C 10 -15.12 25.60 21.17
N GLN C 11 -14.18 26.53 21.33
CA GLN C 11 -14.50 27.94 21.59
C GLN C 11 -13.80 28.89 20.62
N GLY C 12 -13.41 28.41 19.44
CA GLY C 12 -12.77 29.28 18.47
C GLY C 12 -11.34 29.66 18.76
N ASN C 13 -10.63 28.88 19.57
CA ASN C 13 -9.23 29.13 19.79
C ASN C 13 -8.41 28.35 18.78
N LEU C 14 -7.52 29.04 18.08
CA LEU C 14 -6.78 28.49 16.96
C LEU C 14 -5.45 27.91 17.41
N TYR C 15 -5.14 26.71 16.91
CA TYR C 15 -3.83 26.08 17.06
C TYR C 15 -3.30 25.83 15.65
N PHE C 16 -2.13 26.38 15.35
CA PHE C 16 -1.68 26.47 13.96
C PHE C 16 -0.15 26.43 13.96
N GLY C 17 0.43 25.57 13.13
CA GLY C 17 1.87 25.46 13.08
C GLY C 17 2.31 24.48 12.03
N ARG C 18 3.51 23.91 12.21
CA ARG C 18 4.08 23.13 11.12
C ARG C 18 5.28 22.31 11.62
N ASN C 19 5.59 21.27 10.85
CA ASN C 19 6.90 20.62 10.85
C ASN C 19 7.76 21.28 9.79
N LEU C 20 9.03 21.49 10.10
CA LEU C 20 10.02 21.90 9.10
C LEU C 20 10.87 20.68 8.78
N ASP C 21 10.77 20.20 7.55
CA ASP C 21 11.48 18.99 7.13
C ASP C 21 12.52 19.41 6.10
N VAL C 22 13.80 19.25 6.44
CA VAL C 22 14.88 19.77 5.61
C VAL C 22 16.08 18.83 5.62
N GLY C 23 17.00 19.09 4.70
CA GLY C 23 18.18 18.26 4.55
C GLY C 23 19.47 19.04 4.73
N GLN C 24 19.39 20.19 5.39
CA GLN C 24 20.57 20.96 5.75
C GLN C 24 20.20 21.88 6.91
N ASP C 25 21.22 22.48 7.52
CA ASP C 25 21.01 23.35 8.66
C ASP C 25 20.88 24.79 8.18
N TYR C 26 19.80 25.46 8.59
CA TYR C 26 19.57 26.85 8.21
C TYR C 26 19.87 27.83 9.34
N GLY C 27 20.21 27.34 10.53
CA GLY C 27 20.48 28.24 11.64
C GLY C 27 19.26 28.93 12.21
N GLU C 28 18.10 28.30 12.13
CA GLU C 28 16.87 28.95 12.54
C GLU C 28 16.75 29.00 14.06
N GLY C 29 15.93 29.92 14.53
CA GLY C 29 15.63 30.10 15.94
C GLY C 29 14.37 30.92 16.05
N VAL C 30 13.84 31.00 17.25
CA VAL C 30 12.58 31.71 17.47
C VAL C 30 12.88 33.20 17.52
N ILE C 31 12.08 33.99 16.80
CA ILE C 31 12.25 35.44 16.73
C ILE C 31 10.93 36.10 17.09
N ILE C 32 10.96 37.02 18.04
CA ILE C 32 9.84 37.92 18.28
C ILE C 32 10.20 39.27 17.64
N THR C 33 9.33 39.73 16.74
CA THR C 33 9.47 41.06 16.17
C THR C 33 8.47 41.97 16.87
N PRO C 34 8.92 42.99 17.61
CA PRO C 34 7.99 43.82 18.37
C PRO C 34 7.31 44.84 17.46
N ARG C 35 6.34 45.54 18.04
CA ARG C 35 5.69 46.64 17.34
C ARG C 35 6.69 47.75 17.02
N ASN C 36 6.41 48.47 15.92
CA ASN C 36 7.20 49.63 15.52
C ASN C 36 8.60 49.27 15.06
N TYR C 37 8.81 48.03 14.65
CA TYR C 37 10.13 47.65 14.19
C TYR C 37 10.28 48.01 12.71
N PRO C 38 11.48 48.41 12.28
CA PRO C 38 11.67 48.81 10.87
C PRO C 38 11.30 47.69 9.90
N LEU C 39 10.57 48.06 8.85
CA LEU C 39 10.07 47.08 7.88
C LEU C 39 10.29 47.61 6.48
N PRO C 40 11.46 47.38 5.90
CA PRO C 40 11.70 47.79 4.52
C PRO C 40 11.03 46.84 3.54
N TYR C 41 10.75 47.37 2.36
CA TYR C 41 10.19 46.60 1.25
C TYR C 41 10.99 46.84 -0.03
N LYS C 42 11.10 45.78 -0.84
CA LYS C 42 11.81 45.90 -2.11
C LYS C 42 11.06 46.74 -3.13
N PHE C 43 9.72 46.70 -3.12
CA PHE C 43 8.90 47.33 -4.15
C PHE C 43 7.74 48.13 -3.58
N LEU C 44 7.67 48.31 -2.27
CA LEU C 44 6.70 49.19 -1.63
C LEU C 44 7.48 50.20 -0.80
N ASP C 45 6.80 51.27 -0.37
CA ASP C 45 7.42 52.18 0.58
C ASP C 45 7.83 51.42 1.84
N ASN C 46 8.98 51.79 2.41
CA ASN C 46 9.35 51.26 3.70
C ASN C 46 8.36 51.74 4.78
N THR C 47 8.28 50.97 5.86
CA THR C 47 7.34 51.28 6.93
C THR C 47 7.88 50.69 8.23
N THR C 48 7.01 50.51 9.20
CA THR C 48 7.36 49.80 10.43
C THR C 48 6.27 48.80 10.74
N THR C 49 6.60 47.81 11.57
CA THR C 49 5.58 46.85 11.97
C THR C 49 4.54 47.53 12.86
N LYS C 50 3.28 47.15 12.65
CA LYS C 50 2.16 47.59 13.49
C LYS C 50 1.68 46.52 14.46
N LYS C 51 2.01 45.26 14.19
CA LYS C 51 1.60 44.16 15.05
C LYS C 51 2.84 43.35 15.42
N ALA C 52 2.91 42.92 16.68
CA ALA C 52 3.98 42.03 17.06
C ALA C 52 3.75 40.66 16.45
N VAL C 53 4.84 39.99 16.09
CA VAL C 53 4.78 38.64 15.54
C VAL C 53 5.83 37.76 16.19
N ILE C 54 5.58 36.46 16.13
CA ILE C 54 6.46 35.43 16.69
C ILE C 54 6.49 34.29 15.70
N GLY C 55 7.62 33.60 15.65
CA GLY C 55 7.76 32.47 14.74
C GLY C 55 9.21 32.04 14.67
N MET C 56 9.47 31.06 13.80
CA MET C 56 10.82 30.58 13.59
C MET C 56 11.41 31.23 12.33
N GLY C 57 12.69 31.58 12.37
CA GLY C 57 13.30 32.17 11.18
C GLY C 57 14.77 32.45 11.38
N ILE C 58 15.31 33.26 10.47
CA ILE C 58 16.69 33.74 10.54
C ILE C 58 16.67 35.25 10.45
N VAL C 59 17.66 35.89 11.06
CA VAL C 59 17.81 37.35 10.99
C VAL C 59 18.89 37.68 9.97
N VAL C 60 18.55 38.50 8.99
CA VAL C 60 19.47 38.89 7.93
C VAL C 60 19.65 40.40 8.03
N ASP C 61 20.79 40.83 8.54
CA ASP C 61 21.09 42.25 8.67
C ASP C 61 19.91 42.98 9.33
N GLY C 62 19.42 42.41 10.42
CA GLY C 62 18.34 43.00 11.18
C GLY C 62 16.95 42.74 10.67
N TYR C 63 16.80 42.07 9.52
CA TYR C 63 15.46 41.75 8.98
C TYR C 63 15.09 40.34 9.43
N PRO C 64 13.96 40.16 10.09
CA PRO C 64 13.55 38.81 10.51
C PRO C 64 12.87 38.09 9.35
N SER C 65 13.55 37.10 8.80
CA SER C 65 13.04 36.34 7.67
C SER C 65 12.43 35.04 8.19
N TYR C 66 11.10 34.97 8.18
CA TYR C 66 10.39 33.91 8.90
C TYR C 66 10.11 32.71 8.03
N PHE C 67 10.29 31.51 8.60
CA PHE C 67 9.74 30.30 8.01
C PHE C 67 8.26 30.16 8.33
N ASP C 68 7.83 30.65 9.49
CA ASP C 68 6.44 30.69 9.91
C ASP C 68 6.30 31.89 10.85
N CYS C 69 5.14 32.54 10.84
CA CYS C 69 4.99 33.86 11.45
C CYS C 69 3.55 34.00 11.92
N PHE C 70 3.36 34.49 13.15
CA PHE C 70 2.02 34.58 13.75
C PHE C 70 1.88 35.92 14.45
N ASN C 71 0.81 36.65 14.13
CA ASN C 71 0.68 37.97 14.74
C ASN C 71 -0.16 37.93 16.02
N GLU C 72 -0.06 39.01 16.78
CA GLU C 72 -0.74 39.10 18.07
C GLU C 72 -2.25 39.06 17.94
N ASP C 73 -2.79 39.21 16.74
CA ASP C 73 -4.22 39.22 16.52
C ASP C 73 -4.74 37.86 16.08
N GLY C 74 -3.89 36.84 16.10
CA GLY C 74 -4.32 35.48 15.83
C GLY C 74 -4.29 35.03 14.39
N LEU C 75 -3.64 35.78 13.49
CA LEU C 75 -3.49 35.36 12.10
C LEU C 75 -2.04 34.99 11.83
N GLY C 76 -1.83 33.86 11.13
CA GLY C 76 -0.48 33.41 10.88
C GLY C 76 -0.32 32.88 9.45
N ILE C 77 0.93 32.59 9.12
CA ILE C 77 1.32 32.12 7.79
C ILE C 77 2.56 31.24 7.93
N ALA C 78 2.61 30.16 7.17
CA ALA C 78 3.80 29.31 7.12
C ALA C 78 4.17 29.06 5.66
N GLY C 79 5.47 29.14 5.37
CA GLY C 79 5.98 28.85 4.04
C GLY C 79 6.58 27.45 4.02
N LEU C 80 6.08 26.63 3.09
CA LEU C 80 6.50 25.24 2.94
C LEU C 80 7.08 25.04 1.54
N ASN C 81 7.98 24.06 1.41
CA ASN C 81 8.61 23.83 0.12
C ASN C 81 7.58 23.45 -0.94
N PHE C 82 7.81 23.92 -2.18
CA PHE C 82 6.91 23.67 -3.31
C PHE C 82 7.77 23.52 -4.54
N PRO C 83 8.70 22.56 -4.53
CA PRO C 83 9.67 22.45 -5.60
C PRO C 83 9.01 21.91 -6.87
N HIS C 84 9.65 22.21 -8.00
CA HIS C 84 9.16 21.81 -9.32
C HIS C 84 7.84 22.48 -9.68
N PHE C 85 7.41 23.49 -8.93
CA PHE C 85 6.15 24.17 -9.17
C PHE C 85 6.30 25.67 -8.96
N ALA C 86 6.81 26.07 -7.80
CA ALA C 86 6.85 27.49 -7.47
C ALA C 86 7.62 28.28 -8.53
N LYS C 87 7.00 29.36 -9.02
CA LYS C 87 7.64 30.25 -9.99
C LYS C 87 7.06 31.64 -9.78
N PHE C 88 7.93 32.60 -9.49
CA PHE C 88 7.52 33.98 -9.26
C PHE C 88 7.94 34.84 -10.45
N SER C 89 7.46 36.08 -10.48
CA SER C 89 7.65 36.90 -11.66
C SER C 89 9.08 37.40 -11.77
N ASP C 90 9.51 37.69 -13.00
CA ASP C 90 10.89 38.11 -13.19
C ASP C 90 11.17 39.46 -12.53
N GLY C 91 10.21 40.37 -12.58
CA GLY C 91 10.35 41.64 -11.92
C GLY C 91 8.99 42.10 -11.46
N PRO C 92 8.92 43.32 -10.94
CA PRO C 92 7.62 43.85 -10.50
C PRO C 92 6.74 44.15 -11.70
N ILE C 93 5.42 44.09 -11.46
CA ILE C 93 4.42 44.34 -12.48
C ILE C 93 3.66 45.60 -12.13
N ASP C 94 3.54 46.53 -13.09
CA ASP C 94 2.88 47.80 -12.82
C ASP C 94 1.41 47.58 -12.45
N GLY C 95 0.95 48.35 -11.47
CA GLY C 95 -0.41 48.27 -10.99
C GLY C 95 -0.64 47.27 -9.87
N LYS C 96 0.29 46.35 -9.66
CA LYS C 96 0.12 45.35 -8.60
C LYS C 96 0.81 45.80 -7.32
N ILE C 97 0.42 45.16 -6.22
CA ILE C 97 1.20 45.20 -4.98
C ILE C 97 2.31 44.17 -5.17
N ASN C 98 3.54 44.64 -5.40
CA ASN C 98 4.65 43.75 -5.69
C ASN C 98 5.41 43.39 -4.43
N LEU C 99 5.61 42.09 -4.20
CA LEU C 99 6.34 41.60 -3.03
C LEU C 99 7.37 40.60 -3.53
N ALA C 100 8.63 40.79 -3.14
CA ALA C 100 9.57 39.69 -3.27
C ALA C 100 8.99 38.53 -2.44
N SER C 101 9.17 37.29 -2.92
CA SER C 101 8.39 36.21 -2.30
C SER C 101 8.63 36.11 -0.79
N TYR C 102 9.85 36.40 -0.32
CA TYR C 102 10.12 36.32 1.12
C TYR C 102 9.33 37.36 1.92
N GLU C 103 8.85 38.41 1.27
CA GLU C 103 8.17 39.49 1.95
C GLU C 103 6.72 39.17 2.29
N ILE C 104 6.15 38.09 1.75
CA ILE C 104 4.76 37.77 2.04
C ILE C 104 4.55 37.50 3.52
N MET C 105 5.57 37.00 4.22
CA MET C 105 5.41 36.62 5.63
C MET C 105 5.02 37.81 6.48
N LEU C 106 5.76 38.92 6.35
CA LEU C 106 5.45 40.09 7.14
C LEU C 106 4.35 40.94 6.51
N TRP C 107 4.20 40.91 5.18
CA TRP C 107 3.11 41.65 4.59
C TRP C 107 1.76 41.13 5.08
N VAL C 108 1.59 39.81 5.11
CA VAL C 108 0.34 39.21 5.57
C VAL C 108 0.10 39.50 7.06
N THR C 109 1.12 39.25 7.89
CA THR C 109 0.91 39.36 9.34
C THR C 109 0.85 40.80 9.83
N GLN C 110 1.40 41.75 9.06
CA GLN C 110 1.36 43.14 9.51
C GLN C 110 0.11 43.87 9.08
N ASN C 111 -0.54 43.43 8.01
CA ASN C 111 -1.60 44.21 7.39
C ASN C 111 -3.00 43.62 7.58
N PHE C 112 -3.13 42.46 8.20
CA PHE C 112 -4.42 41.78 8.25
C PHE C 112 -4.64 41.10 9.59
N THR C 113 -5.90 40.92 9.93
CA THR C 113 -6.29 40.04 11.02
C THR C 113 -7.26 38.96 10.58
N LYS C 114 -7.80 39.04 9.36
CA LYS C 114 -8.81 38.11 8.87
C LYS C 114 -8.37 37.55 7.53
N VAL C 115 -8.47 36.22 7.38
CA VAL C 115 -8.17 35.58 6.11
C VAL C 115 -9.05 36.13 5.00
N SER C 116 -10.31 36.43 5.30
CA SER C 116 -11.20 36.94 4.27
C SER C 116 -10.65 38.23 3.68
N ASP C 117 -10.00 39.06 4.50
CA ASP C 117 -9.39 40.28 3.99
C ASP C 117 -8.12 39.96 3.20
N VAL C 118 -7.31 39.03 3.68
CA VAL C 118 -6.14 38.60 2.92
C VAL C 118 -6.56 38.13 1.52
N LYS C 119 -7.57 37.25 1.47
CA LYS C 119 -8.00 36.70 0.19
C LYS C 119 -8.36 37.80 -0.80
N GLU C 120 -9.10 38.82 -0.33
CA GLU C 120 -9.47 39.91 -1.24
C GLU C 120 -8.24 40.70 -1.68
N ALA C 121 -7.32 40.99 -0.76
CA ALA C 121 -6.14 41.78 -1.11
C ALA C 121 -5.22 41.05 -2.07
N LEU C 122 -5.12 39.73 -1.95
CA LEU C 122 -4.23 38.97 -2.81
C LEU C 122 -4.62 39.03 -4.27
N LYS C 123 -5.85 39.45 -4.57
CA LYS C 123 -6.26 39.60 -5.96
C LYS C 123 -5.39 40.59 -6.72
N ASN C 124 -4.72 41.51 -6.02
CA ASN C 124 -3.84 42.47 -6.69
C ASN C 124 -2.39 42.34 -6.25
N VAL C 125 -1.99 41.21 -5.69
CA VAL C 125 -0.61 40.99 -5.27
C VAL C 125 0.11 40.24 -6.37
N ASN C 126 1.38 40.60 -6.58
CA ASN C 126 2.26 39.89 -7.49
C ASN C 126 3.54 39.53 -6.75
N LEU C 127 3.87 38.24 -6.72
CA LEU C 127 5.10 37.80 -6.06
C LEU C 127 6.24 37.77 -7.07
N VAL C 128 7.39 38.31 -6.65
CA VAL C 128 8.53 38.53 -7.52
C VAL C 128 9.67 37.60 -7.15
N ASN C 129 10.37 37.11 -8.18
CA ASN C 129 11.52 36.21 -8.02
C ASN C 129 12.76 37.05 -7.64
N GLU C 130 12.81 37.46 -6.38
CA GLU C 130 13.96 38.19 -5.86
C GLU C 130 14.18 37.81 -4.40
N ALA C 131 15.45 37.56 -4.06
CA ALA C 131 15.83 37.20 -2.70
C ALA C 131 16.15 38.46 -1.89
N ILE C 132 16.29 38.27 -0.58
CA ILE C 132 16.58 39.40 0.30
C ILE C 132 17.90 40.07 -0.09
N ASN C 133 18.88 39.27 -0.51
CA ASN C 133 20.09 39.81 -1.11
C ASN C 133 20.71 38.74 -1.99
N SER C 134 21.74 39.12 -2.73
CA SER C 134 22.32 38.25 -3.76
C SER C 134 23.00 37.01 -3.19
N SER C 135 23.21 36.94 -1.88
CA SER C 135 23.83 35.75 -1.29
C SER C 135 22.84 34.63 -1.00
N PHE C 136 21.55 34.85 -1.26
CA PHE C 136 20.52 33.86 -1.02
C PHE C 136 19.83 33.49 -2.33
N ALA C 137 19.48 32.21 -2.48
CA ALA C 137 18.59 31.83 -3.57
C ALA C 137 17.14 32.08 -3.14
N VAL C 138 16.27 32.26 -4.13
CA VAL C 138 14.85 32.37 -3.85
C VAL C 138 14.31 31.00 -3.49
N ALA C 139 13.62 30.91 -2.35
CA ALA C 139 13.07 29.63 -1.93
C ALA C 139 11.80 29.31 -2.71
N PRO C 140 11.66 28.12 -3.29
CA PRO C 140 10.43 27.79 -4.04
C PRO C 140 9.28 27.35 -3.11
N LEU C 141 8.60 28.33 -2.52
CA LEU C 141 7.62 28.06 -1.47
C LEU C 141 6.18 28.17 -1.96
N HIS C 142 5.29 27.56 -1.18
CA HIS C 142 3.86 27.88 -1.15
C HIS C 142 3.48 28.09 0.31
N TRP C 143 2.29 28.62 0.55
CA TRP C 143 1.98 29.12 1.89
C TRP C 143 0.61 28.67 2.34
N ILE C 144 0.48 28.40 3.65
CA ILE C 144 -0.81 28.25 4.31
C ILE C 144 -0.99 29.44 5.25
N ILE C 145 -2.15 30.08 5.17
CA ILE C 145 -2.49 31.25 5.98
C ILE C 145 -3.77 30.91 6.73
N SER C 146 -3.81 31.16 8.04
CA SER C 146 -5.00 30.82 8.79
C SER C 146 -5.31 31.85 9.86
N ASP C 147 -6.62 32.06 10.08
CA ASP C 147 -7.15 32.64 11.30
C ASP C 147 -8.05 31.60 11.98
N LYS C 148 -8.80 32.03 13.00
CA LYS C 148 -9.63 31.07 13.72
C LYS C 148 -10.82 30.58 12.90
N ASP C 149 -11.16 31.25 11.82
CA ASP C 149 -12.33 30.89 11.03
C ASP C 149 -12.02 30.03 9.81
N GLU C 150 -10.89 30.26 9.15
CA GLU C 150 -10.65 29.56 7.90
C GLU C 150 -9.16 29.61 7.57
N ALA C 151 -8.75 28.73 6.66
CA ALA C 151 -7.39 28.69 6.17
C ALA C 151 -7.42 28.74 4.65
N ILE C 152 -6.41 29.39 4.08
CA ILE C 152 -6.23 29.41 2.62
C ILE C 152 -4.83 28.94 2.27
N ILE C 153 -4.71 28.40 1.06
CA ILE C 153 -3.43 28.02 0.46
C ILE C 153 -3.13 29.02 -0.65
N VAL C 154 -1.90 29.52 -0.68
CA VAL C 154 -1.44 30.42 -1.75
C VAL C 154 -0.35 29.71 -2.53
N GLU C 155 -0.58 29.52 -3.83
CA GLU C 155 0.39 28.89 -4.71
C GLU C 155 0.55 29.75 -5.95
N VAL C 156 1.80 29.99 -6.34
CA VAL C 156 2.13 30.67 -7.59
C VAL C 156 3.05 29.73 -8.35
N SER C 157 2.59 29.20 -9.47
CA SER C 157 3.34 28.19 -10.20
C SER C 157 3.47 28.57 -11.65
N LYS C 158 4.50 28.02 -12.29
CA LYS C 158 4.60 28.11 -13.74
C LYS C 158 3.41 27.43 -14.40
N GLN C 159 2.89 26.36 -13.78
CA GLN C 159 1.80 25.61 -14.37
C GLN C 159 0.49 26.38 -14.37
N TYR C 160 0.18 27.10 -13.27
CA TYR C 160 -1.16 27.62 -13.04
C TYR C 160 -1.21 29.10 -12.68
N GLY C 161 -0.08 29.79 -12.63
CA GLY C 161 -0.11 31.14 -12.12
C GLY C 161 -0.45 31.18 -10.64
N MET C 162 -1.05 32.29 -10.20
CA MET C 162 -1.41 32.47 -8.80
C MET C 162 -2.80 31.90 -8.51
N LYS C 163 -2.86 31.00 -7.54
CA LYS C 163 -4.09 30.37 -7.12
C LYS C 163 -4.22 30.49 -5.61
N VAL C 164 -5.45 30.73 -5.14
CA VAL C 164 -5.75 30.83 -3.73
C VAL C 164 -6.90 29.88 -3.44
N PHE C 165 -6.68 28.93 -2.54
CA PHE C 165 -7.65 27.87 -2.27
C PHE C 165 -8.13 27.93 -0.83
N ASP C 166 -9.42 27.66 -0.63
CA ASP C 166 -9.90 27.39 0.71
C ASP C 166 -9.42 26.01 1.13
N ASP C 167 -8.96 25.89 2.38
CA ASP C 167 -8.37 24.64 2.90
C ASP C 167 -9.16 24.18 4.13
N LYS C 168 -10.31 23.54 3.89
CA LYS C 168 -11.13 23.01 4.97
C LYS C 168 -10.47 21.83 5.68
N LEU C 169 -9.50 21.18 5.05
CA LEU C 169 -8.80 20.07 5.69
C LEU C 169 -7.84 20.55 6.76
N GLY C 170 -7.41 21.81 6.70
CA GLY C 170 -6.50 22.33 7.69
C GLY C 170 -5.06 21.87 7.55
N VAL C 171 -4.67 21.28 6.42
CA VAL C 171 -3.32 20.76 6.25
C VAL C 171 -2.71 21.24 4.93
N LEU C 172 -1.38 21.14 4.86
CA LEU C 172 -0.63 21.40 3.64
C LEU C 172 0.69 20.63 3.75
N THR C 173 1.18 20.09 2.62
CA THR C 173 2.51 19.51 2.61
C THR C 173 3.35 20.19 1.53
N ASN C 174 3.82 19.44 0.53
CA ASN C 174 4.70 19.94 -0.52
C ASN C 174 4.09 19.58 -1.87
N SER C 175 4.90 19.37 -2.88
CA SER C 175 4.39 19.26 -4.25
C SER C 175 3.74 17.90 -4.47
N PRO C 176 2.81 17.81 -5.41
CA PRO C 176 2.39 18.84 -6.36
C PRO C 176 1.38 19.86 -5.80
N ASP C 177 0.64 20.51 -6.70
CA ASP C 177 -0.23 21.62 -6.33
C ASP C 177 -1.41 21.16 -5.47
N PHE C 178 -2.07 22.14 -4.84
CA PHE C 178 -3.08 21.83 -3.83
C PHE C 178 -4.29 21.13 -4.45
N ASN C 179 -4.73 21.54 -5.64
CA ASN C 179 -5.86 20.86 -6.24
C ASN C 179 -5.54 19.40 -6.55
N TRP C 180 -4.29 19.11 -6.94
CA TRP C 180 -3.92 17.72 -7.17
C TRP C 180 -4.13 16.90 -5.90
N HIS C 181 -3.71 17.43 -4.75
CA HIS C 181 -3.85 16.71 -3.48
C HIS C 181 -5.33 16.55 -3.11
N LEU C 182 -6.11 17.62 -3.21
CA LEU C 182 -7.55 17.51 -2.94
C LEU C 182 -8.18 16.41 -3.79
N THR C 183 -7.81 16.37 -5.07
CA THR C 183 -8.33 15.34 -5.97
C THR C 183 -7.88 13.94 -5.53
N ASN C 184 -6.65 13.82 -5.05
CA ASN C 184 -6.12 12.53 -4.62
C ASN C 184 -6.94 11.93 -3.49
N LEU C 185 -7.49 12.77 -2.60
CA LEU C 185 -8.21 12.25 -1.44
C LEU C 185 -9.34 11.32 -1.84
N GLY C 186 -9.98 11.56 -3.00
CA GLY C 186 -11.07 10.69 -3.42
C GLY C 186 -10.64 9.26 -3.63
N ASN C 187 -9.36 9.03 -3.86
CA ASN C 187 -8.85 7.68 -4.03
C ASN C 187 -8.67 6.95 -2.71
N TYR C 188 -8.92 7.63 -1.58
CA TYR C 188 -8.73 7.07 -0.25
C TYR C 188 -10.04 7.03 0.53
N THR C 189 -11.18 7.10 -0.16
CA THR C 189 -12.46 7.03 0.51
C THR C 189 -12.70 5.67 1.13
N GLY C 190 -11.93 4.65 0.73
CA GLY C 190 -12.03 3.36 1.39
C GLY C 190 -11.49 3.34 2.80
N LEU C 191 -10.78 4.39 3.23
CA LEU C 191 -10.34 4.44 4.62
C LEU C 191 -11.53 4.62 5.56
N ASP C 192 -11.48 3.94 6.72
CA ASP C 192 -12.53 4.05 7.73
C ASP C 192 -11.88 3.86 9.09
N PRO C 193 -12.06 4.78 10.03
CA PRO C 193 -11.54 4.55 11.39
C PRO C 193 -12.10 3.31 12.05
N HIS C 194 -13.30 2.87 11.67
CA HIS C 194 -13.91 1.72 12.33
C HIS C 194 -13.20 0.43 11.96
N ASP C 195 -12.88 -0.37 12.98
CA ASP C 195 -12.24 -1.66 12.74
C ASP C 195 -13.15 -2.58 11.93
N ALA C 196 -12.51 -3.42 11.12
CA ALA C 196 -13.23 -4.54 10.53
C ALA C 196 -13.51 -5.56 11.63
N THR C 197 -14.35 -6.53 11.31
CA THR C 197 -14.61 -7.64 12.22
C THR C 197 -14.40 -8.95 11.50
N ALA C 198 -14.63 -10.05 12.21
CA ALA C 198 -14.35 -11.38 11.68
C ALA C 198 -15.19 -11.65 10.44
N GLN C 199 -14.59 -12.34 9.48
CA GLN C 199 -15.21 -12.63 8.20
C GLN C 199 -15.09 -14.11 7.90
N SER C 200 -15.92 -14.59 6.97
CA SER C 200 -15.91 -15.96 6.50
C SER C 200 -15.48 -15.92 5.04
N TRP C 201 -14.25 -16.35 4.76
CA TRP C 201 -13.75 -16.43 3.39
C TRP C 201 -13.94 -17.87 2.95
N ASN C 202 -15.07 -18.14 2.31
CA ASN C 202 -15.48 -19.51 1.97
C ASN C 202 -15.39 -20.46 3.18
N GLY C 203 -15.80 -19.98 4.35
CA GLY C 203 -15.75 -20.80 5.55
C GLY C 203 -14.45 -20.73 6.34
N GLN C 204 -13.39 -20.13 5.78
CA GLN C 204 -12.18 -19.88 6.56
C GLN C 204 -12.43 -18.64 7.41
N LYS C 205 -12.30 -18.78 8.73
CA LYS C 205 -12.45 -17.65 9.63
C LYS C 205 -11.26 -16.72 9.46
N VAL C 206 -11.50 -15.53 8.93
CA VAL C 206 -10.46 -14.52 8.74
C VAL C 206 -10.84 -13.36 9.64
N ALA C 207 -10.05 -13.14 10.69
CA ALA C 207 -10.43 -12.13 11.67
C ALA C 207 -9.23 -11.25 12.02
N PRO C 208 -9.48 -10.00 12.38
CA PRO C 208 -8.38 -9.11 12.78
C PRO C 208 -7.58 -9.66 13.95
N TRP C 209 -6.28 -9.36 13.93
CA TRP C 209 -5.40 -9.68 15.05
C TRP C 209 -5.31 -8.55 16.05
N GLY C 210 -5.60 -7.33 15.64
CA GLY C 210 -5.60 -6.19 16.54
C GLY C 210 -6.41 -5.08 15.90
N VAL C 211 -6.47 -3.95 16.60
CA VAL C 211 -7.23 -2.81 16.11
C VAL C 211 -6.47 -2.10 14.99
N GLY C 212 -7.22 -1.31 14.20
CA GLY C 212 -6.66 -0.49 13.15
C GLY C 212 -6.98 -0.95 11.73
N THR C 213 -7.70 -2.07 11.58
CA THR C 213 -7.86 -2.69 10.26
C THR C 213 -8.63 -1.83 9.26
N GLY C 214 -9.45 -0.87 9.71
CA GLY C 214 -10.23 -0.06 8.78
C GLY C 214 -9.40 0.89 7.94
N SER C 215 -8.19 1.21 8.40
CA SER C 215 -7.31 2.13 7.69
C SER C 215 -6.29 1.41 6.81
N LEU C 216 -6.54 0.15 6.46
CA LEU C 216 -5.74 -0.51 5.44
C LEU C 216 -5.54 0.40 4.25
N GLY C 217 -4.28 0.55 3.82
CA GLY C 217 -3.94 1.40 2.70
C GLY C 217 -3.49 2.80 3.07
N LEU C 218 -3.57 3.17 4.33
CA LEU C 218 -3.07 4.50 4.73
C LEU C 218 -1.56 4.51 4.61
N PRO C 219 -0.96 5.41 3.83
CA PRO C 219 0.49 5.35 3.62
C PRO C 219 1.26 5.96 4.78
N GLY C 220 2.41 5.36 5.09
CA GLY C 220 3.20 5.82 6.23
C GLY C 220 4.55 6.40 5.84
N ASP C 221 4.81 6.54 4.55
CA ASP C 221 6.06 7.08 4.05
C ASP C 221 5.97 8.60 3.99
N SER C 222 7.08 9.24 3.63
CA SER C 222 7.20 10.71 3.68
C SER C 222 6.99 11.41 2.34
N ILE C 223 6.63 10.68 1.28
CA ILE C 223 6.28 11.33 0.01
C ILE C 223 5.23 12.39 0.29
N PRO C 224 5.32 13.59 -0.28
CA PRO C 224 4.38 14.65 0.14
C PRO C 224 2.91 14.29 -0.04
N ALA C 225 2.56 13.63 -1.16
CA ALA C 225 1.17 13.21 -1.37
C ALA C 225 0.72 12.28 -0.25
N ASP C 226 1.61 11.43 0.25
CA ASP C 226 1.22 10.47 1.28
C ASP C 226 1.04 11.14 2.63
N ARG C 227 1.97 12.02 3.00
CA ARG C 227 1.77 12.78 4.23
C ARG C 227 0.53 13.65 4.17
N PHE C 228 0.17 14.17 2.98
CA PHE C 228 -1.05 14.96 2.86
C PHE C 228 -2.29 14.13 3.18
N VAL C 229 -2.39 12.95 2.56
CA VAL C 229 -3.52 12.06 2.85
C VAL C 229 -3.59 11.76 4.35
N LYS C 230 -2.48 11.34 4.94
CA LYS C 230 -2.52 10.94 6.34
C LYS C 230 -2.82 12.13 7.24
N ALA C 231 -2.14 13.26 7.03
CA ALA C 231 -2.40 14.41 7.89
C ALA C 231 -3.85 14.86 7.79
N ALA C 232 -4.40 14.89 6.57
CA ALA C 232 -5.80 15.28 6.41
C ALA C 232 -6.72 14.30 7.12
N TYR C 233 -6.49 13.00 6.94
CA TYR C 233 -7.30 11.99 7.59
C TYR C 233 -7.24 12.12 9.11
N LEU C 234 -6.05 12.35 9.65
CA LEU C 234 -5.93 12.48 11.10
C LEU C 234 -6.61 13.74 11.60
N ASN C 235 -6.42 14.86 10.90
CA ASN C 235 -6.99 16.10 11.40
C ASN C 235 -8.52 16.04 11.41
N VAL C 236 -9.12 15.55 10.32
CA VAL C 236 -10.57 15.60 10.26
C VAL C 236 -11.21 14.59 11.19
N ASN C 237 -10.50 13.54 11.57
CA ASN C 237 -11.06 12.54 12.48
C ASN C 237 -10.69 12.74 13.94
N TYR C 238 -9.71 13.59 14.26
CA TYR C 238 -9.36 13.83 15.64
C TYR C 238 -10.48 14.62 16.32
N PRO C 239 -10.99 14.16 17.47
CA PRO C 239 -12.07 14.89 18.13
C PRO C 239 -11.64 16.31 18.50
N THR C 240 -12.62 17.20 18.60
CA THR C 240 -12.34 18.49 19.20
C THR C 240 -12.11 18.29 20.69
N VAL C 241 -11.06 18.92 21.22
CA VAL C 241 -10.68 18.75 22.61
C VAL C 241 -10.68 20.11 23.30
N LYS C 242 -10.67 20.08 24.64
CA LYS C 242 -10.91 21.29 25.44
C LYS C 242 -9.65 21.71 26.18
N GLY C 243 -9.34 23.01 26.12
CA GLY C 243 -8.29 23.56 26.95
C GLY C 243 -6.93 23.59 26.26
N GLU C 244 -6.06 24.47 26.79
CA GLU C 244 -4.77 24.74 26.15
C GLU C 244 -3.89 23.49 26.11
N LYS C 245 -3.73 22.79 27.25
CA LYS C 245 -2.83 21.63 27.27
C LYS C 245 -3.30 20.56 26.29
N ALA C 246 -4.60 20.27 26.28
CA ALA C 246 -5.09 19.17 25.44
C ALA C 246 -4.97 19.53 23.96
N ASN C 247 -5.15 20.80 23.62
CA ASN C 247 -5.11 21.18 22.21
C ASN C 247 -3.67 21.23 21.69
N VAL C 248 -2.75 21.75 22.50
CA VAL C 248 -1.35 21.69 22.12
C VAL C 248 -0.90 20.24 21.97
N ALA C 249 -1.36 19.36 22.88
CA ALA C 249 -0.99 17.95 22.78
C ALA C 249 -1.56 17.32 21.53
N LYS C 250 -2.85 17.54 21.25
CA LYS C 250 -3.46 17.06 20.02
C LYS C 250 -2.65 17.51 18.81
N PHE C 251 -2.24 18.78 18.80
CA PHE C 251 -1.49 19.34 17.68
C PHE C 251 -0.18 18.57 17.46
N PHE C 252 0.61 18.41 18.53
CA PHE C 252 1.87 17.68 18.40
C PHE C 252 1.65 16.20 18.13
N ASN C 253 0.56 15.62 18.64
CA ASN C 253 0.26 14.21 18.34
C ASN C 253 0.12 14.01 16.84
N ILE C 254 -0.61 14.90 16.18
CA ILE C 254 -0.83 14.79 14.74
C ILE C 254 0.47 15.03 13.97
N LEU C 255 1.15 16.13 14.26
CA LEU C 255 2.33 16.45 13.47
C LEU C 255 3.48 15.48 13.72
N LYS C 256 3.60 14.95 14.93
CA LYS C 256 4.66 13.97 15.17
C LYS C 256 4.34 12.64 14.50
N SER C 257 3.04 12.34 14.32
CA SER C 257 2.68 11.14 13.58
C SER C 257 3.16 11.21 12.13
N VAL C 258 3.12 12.38 11.52
CA VAL C 258 3.53 12.52 10.10
C VAL C 258 4.92 13.12 9.95
N ALA C 259 5.71 13.14 11.01
CA ALA C 259 7.07 13.65 10.92
C ALA C 259 7.92 12.79 9.99
N MET C 260 8.92 13.42 9.36
CA MET C 260 9.99 12.75 8.61
C MET C 260 11.09 12.31 9.56
N ILE C 261 11.27 11.02 9.71
CA ILE C 261 12.12 10.49 10.77
C ILE C 261 13.56 10.35 10.26
N LYS C 262 14.50 10.86 11.06
CA LYS C 262 15.90 10.90 10.63
C LYS C 262 16.43 9.49 10.36
N GLY C 263 17.13 9.34 9.23
CA GLY C 263 17.61 8.05 8.75
C GLY C 263 16.66 7.34 7.80
N SER C 264 15.39 7.71 7.79
CA SER C 264 14.44 7.04 6.92
C SER C 264 14.34 7.66 5.53
N VAL C 265 14.88 8.87 5.33
CA VAL C 265 14.88 9.54 4.04
C VAL C 265 16.28 10.05 3.76
N VAL C 266 16.91 9.59 2.67
CA VAL C 266 18.21 10.09 2.23
C VAL C 266 18.03 10.69 0.84
N ASN C 267 18.29 11.99 0.70
CA ASN C 267 18.05 12.63 -0.58
C ASN C 267 19.13 12.25 -1.60
N LYS C 268 18.94 12.74 -2.84
CA LYS C 268 19.83 12.37 -3.93
C LYS C 268 21.23 12.92 -3.74
N LEU C 269 21.41 13.89 -2.85
CA LEU C 269 22.73 14.41 -2.51
C LEU C 269 23.38 13.66 -1.36
N GLY C 270 22.70 12.67 -0.79
CA GLY C 270 23.27 11.87 0.28
C GLY C 270 22.97 12.34 1.69
N SER C 271 22.14 13.36 1.86
CA SER C 271 21.87 13.92 3.17
C SER C 271 20.55 13.40 3.74
N ASP C 272 20.51 13.23 5.06
CA ASP C 272 19.27 12.90 5.74
C ASP C 272 18.30 14.08 5.64
N GLU C 273 17.06 13.82 5.22
CA GLU C 273 15.96 14.77 5.33
C GLU C 273 15.07 14.35 6.48
N TYR C 274 14.74 15.30 7.35
CA TYR C 274 13.97 14.94 8.54
C TYR C 274 13.33 16.18 9.13
N THR C 275 12.37 15.93 10.03
CA THR C 275 11.67 16.99 10.77
C THR C 275 12.63 17.57 11.82
N VAL C 276 13.15 18.76 11.55
CA VAL C 276 14.11 19.36 12.47
C VAL C 276 13.41 20.05 13.63
N TYR C 277 12.20 20.55 13.41
CA TYR C 277 11.40 21.08 14.52
C TYR C 277 9.92 20.95 14.20
N THR C 278 9.13 20.96 15.27
CA THR C 278 7.67 21.03 15.21
C THR C 278 7.25 22.20 16.07
N ALA C 279 6.34 23.02 15.55
CA ALA C 279 5.94 24.22 16.28
C ALA C 279 4.43 24.43 16.17
N CYS C 280 3.86 24.95 17.25
CA CYS C 280 2.44 25.25 17.33
C CYS C 280 2.26 26.62 17.95
N TYR C 281 1.51 27.49 17.28
CA TYR C 281 1.10 28.76 17.86
C TYR C 281 -0.31 28.64 18.39
N SER C 282 -0.50 28.94 19.68
CA SER C 282 -1.82 29.06 20.28
C SER C 282 -2.21 30.54 20.28
N ALA C 283 -3.23 30.88 19.49
CA ALA C 283 -3.68 32.28 19.44
C ALA C 283 -4.21 32.73 20.80
N ALA C 284 -4.87 31.83 21.53
CA ALA C 284 -5.51 32.21 22.79
C ALA C 284 -4.49 32.70 23.81
N THR C 285 -3.32 32.07 23.88
CA THR C 285 -2.28 32.43 24.84
C THR C 285 -1.13 33.19 24.20
N LYS C 286 -1.22 33.49 22.90
CA LYS C 286 -0.14 34.12 22.15
C LYS C 286 1.20 33.43 22.41
N THR C 287 1.17 32.10 22.51
CA THR C 287 2.35 31.32 22.84
C THR C 287 2.77 30.44 21.67
N TYR C 288 4.07 30.48 21.36
CA TYR C 288 4.70 29.63 20.35
C TYR C 288 5.38 28.48 21.09
N TYR C 289 4.89 27.26 20.85
CA TYR C 289 5.47 26.06 21.43
C TYR C 289 6.30 25.35 20.37
N CYS C 290 7.48 24.85 20.75
CA CYS C 290 8.24 24.08 19.77
C CYS C 290 9.13 23.05 20.47
N ASN C 291 9.50 22.03 19.69
CA ASN C 291 10.57 21.11 20.07
C ASN C 291 11.36 20.76 18.82
N PHE C 292 12.44 20.00 18.99
CA PHE C 292 13.44 19.80 17.96
C PHE C 292 13.82 18.33 17.88
N GLU C 293 14.36 17.93 16.73
CA GLU C 293 14.74 16.53 16.53
C GLU C 293 15.68 16.03 17.62
N ASN C 294 16.54 16.90 18.14
CA ASN C 294 17.53 16.50 19.13
C ASN C 294 17.22 17.01 20.53
N ASP C 295 16.01 17.50 20.78
CA ASP C 295 15.64 17.98 22.11
C ASP C 295 14.11 18.04 22.13
N PHE C 296 13.49 17.05 22.78
CA PHE C 296 12.05 16.87 22.75
C PHE C 296 11.30 17.76 23.73
N GLU C 297 11.99 18.41 24.67
CA GLU C 297 11.32 19.28 25.62
C GLU C 297 10.52 20.34 24.88
N LEU C 298 9.27 20.55 25.31
CA LEU C 298 8.42 21.58 24.73
C LEU C 298 8.88 22.93 25.26
N LYS C 299 9.45 23.75 24.38
CA LYS C 299 9.84 25.11 24.75
C LYS C 299 8.69 26.07 24.45
N THR C 300 8.59 27.14 25.23
CA THR C 300 7.50 28.10 25.06
C THR C 300 8.04 29.51 25.00
N TYR C 301 7.52 30.29 24.07
CA TYR C 301 7.90 31.69 23.86
C TYR C 301 6.61 32.46 23.65
N LYS C 302 6.52 33.68 24.19
CA LYS C 302 5.22 34.33 24.32
C LYS C 302 5.28 35.79 23.87
N LEU C 303 4.23 36.21 23.17
CA LEU C 303 3.98 37.63 22.95
C LEU C 303 3.26 38.17 24.18
N ASP C 304 3.92 39.06 24.92
CA ASP C 304 3.31 39.65 26.09
C ASP C 304 3.65 41.14 26.12
N ASP C 305 3.24 41.82 27.19
CA ASP C 305 3.44 43.27 27.24
C ASP C 305 4.90 43.66 27.22
N GLU C 306 5.80 42.77 27.64
CA GLU C 306 7.23 43.04 27.53
C GLU C 306 7.74 42.81 26.11
N THR C 307 7.50 41.61 25.55
CA THR C 307 8.12 41.27 24.28
C THR C 307 7.48 42.01 23.11
N MET C 308 6.20 42.32 23.20
CA MET C 308 5.54 42.99 22.08
C MET C 308 5.99 44.44 21.96
N ASN C 309 6.53 45.02 23.04
CA ASN C 309 6.90 46.43 23.08
C ASN C 309 8.41 46.65 23.17
N ALA C 310 9.20 45.62 22.90
CA ALA C 310 10.65 45.75 22.93
C ALA C 310 11.13 46.70 21.84
N ASP C 311 12.39 47.12 21.98
CA ASP C 311 13.01 48.05 21.05
C ASP C 311 13.81 47.36 19.95
N LYS C 312 14.15 46.08 20.11
CA LYS C 312 14.89 45.33 19.11
C LYS C 312 14.25 43.95 18.97
N LEU C 313 14.67 43.22 17.94
CA LEU C 313 14.28 41.82 17.84
C LEU C 313 14.69 41.07 19.09
N ILE C 314 13.86 40.12 19.50
CA ILE C 314 14.19 39.17 20.54
C ILE C 314 14.41 37.82 19.88
N THR C 315 15.62 37.28 19.99
CA THR C 315 15.95 36.02 19.35
C THR C 315 16.31 34.98 20.40
N TYR C 316 15.92 33.75 20.15
CA TYR C 316 16.18 32.64 21.05
C TYR C 316 16.92 31.54 20.28
N OCS D 2 0.01 -1.13 21.17
CA OCS D 2 1.25 -0.78 21.87
CB OCS D 2 1.49 -1.65 23.10
SG OCS D 2 0.13 -1.84 24.27
C OCS D 2 2.47 -0.97 20.97
O OCS D 2 2.48 -1.84 20.09
OD1 OCS D 2 -0.60 -0.63 24.41
OD2 OCS D 2 -0.71 -2.91 23.82
OD3 OCS D 2 0.68 -2.22 25.52
N THR D 3 3.50 -0.20 21.26
CA THR D 3 4.80 -0.38 20.61
C THR D 3 5.90 -0.26 21.66
N GLY D 4 6.78 -1.25 21.73
CA GLY D 4 7.96 -1.18 22.57
C GLY D 4 9.19 -0.89 21.73
N LEU D 5 10.14 -0.17 22.31
CA LEU D 5 11.31 0.27 21.57
C LEU D 5 12.53 0.32 22.48
N ARG D 6 13.67 -0.17 22.00
CA ARG D 6 14.95 0.03 22.67
C ARG D 6 16.07 0.29 21.66
N PHE D 7 17.07 1.03 22.11
CA PHE D 7 18.31 1.22 21.37
C PHE D 7 19.35 1.77 22.34
N THR D 8 20.61 1.81 21.90
CA THR D 8 21.65 2.42 22.72
C THR D 8 22.30 3.56 21.96
N ASP D 9 23.07 4.36 22.69
CA ASP D 9 23.92 5.38 22.08
C ASP D 9 25.30 4.78 21.79
N ASP D 10 26.27 5.64 21.46
CA ASP D 10 27.61 5.18 21.12
C ASP D 10 28.33 4.62 22.33
N GLN D 11 27.85 4.89 23.54
CA GLN D 11 28.54 4.55 24.78
C GLN D 11 27.86 3.41 25.53
N GLY D 12 26.91 2.73 24.91
CA GLY D 12 26.17 1.68 25.60
C GLY D 12 25.13 2.17 26.58
N ASN D 13 24.67 3.40 26.46
CA ASN D 13 23.58 3.88 27.31
C ASN D 13 22.26 3.47 26.66
N LEU D 14 21.42 2.79 27.44
CA LEU D 14 20.18 2.22 26.95
C LEU D 14 19.03 3.21 27.09
N TYR D 15 18.22 3.30 26.03
CA TYR D 15 16.94 4.01 26.04
C TYR D 15 15.86 3.01 25.65
N PHE D 16 14.87 2.83 26.52
CA PHE D 16 13.95 1.69 26.43
C PHE D 16 12.60 2.14 26.97
N GLY D 17 11.53 1.86 26.24
CA GLY D 17 10.21 2.29 26.68
C GLY D 17 9.13 1.85 25.71
N ARG D 18 8.00 2.54 25.73
CA ARG D 18 6.84 2.04 24.99
C ARG D 18 5.77 3.10 24.87
N ASN D 19 4.91 2.91 23.86
CA ASN D 19 3.59 3.53 23.79
C ASN D 19 2.58 2.58 24.44
N LEU D 20 1.65 3.14 25.21
CA LEU D 20 0.49 2.41 25.69
C LEU D 20 -0.71 2.82 24.84
N ASP D 21 -1.25 1.86 24.07
CA ASP D 21 -2.35 2.10 23.16
C ASP D 21 -3.55 1.34 23.68
N VAL D 22 -4.61 2.06 24.06
CA VAL D 22 -5.76 1.44 24.72
C VAL D 22 -7.03 2.18 24.37
N GLY D 23 -8.16 1.58 24.73
CA GLY D 23 -9.47 2.13 24.44
C GLY D 23 -10.16 2.68 25.68
N GLN D 24 -9.65 2.29 26.84
CA GLN D 24 -10.11 2.82 28.11
C GLN D 24 -8.89 3.10 28.98
N ASP D 25 -8.99 4.11 29.83
CA ASP D 25 -7.88 4.40 30.72
C ASP D 25 -7.99 3.53 31.98
N TYR D 26 -6.86 3.38 32.67
CA TYR D 26 -6.79 2.53 33.85
C TYR D 26 -6.39 3.29 35.10
N GLY D 27 -6.26 4.61 35.02
CA GLY D 27 -5.84 5.36 36.19
C GLY D 27 -4.38 5.20 36.55
N GLU D 28 -3.55 4.76 35.61
CA GLU D 28 -2.14 4.51 35.90
C GLU D 28 -1.39 5.81 36.13
N GLY D 29 -0.22 5.67 36.75
CA GLY D 29 0.69 6.78 37.00
C GLY D 29 2.06 6.22 37.29
N VAL D 30 3.03 7.12 37.43
CA VAL D 30 4.40 6.67 37.68
C VAL D 30 4.53 6.22 39.12
N ILE D 31 5.20 5.09 39.32
CA ILE D 31 5.42 4.51 40.63
C ILE D 31 6.90 4.19 40.78
N ILE D 32 7.50 4.64 41.89
CA ILE D 32 8.83 4.17 42.28
C ILE D 32 8.65 3.17 43.40
N THR D 33 9.20 1.97 43.22
CA THR D 33 9.24 0.98 44.27
C THR D 33 10.64 1.00 44.87
N PRO D 34 10.81 1.34 46.14
CA PRO D 34 12.15 1.47 46.70
C PRO D 34 12.70 0.10 47.09
N ARG D 35 13.98 0.12 47.49
CA ARG D 35 14.62 -1.08 48.01
C ARG D 35 13.97 -1.51 49.31
N ASN D 36 14.05 -2.82 49.59
CA ASN D 36 13.63 -3.37 50.88
C ASN D 36 12.13 -3.22 51.12
N TYR D 37 11.34 -3.17 50.04
CA TYR D 37 9.89 -3.03 50.10
C TYR D 37 9.22 -4.40 50.04
N PRO D 38 8.12 -4.62 50.77
CA PRO D 38 7.50 -5.94 50.78
C PRO D 38 7.09 -6.38 49.38
N LEU D 39 7.40 -7.64 49.06
CA LEU D 39 7.16 -8.19 47.72
C LEU D 39 6.56 -9.59 47.86
N PRO D 40 5.25 -9.70 47.92
CA PRO D 40 4.62 -11.02 48.00
C PRO D 40 4.53 -11.69 46.64
N TYR D 41 4.49 -13.02 46.68
CA TYR D 41 4.31 -13.85 45.50
C TYR D 41 3.22 -14.88 45.76
N LYS D 42 2.49 -15.23 44.71
CA LYS D 42 1.41 -16.20 44.82
C LYS D 42 1.94 -17.61 45.02
N PHE D 43 3.00 -17.98 44.30
CA PHE D 43 3.49 -19.36 44.26
C PHE D 43 4.95 -19.48 44.67
N LEU D 44 5.52 -18.41 45.23
CA LEU D 44 6.88 -18.40 45.72
C LEU D 44 6.84 -17.77 47.10
N ASP D 45 7.94 -17.89 47.83
CA ASP D 45 8.00 -17.28 49.15
C ASP D 45 7.94 -15.76 49.03
N ASN D 46 7.21 -15.13 49.94
CA ASN D 46 7.19 -13.67 50.00
C ASN D 46 8.57 -13.17 50.42
N THR D 47 8.94 -11.99 49.92
CA THR D 47 10.27 -11.47 50.21
C THR D 47 10.20 -9.94 50.23
N THR D 48 11.34 -9.30 50.05
CA THR D 48 11.40 -7.85 49.94
C THR D 48 12.22 -7.51 48.70
N THR D 49 12.00 -6.32 48.17
CA THR D 49 12.70 -5.94 46.95
C THR D 49 14.21 -5.83 47.18
N LYS D 50 14.96 -6.38 46.24
CA LYS D 50 16.42 -6.23 46.19
C LYS D 50 16.86 -4.93 45.56
N LYS D 51 16.04 -4.34 44.69
CA LYS D 51 16.44 -3.18 43.92
C LYS D 51 15.26 -2.22 43.81
N ALA D 52 15.59 -0.95 43.55
CA ALA D 52 14.56 0.02 43.25
C ALA D 52 14.15 -0.09 41.79
N VAL D 53 12.88 0.15 41.53
CA VAL D 53 12.35 0.14 40.17
C VAL D 53 11.44 1.34 39.95
N ILE D 54 11.31 1.74 38.70
CA ILE D 54 10.44 2.83 38.30
C ILE D 54 9.67 2.41 37.06
N GLY D 55 8.45 2.90 36.92
CA GLY D 55 7.68 2.64 35.71
C GLY D 55 6.26 3.13 35.89
N MET D 56 5.44 2.82 34.91
CA MET D 56 4.02 3.13 34.97
C MET D 56 3.16 1.98 35.45
N GLY D 57 2.19 2.26 36.31
CA GLY D 57 1.30 1.21 36.74
C GLY D 57 0.22 1.71 37.67
N ILE D 58 -0.39 0.76 38.38
CA ILE D 58 -1.39 1.04 39.39
C ILE D 58 -0.99 0.31 40.66
N VAL D 59 -1.41 0.84 41.81
CA VAL D 59 -1.11 0.22 43.09
C VAL D 59 -2.36 -0.51 43.58
N VAL D 60 -2.20 -1.79 43.90
CA VAL D 60 -3.29 -2.63 44.37
C VAL D 60 -2.90 -3.14 45.75
N ASP D 61 -3.54 -2.61 46.79
CA ASP D 61 -3.28 -3.03 48.17
C ASP D 61 -1.79 -3.08 48.48
N GLY D 62 -1.10 -2.00 48.13
CA GLY D 62 0.32 -1.90 48.40
C GLY D 62 1.23 -2.61 47.42
N TYR D 63 0.69 -3.27 46.40
CA TYR D 63 1.52 -3.95 45.41
C TYR D 63 1.57 -3.11 44.14
N PRO D 64 2.75 -2.71 43.66
CA PRO D 64 2.82 -1.93 42.43
C PRO D 64 2.70 -2.86 41.23
N SER D 65 1.59 -2.74 40.50
CA SER D 65 1.33 -3.55 39.31
C SER D 65 1.71 -2.74 38.07
N TYR D 66 2.86 -3.06 37.49
CA TYR D 66 3.46 -2.24 36.44
C TYR D 66 3.02 -2.66 35.04
N PHE D 67 2.80 -1.66 34.18
CA PHE D 67 2.68 -1.88 32.74
C PHE D 67 4.05 -1.97 32.08
N ASP D 68 5.02 -1.25 32.64
CA ASP D 68 6.42 -1.28 32.24
C ASP D 68 7.22 -0.92 33.49
N CYS D 69 8.41 -1.50 33.64
CA CYS D 69 9.13 -1.53 34.91
C CYS D 69 10.62 -1.53 34.57
N PHE D 70 11.43 -0.71 35.25
CA PHE D 70 12.86 -0.57 34.95
C PHE D 70 13.65 -0.52 36.24
N ASN D 71 14.68 -1.35 36.37
CA ASN D 71 15.42 -1.33 37.63
C ASN D 71 16.63 -0.37 37.61
N GLU D 72 17.13 -0.07 38.82
CA GLU D 72 18.26 0.83 38.96
C GLU D 72 19.53 0.31 38.32
N ASP D 73 19.57 -0.97 37.93
CA ASP D 73 20.73 -1.54 37.28
C ASP D 73 20.59 -1.60 35.76
N GLY D 74 19.57 -0.97 35.20
CA GLY D 74 19.47 -0.83 33.75
C GLY D 74 18.72 -1.93 33.02
N LEU D 75 18.02 -2.82 33.71
CA LEU D 75 17.22 -3.86 33.08
C LEU D 75 15.75 -3.49 33.18
N GLY D 76 15.01 -3.64 32.06
CA GLY D 76 13.61 -3.28 32.07
C GLY D 76 12.75 -4.32 31.36
N ILE D 77 11.44 -4.16 31.53
CA ILE D 77 10.45 -5.04 30.91
C ILE D 77 9.18 -4.24 30.65
N ALA D 78 8.52 -4.53 29.53
CA ALA D 78 7.24 -3.89 29.24
C ALA D 78 6.27 -4.98 28.81
N GLY D 79 5.04 -4.93 29.32
CA GLY D 79 4.00 -5.86 28.92
C GLY D 79 3.05 -5.21 27.92
N LEU D 80 2.89 -5.87 26.77
CA LEU D 80 2.11 -5.35 25.65
C LEU D 80 0.99 -6.33 25.33
N ASN D 81 -0.09 -5.84 24.74
CA ASN D 81 -1.23 -6.72 24.47
C ASN D 81 -0.87 -7.79 23.44
N PHE D 82 -1.43 -8.99 23.62
CA PHE D 82 -1.14 -10.15 22.78
C PHE D 82 -2.44 -10.96 22.66
N PRO D 83 -3.50 -10.32 22.17
CA PRO D 83 -4.81 -10.96 22.13
C PRO D 83 -4.85 -12.07 21.08
N HIS D 84 -5.75 -13.03 21.29
CA HIS D 84 -5.91 -14.17 20.39
C HIS D 84 -4.73 -15.12 20.41
N PHE D 85 -3.77 -14.92 21.32
CA PHE D 85 -2.57 -15.74 21.41
C PHE D 85 -2.25 -16.07 22.86
N ALA D 86 -2.13 -15.05 23.70
CA ALA D 86 -1.67 -15.28 25.08
C ALA D 86 -2.53 -16.32 25.78
N LYS D 87 -1.85 -17.30 26.39
CA LYS D 87 -2.55 -18.30 27.19
C LYS D 87 -1.58 -18.79 28.25
N PHE D 88 -1.96 -18.64 29.51
CA PHE D 88 -1.11 -19.03 30.64
C PHE D 88 -1.65 -20.31 31.27
N SER D 89 -0.87 -20.90 32.16
CA SER D 89 -1.20 -22.24 32.63
C SER D 89 -2.40 -22.22 33.55
N ASP D 90 -3.11 -23.34 33.58
CA ASP D 90 -4.20 -23.59 34.50
C ASP D 90 -3.59 -24.02 35.83
N GLY D 91 -3.32 -23.04 36.68
CA GLY D 91 -2.67 -23.31 37.96
C GLY D 91 -1.18 -23.52 37.84
N PRO D 92 -0.50 -23.57 38.99
CA PRO D 92 0.95 -23.76 38.98
C PRO D 92 1.31 -25.19 38.62
N ILE D 93 2.54 -25.36 38.13
CA ILE D 93 3.05 -26.65 37.69
C ILE D 93 4.22 -27.06 38.57
N ASP D 94 4.21 -28.31 39.05
CA ASP D 94 5.27 -28.76 39.95
C ASP D 94 6.61 -28.75 39.25
N GLY D 95 7.64 -28.32 39.99
CA GLY D 95 8.99 -28.31 39.46
C GLY D 95 9.37 -27.08 38.67
N LYS D 96 8.45 -26.14 38.48
CA LYS D 96 8.75 -24.88 37.81
C LYS D 96 8.76 -23.75 38.82
N ILE D 97 9.38 -22.64 38.43
CA ILE D 97 9.20 -21.36 39.11
C ILE D 97 7.89 -20.79 38.59
N ASN D 98 6.84 -20.82 39.41
CA ASN D 98 5.52 -20.43 38.95
C ASN D 98 5.27 -18.97 39.29
N LEU D 99 4.87 -18.20 38.28
CA LEU D 99 4.54 -16.80 38.46
C LEU D 99 3.17 -16.58 37.87
N ALA D 100 2.26 -15.97 38.63
CA ALA D 100 1.09 -15.39 37.99
C ALA D 100 1.60 -14.39 36.96
N SER D 101 0.93 -14.30 35.80
CA SER D 101 1.54 -13.54 34.71
C SER D 101 1.89 -12.11 35.12
N TYR D 102 1.08 -11.48 35.98
CA TYR D 102 1.37 -10.10 36.37
C TYR D 102 2.65 -10.00 37.20
N GLU D 103 3.08 -11.10 37.80
CA GLU D 103 4.28 -11.09 38.64
C GLU D 103 5.57 -11.09 37.85
N ILE D 104 5.53 -11.29 36.52
CA ILE D 104 6.77 -11.31 35.77
C ILE D 104 7.47 -9.97 35.82
N MET D 105 6.71 -8.88 35.94
CA MET D 105 7.32 -7.54 35.89
C MET D 105 8.35 -7.37 36.99
N LEU D 106 7.97 -7.66 38.23
CA LEU D 106 8.88 -7.52 39.35
C LEU D 106 9.80 -8.72 39.50
N TRP D 107 9.40 -9.90 39.04
CA TRP D 107 10.34 -11.02 39.12
C TRP D 107 11.56 -10.76 38.26
N VAL D 108 11.37 -10.26 37.03
CA VAL D 108 12.49 -9.96 36.16
C VAL D 108 13.33 -8.82 36.73
N THR D 109 12.69 -7.70 37.10
CA THR D 109 13.46 -6.53 37.47
C THR D 109 14.06 -6.62 38.87
N GLN D 110 13.50 -7.45 39.75
CA GLN D 110 14.09 -7.55 41.08
C GLN D 110 15.29 -8.48 41.11
N ASN D 111 15.32 -9.49 40.24
CA ASN D 111 16.24 -10.59 40.43
C ASN D 111 17.43 -10.59 39.49
N PHE D 112 17.48 -9.69 38.49
CA PHE D 112 18.51 -9.78 37.46
C PHE D 112 19.02 -8.39 37.10
N THR D 113 20.22 -8.40 36.51
CA THR D 113 20.83 -7.24 35.85
C THR D 113 20.99 -7.46 34.36
N LYS D 114 21.25 -8.69 33.91
CA LYS D 114 21.56 -8.98 32.52
C LYS D 114 20.49 -9.88 31.91
N VAL D 115 20.12 -9.55 30.66
CA VAL D 115 19.17 -10.37 29.92
C VAL D 115 19.68 -11.80 29.77
N SER D 116 21.00 -11.98 29.64
CA SER D 116 21.52 -13.34 29.49
C SER D 116 21.10 -14.21 30.67
N ASP D 117 21.08 -13.64 31.87
CA ASP D 117 20.68 -14.40 33.04
C ASP D 117 19.17 -14.59 33.09
N VAL D 118 18.41 -13.58 32.65
CA VAL D 118 16.96 -13.74 32.56
C VAL D 118 16.62 -14.89 31.63
N LYS D 119 17.25 -14.91 30.45
CA LYS D 119 16.96 -15.93 29.46
C LYS D 119 17.19 -17.32 30.02
N GLU D 120 18.32 -17.51 30.70
CA GLU D 120 18.60 -18.82 31.30
C GLU D 120 17.58 -19.16 32.39
N ALA D 121 17.24 -18.18 33.24
CA ALA D 121 16.27 -18.44 34.31
C ALA D 121 14.89 -18.78 33.76
N LEU D 122 14.51 -18.17 32.63
CA LEU D 122 13.18 -18.42 32.07
C LEU D 122 12.98 -19.87 31.64
N LYS D 123 14.07 -20.61 31.40
CA LYS D 123 13.95 -22.03 31.09
C LYS D 123 13.17 -22.79 32.14
N ASN D 124 13.11 -22.28 33.37
CA ASN D 124 12.42 -22.98 34.45
C ASN D 124 11.20 -22.23 34.95
N VAL D 125 10.70 -21.24 34.21
CA VAL D 125 9.58 -20.42 34.65
C VAL D 125 8.30 -20.91 33.98
N ASN D 126 7.21 -20.93 34.73
CA ASN D 126 5.89 -21.19 34.20
C ASN D 126 4.98 -20.02 34.56
N LEU D 127 4.35 -19.41 33.56
CA LEU D 127 3.41 -18.33 33.81
C LEU D 127 2.01 -18.89 33.99
N VAL D 128 1.34 -18.44 35.06
CA VAL D 128 0.06 -18.97 35.49
C VAL D 128 -1.06 -17.98 35.20
N ASN D 129 -2.23 -18.52 34.82
CA ASN D 129 -3.43 -17.74 34.54
C ASN D 129 -4.13 -17.39 35.85
N GLU D 130 -3.57 -16.41 36.56
CA GLU D 130 -4.18 -15.92 37.78
C GLU D 130 -3.91 -14.42 37.92
N ALA D 131 -4.93 -13.67 38.30
CA ALA D 131 -4.80 -12.23 38.49
C ALA D 131 -4.45 -11.91 39.95
N ILE D 132 -4.15 -10.63 40.20
CA ILE D 132 -3.71 -10.25 41.53
C ILE D 132 -4.80 -10.52 42.56
N ASN D 133 -6.05 -10.22 42.22
CA ASN D 133 -7.19 -10.61 43.03
C ASN D 133 -8.42 -10.69 42.13
N SER D 134 -9.56 -11.08 42.72
CA SER D 134 -10.77 -11.34 41.96
C SER D 134 -11.38 -10.08 41.36
N SER D 135 -10.88 -8.90 41.71
CA SER D 135 -11.37 -7.67 41.10
C SER D 135 -10.81 -7.47 39.70
N PHE D 136 -9.82 -8.26 39.29
CA PHE D 136 -9.14 -8.05 38.02
C PHE D 136 -9.22 -9.31 37.16
N ALA D 137 -9.32 -9.08 35.85
CA ALA D 137 -9.11 -10.13 34.86
C ALA D 137 -7.61 -10.28 34.60
N VAL D 138 -7.23 -11.43 34.01
CA VAL D 138 -5.86 -11.63 33.58
C VAL D 138 -5.67 -10.97 32.22
N ALA D 139 -4.61 -10.16 32.10
CA ALA D 139 -4.39 -9.48 30.82
C ALA D 139 -3.65 -10.42 29.86
N PRO D 140 -4.05 -10.47 28.60
CA PRO D 140 -3.40 -11.37 27.62
C PRO D 140 -2.15 -10.74 27.01
N LEU D 141 -1.04 -10.75 27.75
CA LEU D 141 0.14 -9.98 27.37
C LEU D 141 1.26 -10.86 26.80
N HIS D 142 2.18 -10.19 26.09
CA HIS D 142 3.53 -10.65 25.85
C HIS D 142 4.48 -9.55 26.29
N TRP D 143 5.78 -9.85 26.36
CA TRP D 143 6.73 -8.94 27.00
C TRP D 143 7.97 -8.74 26.16
N ILE D 144 8.51 -7.53 26.23
CA ILE D 144 9.87 -7.23 25.77
C ILE D 144 10.71 -6.91 26.99
N ILE D 145 11.90 -7.52 27.06
CA ILE D 145 12.84 -7.35 28.17
C ILE D 145 14.18 -6.92 27.56
N SER D 146 14.79 -5.86 28.11
CA SER D 146 16.04 -5.39 27.52
C SER D 146 17.00 -4.90 28.57
N ASP D 147 18.29 -5.14 28.32
CA ASP D 147 19.40 -4.41 28.94
C ASP D 147 20.15 -3.67 27.84
N LYS D 148 21.33 -3.13 28.18
CA LYS D 148 22.10 -2.36 27.20
C LYS D 148 22.71 -3.23 26.10
N ASP D 149 22.75 -4.54 26.28
CA ASP D 149 23.38 -5.43 25.31
C ASP D 149 22.39 -6.11 24.37
N GLU D 150 21.18 -6.42 24.83
CA GLU D 150 20.30 -7.21 23.98
C GLU D 150 18.88 -7.12 24.54
N ALA D 151 17.94 -7.52 23.70
CA ALA D 151 16.53 -7.57 24.06
C ALA D 151 15.98 -8.93 23.70
N ILE D 152 15.04 -9.42 24.52
CA ILE D 152 14.33 -10.66 24.24
C ILE D 152 12.84 -10.41 24.30
N ILE D 153 12.10 -11.25 23.57
CA ILE D 153 10.64 -11.30 23.61
C ILE D 153 10.22 -12.58 24.31
N VAL D 154 9.26 -12.45 25.24
CA VAL D 154 8.65 -13.60 25.91
C VAL D 154 7.19 -13.70 25.48
N GLU D 155 6.84 -14.84 24.88
CA GLU D 155 5.47 -15.12 24.46
C GLU D 155 5.07 -16.50 24.96
N VAL D 156 3.89 -16.60 25.55
CA VAL D 156 3.30 -17.89 25.95
C VAL D 156 1.93 -17.95 25.31
N SER D 157 1.74 -18.91 24.41
CA SER D 157 0.54 -18.95 23.60
C SER D 157 -0.05 -20.34 23.59
N LYS D 158 -1.34 -20.40 23.29
CA LYS D 158 -1.96 -21.69 22.99
C LYS D 158 -1.29 -22.32 21.79
N GLN D 159 -0.89 -21.50 20.81
CA GLN D 159 -0.37 -22.04 19.56
C GLN D 159 1.01 -22.67 19.73
N TYR D 160 1.90 -22.03 20.49
CA TYR D 160 3.31 -22.40 20.51
C TYR D 160 3.90 -22.66 21.89
N GLY D 161 3.11 -22.56 22.95
CA GLY D 161 3.69 -22.68 24.27
C GLY D 161 4.56 -21.49 24.58
N MET D 162 5.55 -21.71 25.45
CA MET D 162 6.44 -20.65 25.88
C MET D 162 7.65 -20.52 24.96
N LYS D 163 7.82 -19.32 24.39
CA LYS D 163 8.91 -19.04 23.47
C LYS D 163 9.65 -17.80 23.95
N VAL D 164 10.97 -17.83 23.82
CA VAL D 164 11.83 -16.69 24.12
C VAL D 164 12.68 -16.40 22.88
N PHE D 165 12.56 -15.19 22.34
CA PHE D 165 13.22 -14.83 21.09
C PHE D 165 14.22 -13.71 21.31
N ASP D 166 15.36 -13.79 20.63
CA ASP D 166 16.23 -12.63 20.52
C ASP D 166 15.57 -11.58 19.62
N ASP D 167 15.70 -10.30 20.00
CA ASP D 167 15.06 -9.18 19.29
C ASP D 167 16.09 -8.14 18.87
N LYS D 168 16.82 -8.42 17.78
CA LYS D 168 17.81 -7.48 17.30
C LYS D 168 17.19 -6.22 16.73
N LEU D 169 15.91 -6.27 16.34
CA LEU D 169 15.23 -5.08 15.82
C LEU D 169 14.93 -4.07 16.92
N GLY D 170 14.86 -4.53 18.18
CA GLY D 170 14.59 -3.63 19.28
C GLY D 170 13.16 -3.14 19.38
N VAL D 171 12.21 -3.83 18.74
CA VAL D 171 10.82 -3.41 18.73
C VAL D 171 9.89 -4.59 19.03
N LEU D 172 8.68 -4.24 19.48
CA LEU D 172 7.59 -5.19 19.64
C LEU D 172 6.28 -4.44 19.50
N THR D 173 5.27 -5.11 18.93
CA THR D 173 3.93 -4.53 18.95
C THR D 173 2.96 -5.52 19.58
N ASN D 174 1.94 -5.94 18.82
CA ASN D 174 0.88 -6.82 19.30
C ASN D 174 0.79 -8.04 18.39
N SER D 175 -0.40 -8.65 18.28
CA SER D 175 -0.50 -9.96 17.63
C SER D 175 -0.38 -9.82 16.11
N PRO D 176 0.03 -10.89 15.42
CA PRO D 176 0.31 -12.24 15.93
C PRO D 176 1.70 -12.40 16.57
N ASP D 177 2.20 -13.64 16.60
CA ASP D 177 3.40 -13.98 17.35
C ASP D 177 4.65 -13.37 16.72
N PHE D 178 5.75 -13.37 17.49
CA PHE D 178 6.95 -12.63 17.11
C PHE D 178 7.59 -13.20 15.86
N ASN D 179 7.62 -14.54 15.73
CA ASN D 179 8.20 -15.11 14.53
C ASN D 179 7.40 -14.76 13.29
N TRP D 180 6.08 -14.64 13.41
CA TRP D 180 5.27 -14.20 12.28
C TRP D 180 5.72 -12.83 11.81
N HIS D 181 5.94 -11.90 12.74
CA HIS D 181 6.37 -10.55 12.38
C HIS D 181 7.77 -10.55 11.77
N LEU D 182 8.71 -11.29 12.36
CA LEU D 182 10.05 -11.37 11.79
C LEU D 182 9.97 -11.87 10.35
N THR D 183 9.16 -12.90 10.11
CA THR D 183 9.00 -13.43 8.77
C THR D 183 8.39 -12.39 7.84
N ASN D 184 7.44 -11.60 8.35
CA ASN D 184 6.80 -10.57 7.53
C ASN D 184 7.80 -9.54 7.02
N LEU D 185 8.87 -9.25 7.77
CA LEU D 185 9.82 -8.21 7.33
C LEU D 185 10.41 -8.52 5.96
N GLY D 186 10.64 -9.81 5.66
CA GLY D 186 11.17 -10.15 4.35
C GLY D 186 10.33 -9.66 3.19
N ASN D 187 9.04 -9.42 3.43
CA ASN D 187 8.17 -8.89 2.39
C ASN D 187 8.31 -7.39 2.18
N TYR D 188 9.13 -6.72 3.01
CA TYR D 188 9.31 -5.26 2.94
C TYR D 188 10.74 -4.90 2.60
N THR D 189 11.51 -5.85 2.06
CA THR D 189 12.89 -5.59 1.67
C THR D 189 12.99 -4.58 0.54
N GLY D 190 11.90 -4.33 -0.18
CA GLY D 190 11.90 -3.29 -1.19
C GLY D 190 11.99 -1.88 -0.63
N LEU D 191 11.77 -1.72 0.68
CA LEU D 191 11.94 -0.41 1.30
C LEU D 191 13.40 0.04 1.25
N ASP D 192 13.62 1.32 0.94
CA ASP D 192 14.95 1.89 0.84
C ASP D 192 14.90 3.33 1.31
N PRO D 193 15.70 3.73 2.31
CA PRO D 193 15.73 5.16 2.67
C PRO D 193 16.14 6.06 1.53
N HIS D 194 16.93 5.56 0.58
CA HIS D 194 17.40 6.43 -0.51
C HIS D 194 16.27 6.81 -1.47
N ASP D 195 16.19 8.11 -1.76
CA ASP D 195 15.19 8.59 -2.71
C ASP D 195 15.42 7.99 -4.08
N ALA D 196 14.31 7.74 -4.79
CA ALA D 196 14.39 7.49 -6.21
C ALA D 196 14.83 8.75 -6.93
N THR D 197 15.16 8.61 -8.20
CA THR D 197 15.52 9.74 -9.04
C THR D 197 14.72 9.68 -10.32
N ALA D 198 14.87 10.72 -11.14
CA ALA D 198 14.07 10.86 -12.35
C ALA D 198 14.26 9.66 -13.25
N GLN D 199 13.18 9.25 -13.91
CA GLN D 199 13.15 8.06 -14.74
C GLN D 199 12.52 8.40 -16.08
N SER D 200 12.71 7.49 -17.04
CA SER D 200 12.14 7.64 -18.37
C SER D 200 11.21 6.44 -18.59
N TRP D 201 9.91 6.70 -18.58
CA TRP D 201 8.92 5.66 -18.84
C TRP D 201 8.55 5.81 -20.31
N ASN D 202 9.24 5.04 -21.16
CA ASN D 202 9.09 5.17 -22.61
C ASN D 202 9.17 6.61 -23.07
N GLY D 203 10.12 7.36 -22.51
CA GLY D 203 10.33 8.74 -22.91
C GLY D 203 9.55 9.77 -22.12
N GLN D 204 8.53 9.37 -21.37
CA GLN D 204 7.87 10.28 -20.45
C GLN D 204 8.76 10.46 -19.24
N LYS D 205 9.16 11.69 -18.95
CA LYS D 205 9.99 11.96 -17.77
C LYS D 205 9.11 11.83 -16.54
N VAL D 206 9.37 10.81 -15.72
CA VAL D 206 8.64 10.58 -14.48
C VAL D 206 9.63 10.82 -13.35
N ALA D 207 9.38 11.83 -12.53
CA ALA D 207 10.34 12.24 -11.51
C ALA D 207 9.65 12.49 -10.19
N PRO D 208 10.35 12.25 -9.08
CA PRO D 208 9.77 12.53 -7.76
C PRO D 208 9.34 13.98 -7.64
N TRP D 209 8.25 14.20 -6.90
CA TRP D 209 7.84 15.56 -6.56
C TRP D 209 8.48 16.06 -5.27
N GLY D 210 8.95 15.16 -4.43
CA GLY D 210 9.60 15.52 -3.18
C GLY D 210 10.36 14.31 -2.69
N VAL D 211 10.99 14.46 -1.51
CA VAL D 211 11.77 13.37 -0.95
C VAL D 211 10.85 12.34 -0.33
N GLY D 212 11.40 11.13 -0.11
CA GLY D 212 10.70 10.04 0.54
C GLY D 212 10.33 8.88 -0.36
N THR D 213 10.66 8.96 -1.65
CA THR D 213 10.11 8.00 -2.62
C THR D 213 10.61 6.58 -2.41
N GLY D 214 11.76 6.38 -1.77
CA GLY D 214 12.30 5.04 -1.59
C GLY D 214 11.49 4.18 -0.65
N SER D 215 10.69 4.79 0.23
CA SER D 215 9.89 4.04 1.19
C SER D 215 8.46 3.83 0.73
N LEU D 216 8.20 3.94 -0.57
CA LEU D 216 6.92 3.53 -1.13
C LEU D 216 6.50 2.18 -0.55
N GLY D 217 5.25 2.12 -0.08
CA GLY D 217 4.74 0.88 0.49
C GLY D 217 4.90 0.75 1.99
N LEU D 218 5.53 1.70 2.64
CA LEU D 218 5.63 1.64 4.11
C LEU D 218 4.24 1.93 4.66
N PRO D 219 3.64 1.03 5.44
CA PRO D 219 2.27 1.26 5.91
C PRO D 219 2.20 2.27 7.05
N GLY D 220 1.13 3.07 7.05
CA GLY D 220 0.97 4.09 8.07
C GLY D 220 -0.22 3.90 8.98
N ASP D 221 -0.98 2.82 8.80
CA ASP D 221 -2.09 2.48 9.69
C ASP D 221 -1.60 1.83 10.98
N SER D 222 -2.54 1.52 11.87
CA SER D 222 -2.20 1.05 13.21
C SER D 222 -2.33 -0.46 13.39
N ILE D 223 -2.64 -1.22 12.33
CA ILE D 223 -2.65 -2.69 12.45
C ILE D 223 -1.32 -3.13 13.06
N PRO D 224 -1.30 -4.07 14.03
CA PRO D 224 -0.02 -4.37 14.70
C PRO D 224 1.11 -4.76 13.76
N ALA D 225 0.83 -5.55 12.72
CA ALA D 225 1.88 -5.95 11.79
C ALA D 225 2.47 -4.76 11.07
N ASP D 226 1.64 -3.77 10.78
CA ASP D 226 2.12 -2.60 10.06
C ASP D 226 2.97 -1.69 10.94
N ARG D 227 2.53 -1.46 12.19
CA ARG D 227 3.37 -0.71 13.10
C ARG D 227 4.67 -1.44 13.39
N PHE D 228 4.66 -2.77 13.39
CA PHE D 228 5.90 -3.50 13.62
C PHE D 228 6.89 -3.25 12.50
N VAL D 229 6.43 -3.36 11.24
CA VAL D 229 7.29 -3.06 10.10
C VAL D 229 7.85 -1.64 10.21
N LYS D 230 6.97 -0.66 10.42
CA LYS D 230 7.44 0.73 10.45
C LYS D 230 8.38 0.98 11.62
N ALA D 231 8.03 0.48 12.82
CA ALA D 231 8.91 0.71 13.97
C ALA D 231 10.27 0.08 13.76
N ALA D 232 10.31 -1.15 13.25
CA ALA D 232 11.58 -1.81 12.99
C ALA D 232 12.39 -1.03 11.96
N TYR D 233 11.75 -0.63 10.86
CA TYR D 233 12.44 0.11 9.81
C TYR D 233 13.01 1.42 10.35
N LEU D 234 12.23 2.15 11.14
CA LEU D 234 12.71 3.41 11.69
C LEU D 234 13.87 3.18 12.65
N ASN D 235 13.75 2.20 13.55
CA ASN D 235 14.78 2.00 14.56
C ASN D 235 16.10 1.60 13.93
N VAL D 236 16.08 0.64 12.99
CA VAL D 236 17.35 0.17 12.45
C VAL D 236 18.02 1.21 11.57
N ASN D 237 17.26 2.16 11.01
CA ASN D 237 17.84 3.17 10.14
C ASN D 237 18.10 4.50 10.82
N TYR D 238 17.62 4.71 12.04
CA TYR D 238 17.90 5.95 12.75
C TYR D 238 19.36 5.93 13.19
N PRO D 239 20.15 6.97 12.87
CA PRO D 239 21.56 6.95 13.27
C PRO D 239 21.70 6.92 14.79
N THR D 240 22.85 6.43 15.23
CA THR D 240 23.20 6.60 16.63
C THR D 240 23.46 8.08 16.89
N VAL D 241 22.96 8.57 18.02
CA VAL D 241 23.08 9.97 18.39
C VAL D 241 23.72 10.09 19.77
N LYS D 242 24.22 11.29 20.07
CA LYS D 242 25.09 11.50 21.23
C LYS D 242 24.39 12.33 22.29
N GLY D 243 24.44 11.84 23.53
CA GLY D 243 24.00 12.61 24.68
C GLY D 243 22.55 12.35 25.06
N GLU D 244 22.23 12.67 26.31
CA GLU D 244 20.93 12.32 26.88
C GLU D 244 19.78 12.99 26.14
N LYS D 245 19.84 14.31 25.96
CA LYS D 245 18.74 15.00 25.30
C LYS D 245 18.48 14.43 23.90
N ALA D 246 19.54 14.20 23.13
CA ALA D 246 19.36 13.77 21.74
C ALA D 246 18.80 12.35 21.67
N ASN D 247 19.20 11.48 22.59
CA ASN D 247 18.71 10.10 22.57
C ASN D 247 17.27 10.02 23.05
N VAL D 248 16.91 10.78 24.08
CA VAL D 248 15.52 10.82 24.50
C VAL D 248 14.65 11.37 23.38
N ALA D 249 15.14 12.41 22.68
CA ALA D 249 14.38 12.96 21.57
C ALA D 249 14.23 11.94 20.44
N LYS D 250 15.32 11.29 20.04
CA LYS D 250 15.26 10.20 19.07
C LYS D 250 14.19 9.19 19.46
N PHE D 251 14.19 8.80 20.74
CA PHE D 251 13.24 7.80 21.21
C PHE D 251 11.80 8.24 20.97
N PHE D 252 11.46 9.45 21.44
CA PHE D 252 10.11 9.96 21.25
C PHE D 252 9.79 10.22 19.77
N ASN D 253 10.80 10.61 18.98
CA ASN D 253 10.55 10.81 17.55
C ASN D 253 10.04 9.53 16.92
N ILE D 254 10.67 8.39 17.25
CA ILE D 254 10.27 7.12 16.67
C ILE D 254 8.90 6.70 17.20
N LEU D 255 8.71 6.72 18.53
CA LEU D 255 7.44 6.20 19.04
C LEU D 255 6.26 7.11 18.70
N LYS D 256 6.47 8.43 18.62
CA LYS D 256 5.36 9.28 18.22
C LYS D 256 5.02 9.11 16.75
N SER D 257 5.99 8.70 15.93
CA SER D 257 5.73 8.41 14.52
C SER D 257 4.74 7.25 14.36
N VAL D 258 4.86 6.23 15.23
CA VAL D 258 3.99 5.05 15.16
C VAL D 258 2.88 5.08 16.21
N ALA D 259 2.62 6.22 16.83
CA ALA D 259 1.52 6.34 17.77
C ALA D 259 0.18 6.08 17.11
N MET D 260 -0.78 5.64 17.90
CA MET D 260 -2.14 5.40 17.43
C MET D 260 -2.92 6.67 17.74
N ILE D 261 -3.35 7.37 16.70
CA ILE D 261 -3.80 8.75 16.85
C ILE D 261 -5.31 8.78 17.13
N LYS D 262 -5.70 9.54 18.14
CA LYS D 262 -7.08 9.52 18.61
C LYS D 262 -8.04 9.94 17.50
N GLY D 263 -9.10 9.16 17.32
CA GLY D 263 -10.08 9.37 16.27
C GLY D 263 -9.83 8.53 15.03
N SER D 264 -8.61 8.03 14.84
CA SER D 264 -8.29 7.27 13.64
C SER D 264 -8.57 5.78 13.79
N VAL D 265 -8.81 5.29 15.01
CA VAL D 265 -9.11 3.87 15.25
C VAL D 265 -10.32 3.81 16.19
N VAL D 266 -11.40 3.18 15.74
CA VAL D 266 -12.56 2.92 16.58
C VAL D 266 -12.76 1.41 16.65
N ASN D 267 -12.69 0.86 17.85
CA ASN D 267 -12.75 -0.59 17.97
C ASN D 267 -14.19 -1.10 17.75
N LYS D 268 -14.33 -2.42 17.71
CA LYS D 268 -15.63 -3.02 17.42
C LYS D 268 -16.64 -2.78 18.51
N LEU D 269 -16.21 -2.36 19.70
CA LEU D 269 -17.11 -1.98 20.76
C LEU D 269 -17.43 -0.49 20.78
N GLY D 270 -16.93 0.27 19.80
CA GLY D 270 -17.30 1.66 19.64
C GLY D 270 -16.37 2.67 20.29
N SER D 271 -15.29 2.24 20.91
CA SER D 271 -14.41 3.15 21.63
C SER D 271 -13.17 3.51 20.80
N ASP D 272 -12.71 4.75 20.95
CA ASP D 272 -11.47 5.18 20.32
C ASP D 272 -10.31 4.44 21.00
N GLU D 273 -9.41 3.90 20.19
CA GLU D 273 -8.15 3.35 20.67
C GLU D 273 -7.01 4.30 20.27
N TYR D 274 -6.13 4.60 21.22
CA TYR D 274 -5.11 5.58 20.92
C TYR D 274 -3.97 5.48 21.91
N THR D 275 -2.85 6.10 21.55
CA THR D 275 -1.68 6.13 22.43
C THR D 275 -1.95 7.10 23.58
N VAL D 276 -2.22 6.52 24.76
CA VAL D 276 -2.52 7.34 25.94
C VAL D 276 -1.28 7.92 26.56
N TYR D 277 -0.15 7.21 26.51
CA TYR D 277 1.11 7.78 26.96
C TYR D 277 2.26 7.16 26.19
N THR D 278 3.37 7.89 26.14
CA THR D 278 4.65 7.41 25.63
C THR D 278 5.69 7.60 26.72
N ALA D 279 6.52 6.58 26.95
CA ALA D 279 7.48 6.65 28.05
C ALA D 279 8.84 6.11 27.62
N CYS D 280 9.90 6.72 28.17
CA CYS D 280 11.27 6.31 27.89
C CYS D 280 12.03 6.26 29.19
N TYR D 281 12.69 5.14 29.47
CA TYR D 281 13.62 5.05 30.58
C TYR D 281 15.03 5.19 30.05
N SER D 282 15.80 6.12 30.61
CA SER D 282 17.22 6.24 30.32
C SER D 282 17.99 5.57 31.45
N ALA D 283 18.68 4.47 31.13
CA ALA D 283 19.46 3.77 32.16
C ALA D 283 20.56 4.66 32.73
N ALA D 284 21.21 5.47 31.87
CA ALA D 284 22.36 6.27 32.30
C ALA D 284 21.98 7.25 33.40
N THR D 285 20.81 7.87 33.31
CA THR D 285 20.36 8.85 34.28
C THR D 285 19.31 8.30 35.24
N LYS D 286 18.99 7.01 35.14
CA LYS D 286 17.90 6.40 35.92
C LYS D 286 16.65 7.27 35.91
N THR D 287 16.33 7.85 34.75
CA THR D 287 15.22 8.78 34.61
C THR D 287 14.15 8.19 33.69
N TYR D 288 12.91 8.25 34.15
CA TYR D 288 11.74 7.85 33.38
C TYR D 288 11.09 9.14 32.86
N TYR D 289 10.99 9.25 31.53
CA TYR D 289 10.37 10.38 30.87
C TYR D 289 9.04 9.93 30.28
N CYS D 290 8.01 10.77 30.39
CA CYS D 290 6.74 10.41 29.76
C CYS D 290 5.96 11.65 29.37
N ASN D 291 5.07 11.46 28.40
CA ASN D 291 4.02 12.43 28.12
C ASN D 291 2.73 11.68 27.79
N PHE D 292 1.65 12.42 27.62
CA PHE D 292 0.31 11.86 27.52
C PHE D 292 -0.45 12.48 26.35
N GLU D 293 -1.49 11.76 25.91
CA GLU D 293 -2.26 12.21 24.75
C GLU D 293 -2.82 13.62 24.95
N ASN D 294 -3.13 13.98 26.19
CA ASN D 294 -3.72 15.29 26.48
C ASN D 294 -2.77 16.24 27.19
N ASP D 295 -1.47 15.91 27.27
CA ASP D 295 -0.50 16.81 27.89
C ASP D 295 0.88 16.41 27.35
N PHE D 296 1.40 17.22 26.44
CA PHE D 296 2.59 16.84 25.69
C PHE D 296 3.88 17.15 26.43
N GLU D 297 3.84 17.91 27.52
CA GLU D 297 5.04 18.26 28.28
C GLU D 297 5.74 16.97 28.72
N LEU D 298 7.06 16.91 28.52
CA LEU D 298 7.84 15.75 28.94
C LEU D 298 8.03 15.85 30.45
N LYS D 299 7.45 14.92 31.19
CA LYS D 299 7.61 14.85 32.63
C LYS D 299 8.73 13.87 32.95
N THR D 300 9.44 14.12 34.05
CA THR D 300 10.60 13.31 34.41
C THR D 300 10.52 12.89 35.87
N TYR D 301 10.90 11.63 36.11
CA TYR D 301 10.91 11.03 37.43
C TYR D 301 12.18 10.20 37.54
N LYS D 302 12.78 10.16 38.74
CA LYS D 302 14.15 9.68 38.83
C LYS D 302 14.35 8.75 40.01
N LEU D 303 15.11 7.67 39.78
CA LEU D 303 15.64 6.84 40.86
C LEU D 303 16.92 7.51 41.37
N ASP D 304 16.90 7.98 42.62
CA ASP D 304 18.03 8.68 43.22
C ASP D 304 18.15 8.26 44.67
N ASP D 305 19.12 8.82 45.38
CA ASP D 305 19.36 8.37 46.75
C ASP D 305 18.15 8.58 47.65
N GLU D 306 17.31 9.57 47.34
CA GLU D 306 16.08 9.75 48.10
C GLU D 306 15.04 8.69 47.73
N THR D 307 14.71 8.58 46.45
CA THR D 307 13.57 7.76 46.06
C THR D 307 13.86 6.27 46.17
N MET D 308 15.11 5.86 45.93
CA MET D 308 15.46 4.45 45.96
C MET D 308 15.44 3.89 47.37
N ASN D 309 15.55 4.77 48.37
CA ASN D 309 15.67 4.37 49.77
C ASN D 309 14.46 4.76 50.60
N ALA D 310 13.34 5.12 49.97
CA ALA D 310 12.13 5.48 50.68
C ALA D 310 11.54 4.27 51.40
N ASP D 311 10.66 4.54 52.36
CA ASP D 311 10.03 3.48 53.14
C ASP D 311 8.66 3.07 52.62
N LYS D 312 8.18 3.71 51.56
CA LYS D 312 6.90 3.37 50.97
C LYS D 312 7.00 3.59 49.48
N LEU D 313 5.98 3.12 48.75
CA LEU D 313 5.91 3.43 47.33
C LEU D 313 5.79 4.93 47.17
N ILE D 314 6.41 5.46 46.12
CA ILE D 314 6.24 6.85 45.73
C ILE D 314 5.40 6.85 44.45
N THR D 315 4.27 7.56 44.48
CA THR D 315 3.36 7.61 43.34
C THR D 315 3.22 9.05 42.85
N TYR D 316 3.14 9.21 41.53
CA TYR D 316 2.99 10.53 40.95
C TYR D 316 1.69 10.65 40.17
C1 TAU E . 9.65 -17.88 -8.90
C2 TAU E . 8.72 -18.26 -7.75
N1 TAU E . 8.90 -17.11 -9.85
S TAU E . 9.49 -17.81 -6.17
O1 TAU E . 10.99 -17.83 -6.29
O2 TAU E . 9.02 -18.73 -5.08
O3 TAU E . 9.02 -16.45 -5.73
C1 JN3 F . 9.58 -27.94 -11.96
C2 JN3 F . 8.79 -28.62 -10.85
C3 JN3 F . 7.42 -27.97 -10.71
O3 JN3 F . 6.58 -28.63 -9.78
C4 JN3 F . 7.62 -26.54 -10.25
C5 JN3 F . 8.55 -25.71 -11.17
C6 JN3 F . 8.86 -24.30 -10.59
C7 JN3 F . 10.03 -24.22 -9.61
O7 JN3 F . 9.65 -24.82 -8.37
C8 JN3 F . 11.31 -24.88 -10.15
C9 JN3 F . 10.99 -26.33 -10.57
C10 JN3 F . 9.85 -26.44 -11.66
C11 JN3 F . 12.26 -27.13 -10.98
C12 JN3 F . 13.38 -27.07 -9.95
C13 JN3 F . 13.75 -25.60 -9.67
C14 JN3 F . 12.46 -24.93 -9.15
C15 JN3 F . 12.94 -23.58 -8.61
C16 JN3 F . 14.32 -23.89 -8.04
C17 JN3 F . 14.61 -25.37 -8.41
C18 JN3 F . 14.36 -24.94 -10.92
C19 JN3 F . 10.32 -25.80 -12.98
C20 JN3 F . 16.09 -25.70 -8.44
C21 JN3 F . 16.42 -26.90 -9.32
C22 JN3 F . 16.46 -26.02 -6.96
C23 JN3 F . 17.39 -25.02 -6.30
O25 JN3 F . 17.00 -25.94 -4.02
C24 JN3 F . 17.37 -25.04 -4.79
O26 JN3 F . 17.87 -23.86 -4.35
H11 JN3 F . 10.41 -28.41 -12.09
H12 JN3 F . 9.10 -28.04 -12.80
H21 JN3 F . 8.70 -29.57 -11.03
H22 JN3 F . 9.27 -28.56 -10.01
H3 JN3 F . 6.94 -28.04 -11.56
HO3 JN3 F . 5.79 -28.49 -10.04
H41 JN3 F . 7.97 -26.57 -9.35
H42 JN3 F . 6.74 -26.13 -10.17
H5 JN3 F . 8.00 -25.57 -11.96
H61 JN3 F . 9.03 -23.69 -11.31
H62 JN3 F . 8.06 -23.96 -10.13
H7 JN3 F . 10.23 -23.29 -9.43
HO7 JN3 F . 10.19 -24.53 -7.77
H8 JN3 F . 11.61 -24.34 -10.91
H9 JN3 F . 10.66 -26.75 -9.76
H111 JN3 F . 12.60 -26.81 -11.82
H112 JN3 F . 12.03 -28.06 -11.12
H121 JN3 F . 13.11 -27.51 -9.13
H122 JN3 F . 14.15 -27.56 -10.27
H14 JN3 F . 12.17 -25.49 -8.41
H151 JN3 F . 12.34 -23.24 -7.92
H152 JN3 F . 12.99 -22.91 -9.31
H161 JN3 F . 14.98 -23.28 -8.42
H162 JN3 F . 14.32 -23.74 -7.08
H17 JN3 F . 14.25 -25.94 -7.71
H181 JN3 F . 13.70 -24.38 -11.37
H182 JN3 F . 15.11 -24.38 -10.68
H183 JN3 F . 14.66 -25.61 -11.55
H191 JN3 F . 9.61 -25.82 -13.64
H192 JN3 F . 10.59 -24.87 -12.84
H193 JN3 F . 11.08 -26.28 -13.34
H20 JN3 F . 16.58 -24.96 -8.82
H211 JN3 F . 15.93 -27.69 -9.05
H212 JN3 F . 16.19 -26.72 -10.25
H213 JN3 F . 17.36 -27.11 -9.29
H221 JN3 F . 15.65 -26.06 -6.44
H222 JN3 F . 16.86 -26.90 -6.92
H231 JN3 F . 18.30 -25.21 -6.58
H232 JN3 F . 17.15 -24.12 -6.59
C1 JN3 G . 11.70 -34.02 -12.74
C2 JN3 G . 12.73 -35.09 -12.44
C3 JN3 G . 13.04 -35.07 -10.96
O3 JN3 G . 13.98 -36.07 -10.63
C4 JN3 G . 13.64 -33.73 -10.57
C5 JN3 G . 12.65 -32.58 -10.82
C6 JN3 G . 13.26 -31.23 -10.38
C7 JN3 G . 14.26 -30.65 -11.36
O7 JN3 G . 15.48 -31.39 -11.30
C8 JN3 G . 13.71 -30.62 -12.80
C9 JN3 G . 13.22 -32.01 -13.25
C10 JN3 G . 12.12 -32.58 -12.29
C11 JN3 G . 12.80 -31.96 -14.74
C12 JN3 G . 13.83 -31.30 -15.69
C13 JN3 G . 14.16 -29.88 -15.22
C14 JN3 G . 14.72 -30.05 -13.79
C15 JN3 G . 15.34 -28.70 -13.44
C16 JN3 G . 15.84 -28.17 -14.79
C17 JN3 G . 15.41 -29.22 -15.85
C18 JN3 G . 12.91 -28.98 -15.33
C19 JN3 G . 10.81 -31.74 -12.33
C20 JN3 G . 15.22 -28.60 -17.23
C21 JN3 G . 14.71 -29.67 -18.20
C22 JN3 G . 16.53 -27.94 -17.71
C23 JN3 G . 16.28 -27.00 -18.89
O25 JN3 G . 18.24 -27.08 -20.34
C24 JN3 G . 17.57 -26.49 -19.49
O26 JN3 G . 17.93 -25.29 -18.98
H11 JN3 G . 11.51 -34.02 -13.70
H12 JN3 G . 10.86 -34.27 -12.33
H21 JN3 G . 12.40 -35.96 -12.70
H22 JN3 G . 13.53 -34.95 -12.95
H3 JN3 G . 12.23 -35.27 -10.45
HO3 JN3 G . 13.77 -36.32 -9.83
H41 JN3 G . 14.47 -33.61 -11.06
H42 JN3 G . 13.91 -33.78 -9.64
H5 JN3 G . 11.89 -32.70 -10.24
H61 JN3 G . 12.55 -30.59 -10.23
H62 JN3 G . 13.70 -31.35 -9.52
H7 JN3 G . 14.49 -29.74 -11.10
HO7 JN3 G . 16.06 -30.86 -10.97
H8 JN3 G . 12.94 -30.02 -12.79
H9 JN3 G . 13.97 -32.63 -13.20
H111 JN3 G . 11.96 -31.49 -14.83
H112 JN3 G . 12.63 -32.86 -15.06
H121 JN3 G . 14.62 -31.86 -15.72
H122 JN3 G . 13.47 -31.29 -16.59
H14 JN3 G . 15.45 -30.69 -13.88
H151 JN3 G . 16.06 -28.79 -12.80
H152 JN3 G . 14.68 -28.10 -13.06
H161 JN3 G . 15.45 -27.30 -14.96
H162 JN3 G . 16.80 -28.06 -14.76
H17 JN3 G . 16.12 -29.88 -15.94
H181 JN3 G . 12.21 -29.29 -14.73
H182 JN3 G . 13.12 -28.07 -15.10
H183 JN3 G . 12.56 -29.00 -16.23
H191 JN3 G . 10.20 -32.03 -11.64
H192 JN3 G . 11.02 -30.80 -12.20
H193 JN3 G . 10.38 -31.83 -13.19
H20 JN3 G . 14.55 -27.90 -17.18
H211 JN3 G . 15.07 -30.54 -17.99
H212 JN3 G . 13.74 -29.73 -18.16
H213 JN3 G . 14.95 -29.46 -19.11
H221 JN3 G . 16.93 -27.44 -16.98
H222 JN3 G . 17.17 -28.62 -17.96
H231 JN3 G . 15.80 -27.48 -19.58
H232 JN3 G . 15.77 -26.23 -18.60
C1 TAU H . -14.71 2.11 -15.35
C2 TAU H . -16.01 2.52 -14.65
N1 TAU H . -15.03 1.40 -16.57
S TAU H . -15.68 3.99 -13.66
O1 TAU H . -14.71 3.71 -12.55
O2 TAU H . -16.92 4.38 -12.89
O3 TAU H . -15.20 5.14 -14.51
C1 TAU I . 9.82 19.00 2.19
C2 TAU I . 11.06 18.57 1.42
N1 TAU I . 10.22 19.72 3.39
S TAU I . 10.56 18.26 -0.30
O1 TAU I . 9.53 19.26 -0.75
O2 TAU I . 9.84 16.96 -0.38
O3 TAU I . 11.76 18.26 -1.21
C1 TAU J . -2.89 -2.60 21.23
C2 TAU J . -4.37 -2.90 21.13
N1 TAU J . -2.58 -1.96 22.50
S TAU J . -4.60 -4.42 20.16
O1 TAU J . -4.46 -4.11 18.70
O2 TAU J . -6.04 -4.88 20.24
O3 TAU J . -3.64 -5.49 20.64
C1 JN3 K . -5.49 -4.86 34.79
C2 JN3 K . -5.48 -6.37 34.72
C3 JN3 K . -4.50 -6.93 35.73
O3 JN3 K . -4.49 -8.35 35.64
C4 JN3 K . -3.09 -6.43 35.44
C5 JN3 K . -3.00 -4.89 35.45
C6 JN3 K . -1.56 -4.43 35.12
C7 JN3 K . -1.20 -4.53 33.63
O7 JN3 K . -0.98 -5.90 33.34
C8 JN3 K . -2.26 -3.91 32.71
C9 JN3 K . -3.69 -4.45 33.02
C10 JN3 K . -4.08 -4.24 34.53
C11 JN3 K . -4.71 -3.87 32.01
C12 JN3 K . -4.34 -4.00 30.53
C13 JN3 K . -2.95 -3.40 30.25
C14 JN3 K . -1.98 -4.13 31.21
C15 JN3 K . -0.60 -3.73 30.72
C16 JN3 K . -0.82 -3.65 29.20
C17 JN3 K . -2.34 -3.84 28.90
C18 JN3 K . -2.99 -1.87 30.49
C19 JN3 K . -4.24 -2.73 34.86
C20 JN3 K . -2.69 -3.28 27.51
C21 JN3 K . -2.58 -1.77 27.47
C22 JN3 K . -4.04 -3.93 27.11
C23 JN3 K . -5.16 -2.96 26.73
O25 JN3 K . -6.43 -2.79 24.64
C24 JN3 K . -5.35 -2.83 25.23
O26 JN3 K . -4.16 -2.74 24.59
H11 JN3 K . -6.13 -4.51 34.15
H12 JN3 K . -5.82 -4.58 35.66
H21 JN3 K . -6.37 -6.72 34.88
H22 JN3 K . -5.25 -6.67 33.83
H3 JN3 K . -4.76 -6.69 36.63
HO3 JN3 K . -5.11 -8.64 36.14
H41 JN3 K . -2.80 -6.81 34.60
H42 JN3 K . -2.49 -6.82 36.11
H5 JN3 K . -3.16 -4.59 36.35
H61 JN3 K . -1.45 -3.50 35.41
H62 JN3 K . -0.94 -4.95 35.63
H7 JN3 K . -0.37 -4.05 33.46
HO7 JN3 K . -0.13 -6.00 33.26
H8 JN3 K . -2.22 -2.96 32.87
H9 JN3 K . -3.68 -5.40 32.87
H111 JN3 K . -4.85 -2.93 32.21
H112 JN3 K . -5.57 -4.30 32.15
H121 JN3 K . -4.37 -4.94 30.28
H122 JN3 K . -5.02 -3.57 29.99
H14 JN3 K . -2.12 -5.07 31.02
H151 JN3 K . 0.07 -4.39 30.95
H152 JN3 K . -0.31 -2.89 31.08
H161 JN3 K . -0.49 -2.80 28.89
H162 JN3 K . -0.27 -4.34 28.77
H17 JN3 K . -2.63 -4.77 28.80
H181 JN3 K . -3.09 -1.67 31.44
H182 JN3 K . -2.18 -1.45 30.17
H183 JN3 K . -3.74 -1.47 30.02
H191 JN3 K . -4.22 -2.59 35.83
H192 JN3 K . -3.53 -2.21 34.45
H193 JN3 K . -5.09 -2.39 34.53
H20 JN3 K . -2.04 -3.52 26.83
H211 JN3 K . -3.07 -1.37 28.21
H212 JN3 K . -1.66 -1.48 27.53
H213 JN3 K . -2.95 -1.41 26.65
H221 JN3 K . -3.88 -4.52 26.36
H222 JN3 K . -4.34 -4.49 27.84
H231 JN3 K . -5.99 -3.28 27.12
H232 JN3 K . -4.95 -2.09 27.09
#